data_5OKD
#
_entry.id   5OKD
#
_cell.length_a   209.871
_cell.length_b   209.871
_cell.length_c   342.097
_cell.angle_alpha   90.00
_cell.angle_beta   90.00
_cell.angle_gamma   120.00
#
_symmetry.space_group_name_H-M   'P 65 2 2'
#
loop_
_entity.id
_entity.type
_entity.pdbx_description
1 polymer 'Cytochrome b-c1 complex subunit 1, mitochondrial'
2 polymer 'Cytochrome b-c1 complex subunit 2, mitochondrial'
3 polymer 'Cytochrome b'
4 polymer 'Cytochrome c1, heme protein, mitochondrial'
5 polymer 'Cytochrome b-c1 complex subunit Rieske, mitochondrial'
6 polymer 'Cytochrome b-c1 complex subunit 7'
7 polymer 'Cytochrome b-c1 complex subunit 8'
8 polymer 'Cytochrome b-c1 complex subunit 6, mitochondrial'
9 polymer 'Cytochrome b-c1 complex subunit Rieske, mitochondrial'
10 polymer 'Cytochrome b-c1 complex subunit 9'
11 non-polymer 'TETRAETHYLENE GLYCOL'
12 non-polymer 1,2-DIHEXANOYL-SN-GLYCERO-3-PHOSPHOETHANOLAMINE
13 non-polymer CARDIOLIPIN
14 non-polymer 'PROTOPORPHYRIN IX CONTAINING FE'
15 non-polymer 7-methoxy-3-methyl-2-[5-[4-(trifluoromethyloxy)phenyl]pyridin-3-yl]-1~{H}-quinolin-4-one
16 non-polymer DODECYL-BETA-D-MALTOSIDE
17 non-polymer 1,2-dioleoyl-sn-glycero-3-phosphoethanolamine
18 non-polymer 'HEME C'
19 non-polymer 'PHOSPHATE ION'
20 non-polymer 'FE2/S2 (INORGANIC) CLUSTER'
21 non-polymer 1,2-DIMYRISTOYL-SN-GLYCERO-3-PHOSPHOCHOLINE
22 water water
#
loop_
_entity_poly.entity_id
_entity_poly.type
_entity_poly.pdbx_seq_one_letter_code
_entity_poly.pdbx_strand_id
1 'polypeptide(L)'
;MAASAVCRAAGAGTRVLLRTRRSPALLRSSDLRGTATYAQALQSVPETQVSQLDNGLRVASEQSSQPTCTVGVWIDAGSR
YESEKNNGAGYFVEHLAFKGTKNRPGNALEKEVESMGAHLNAYSTREHTAYYIKALSKDLPKAVELLADIVQNCSLEDSQ
IEKERDVILQELQENDTSMRDVVFNYLHATAFQGTPLAQSVEGPSENVRKLSRADLTEYLSRHYKAPRMVLAAAGGLEHR
QLLDLAQKHFSGLSGTYDEETVPTLSPCRFTGSQICHREDGLPLAHVAIAVEGPGWAHPDNVALQVANAIIGHYDCTYGG
GAHLSSPLASIAATNKLCQSFQTFNICYADTGLLGAHFVCDHMSIDDMMFVLQGQWMRLCTSATESEVLRGKNLLRNALV
SHLDGTTPVCEDIGRSLLTYGRRIPLAEWESRIAEVDARVVREVCSKYFYDQCPAVAGFGPIEQLPDYNRIRSGMFWLRF
;
A
2 'polypeptide(L)'
;MKLLTRAGSLSRFYSLKVAPKVKATEAPAGVPPHPQDLEFTRLPNGLVIASLENYAPASRIGLFIKAGSRYENSNNLGTS
HLLRLASSLTTKGASSFKITRGIEAVGGKLSVTSTRENMAYTVECLRDDVDILMEFLLNVTTAPEFRRWEVAALQPQLRI
DKAVALQNPQAHVIENLHAAAYRNALANSLYCPDYRIGKVTPVELHDYVQNHFTSARMALIGLGVSHPVLKQVAEQFLNI
RGGLGLSGAKAKYHGGEIREQNGDSLVHAALVAESAAIGSAEANAFSVLQHVLGAGPHVKRGSNATSSLYQAVAKGVHQP
FDVSAFNASYSDSGLFGFYTISQAASAGDVIKAAYNQVKTIAQGNLSNPDVQAAKNKLKAGYLMSVESSEGFLDEVGSQA
LAAGSYTPPSTVLQQIDAVADADVINAAKKFVSGRKSMAASGNLGHTPFIDEL
;
B
3 'polypeptide(L)'
;MTNIRKSHPLMKIVNNAFIDLPAPSNISSWWNFGSLLGICLILQILTGLFLAMHYTSDTTTAFSSVTHICRDVNYGWIIR
YMHANGASMFFICLYMHVGRGLYYGSYTFLETWNIGVILLLTVMATAFMGYVLPWGQMSFWGATVITNLLSAIPYIGTNL
VEWIWGGFSVDKATLTRFFAFHFILPFIIMAIAMVHLLFLHETGSNNPTGISSDVDKIPFHPYYTIKDILGALLLILALM
LLVLFAPDLLGDPDNYTPANPLNTPPHIKPEWYFLFAYAILRSIPNKLGGVLALAFSILILALIPLLHTSKQRSMMFRPL
SQCLFWALVADLLTLTWIGGQPVEHPYITIGQLASVLYFLLILVLMPTAGTIENKLLKW
;
C
4 'polypeptide(L)'
;MAAAAATLRGAMVGPRGAGLPGARARGLLCGARPGQLPLRTPQAVSLSSKSGLSRGRKVILSALGMLAAGGAGLAVALHS
AVSASDLELHPPSYPWSHRGLLSSLDHTSIRRGFQVYKQVCSSCHSMDYVAYRHLVGVCYTEDEAKALAEEVEVQDGPNE
DGEMFMRPGKLSDYFPKPYPNPEAARAANNGALPPDLSYIVRARHGGEDYVFSLLTGYCEPPTGVSLREGLYFNPYFPGQ
AIGMAPPIYNEVLEFDDGTPATMSQVAKDVCTFLRWAAEPEHDHRKRMGLKMLLMMGLLLPLVYAMKRHKWSVLKSRKLA
YRPPK
;
D
5 'polypeptide(L)'
;SHTDIKVPDFSDYRRPEVLDSTKSSKESSEARKGFSYLVTATTTVGVAYAAKNVVSQFVSSMSASADVLAMSKIEIKLSD
IPEGKNMAFKWRGKPLFVRHRTKKEIDQEAAVEVSQLRDPQHDLERVKKPEWVILIGVCTHLGCVPIANAGDFGGYYCPC
HGSHYDASGRIRKGPAPLNLEVPSYEFTSDDMVIVG
;
E
6 'polypeptide(L)'
;MAGRPAVSASSRWLEGIRKWYYNAAGFNKLGLMRDDTIHENDDVKEAIRRLPENLYDDRVFRIKRALDLSMRQQILPKEQ
WTKYEEDKSYLEPYLKEVIRERKEREEWAKK
;
F
7 'polypeptide(L)'
;MGRQFGHLTRVRHVITYSLSPFEQRAFPHYFSKGIPNVLRRTRACILRVAPPFVAFYLVYTWGTQEFEKSKRKNPAAYEN
DR
;
G
8 'polypeptide(L)'
;MGLEDEQRMLTGSGDPKEEEEEEEELVDPLTTVREQCEQLEKCVKARERLELCDERVSSRSQTEEDCTEELLDFLHARDH
CVAHKLFNSLK
;
H
9 'polypeptide(L)' AAVPATSESPVLDLKRSVLCRESLRGQAAGRPLVASVSLNVPASVRY I
10 'polypeptide(L)' MVAPTLTARLYSLLFRRTSTFALTIVVGALFFERAFDQGADAIYEHINEGKLWKHIKHKYENKE J
#
loop_
_chem_comp.id
_chem_comp.type
_chem_comp.name
_chem_comp.formula
6PE non-polymer 1,2-DIHEXANOYL-SN-GLYCERO-3-PHOSPHOETHANOLAMINE 'C17 H33 N O8 P -1'
9XE non-polymer 7-methoxy-3-methyl-2-[5-[4-(trifluoromethyloxy)phenyl]pyridin-3-yl]-1~{H}-quinolin-4-one 'C23 H17 F3 N2 O3'
CDL non-polymer CARDIOLIPIN 'C81 H156 O17 P2 -2'
FES non-polymer 'FE2/S2 (INORGANIC) CLUSTER' 'Fe2 S2'
HEC non-polymer 'HEME C' 'C34 H34 Fe N4 O4'
HEM non-polymer 'PROTOPORPHYRIN IX CONTAINING FE' 'C34 H32 Fe N4 O4'
LMT D-saccharide DODECYL-BETA-D-MALTOSIDE 'C24 H46 O11'
PEE non-polymer 1,2-dioleoyl-sn-glycero-3-phosphoethanolamine 'C41 H78 N O8 P'
PG4 non-polymer 'TETRAETHYLENE GLYCOL' 'C8 H18 O5'
PO4 non-polymer 'PHOSPHATE ION' 'O4 P -3'
PX4 non-polymer 1,2-DIMYRISTOYL-SN-GLYCERO-3-PHOSPHOCHOLINE 'C36 H73 N O8 P 1'
#
# COMPACT_ATOMS: atom_id res chain seq x y z
N ALA A 36 -42.08 -14.34 35.98
CA ALA A 36 -40.62 -14.72 36.09
C ALA A 36 -39.77 -14.14 34.94
N THR A 37 -39.24 -12.94 35.13
CA THR A 37 -38.46 -12.25 34.09
C THR A 37 -36.98 -12.66 34.06
N TYR A 38 -36.24 -12.15 33.08
CA TYR A 38 -34.82 -12.51 32.86
C TYR A 38 -33.91 -11.97 33.97
N ALA A 39 -34.12 -10.71 34.33
CA ALA A 39 -33.37 -10.08 35.43
C ALA A 39 -33.50 -10.87 36.72
N GLN A 40 -34.74 -11.28 37.02
CA GLN A 40 -35.02 -12.13 38.18
C GLN A 40 -34.32 -13.48 38.09
N ALA A 41 -34.45 -14.15 36.94
CA ALA A 41 -33.85 -15.48 36.75
C ALA A 41 -32.38 -15.54 37.15
N LEU A 42 -31.64 -14.48 36.82
CA LEU A 42 -30.21 -14.38 37.14
C LEU A 42 -29.91 -14.36 38.63
N GLN A 43 -30.83 -13.79 39.42
CA GLN A 43 -30.66 -13.69 40.88
C GLN A 43 -30.71 -15.04 41.59
N SER A 44 -31.53 -15.96 41.06
CA SER A 44 -31.72 -17.27 41.66
C SER A 44 -31.00 -18.37 40.86
N VAL A 45 -29.83 -18.06 40.32
CA VAL A 45 -28.95 -19.07 39.74
C VAL A 45 -28.09 -19.55 40.91
N PRO A 46 -27.85 -20.88 41.02
CA PRO A 46 -27.05 -21.38 42.15
C PRO A 46 -25.67 -20.71 42.29
N GLU A 47 -25.35 -20.24 43.49
CA GLU A 47 -24.06 -19.59 43.76
C GLU A 47 -22.94 -20.61 43.78
N THR A 48 -21.72 -20.12 43.54
CA THR A 48 -20.53 -20.97 43.51
C THR A 48 -19.82 -20.88 44.85
N GLN A 49 -19.60 -22.04 45.48
CA GLN A 49 -18.94 -22.13 46.78
C GLN A 49 -17.42 -22.09 46.60
N VAL A 50 -16.73 -21.61 47.62
CA VAL A 50 -15.29 -21.38 47.53
C VAL A 50 -14.61 -21.62 48.88
N SER A 51 -13.79 -22.67 48.93
CA SER A 51 -12.98 -23.00 50.11
C SER A 51 -11.54 -23.31 49.68
N GLN A 52 -10.62 -23.29 50.64
CA GLN A 52 -9.19 -23.47 50.38
C GLN A 52 -8.58 -24.42 51.40
N LEU A 53 -7.59 -25.21 50.99
CA LEU A 53 -6.88 -26.14 51.88
C LEU A 53 -5.63 -25.48 52.49
N ASP A 54 -5.05 -26.15 53.49
CA ASP A 54 -3.82 -25.66 54.14
C ASP A 54 -2.72 -25.42 53.12
N ASN A 55 -2.47 -26.41 52.28
CA ASN A 55 -1.46 -26.28 51.21
C ASN A 55 -1.74 -25.16 50.18
N GLY A 56 -2.99 -24.75 50.05
CA GLY A 56 -3.38 -23.65 49.15
C GLY A 56 -4.28 -24.06 48.00
N LEU A 57 -4.68 -25.34 47.95
CA LEU A 57 -5.56 -25.83 46.89
C LEU A 57 -6.97 -25.29 47.10
N ARG A 58 -7.52 -24.66 46.07
CA ARG A 58 -8.87 -24.12 46.13
C ARG A 58 -9.87 -25.16 45.64
N VAL A 59 -10.94 -25.30 46.41
CA VAL A 59 -12.02 -26.20 46.11
C VAL A 59 -13.22 -25.31 45.80
N ALA A 60 -13.79 -25.51 44.62
CA ALA A 60 -14.91 -24.71 44.15
C ALA A 60 -15.99 -25.60 43.57
N SER A 61 -17.24 -25.18 43.77
CA SER A 61 -18.37 -26.07 43.64
C SER A 61 -19.63 -25.31 43.25
N GLU A 62 -20.37 -25.84 42.27
CA GLU A 62 -21.77 -25.42 42.04
C GLU A 62 -22.66 -26.64 42.14
N GLN A 63 -23.71 -26.52 42.94
CA GLN A 63 -24.56 -27.64 43.31
C GLN A 63 -25.96 -27.51 42.74
N SER A 64 -26.53 -28.64 42.33
CA SER A 64 -27.94 -28.73 41.90
C SER A 64 -28.38 -30.19 41.93
N SER A 65 -29.67 -30.43 42.17
CA SER A 65 -30.20 -31.80 42.14
C SER A 65 -30.10 -32.41 40.73
N GLN A 66 -28.96 -33.05 40.47
CA GLN A 66 -28.63 -33.69 39.19
C GLN A 66 -28.04 -35.08 39.49
N PRO A 67 -28.44 -36.11 38.72
CA PRO A 67 -27.89 -37.46 38.93
C PRO A 67 -26.45 -37.66 38.43
N THR A 68 -25.96 -36.74 37.60
CA THR A 68 -24.61 -36.78 37.05
C THR A 68 -23.81 -35.58 37.52
N CYS A 69 -22.49 -35.66 37.39
CA CYS A 69 -21.61 -34.56 37.77
C CYS A 69 -20.35 -34.52 36.92
N THR A 70 -19.64 -33.40 37.03
CA THR A 70 -18.30 -33.25 36.46
C THR A 70 -17.39 -32.61 37.49
N VAL A 71 -16.19 -33.17 37.65
CA VAL A 71 -15.22 -32.69 38.62
C VAL A 71 -13.85 -32.76 37.98
N GLY A 72 -12.96 -31.86 38.36
CA GLY A 72 -11.63 -31.85 37.79
C GLY A 72 -10.65 -30.88 38.42
N VAL A 73 -9.40 -30.99 37.95
CA VAL A 73 -8.28 -30.21 38.44
C VAL A 73 -7.84 -29.25 37.32
N TRP A 74 -7.90 -27.95 37.59
CA TRP A 74 -7.36 -26.93 36.67
C TRP A 74 -6.09 -26.34 37.26
N ILE A 75 -5.05 -26.23 36.44
CA ILE A 75 -3.69 -25.88 36.88
C ILE A 75 -3.15 -24.69 36.08
N ASP A 76 -2.57 -23.71 36.76
CA ASP A 76 -1.78 -22.65 36.10
C ASP A 76 -0.45 -23.24 35.60
N ALA A 77 -0.54 -23.90 34.45
CA ALA A 77 0.59 -24.57 33.82
C ALA A 77 0.32 -24.76 32.32
N GLY A 78 1.36 -24.63 31.51
CA GLY A 78 1.23 -24.70 30.07
C GLY A 78 2.50 -24.24 29.38
N SER A 79 2.40 -23.93 28.10
CA SER A 79 3.56 -23.58 27.28
C SER A 79 4.22 -22.27 27.70
N ARG A 80 3.44 -21.33 28.23
CA ARG A 80 3.98 -20.03 28.68
C ARG A 80 4.96 -20.17 29.85
N TYR A 81 4.73 -21.18 30.70
CA TYR A 81 5.57 -21.47 31.85
C TYR A 81 6.81 -22.33 31.48
N GLU A 82 6.80 -22.89 30.26
CA GLU A 82 7.90 -23.71 29.74
C GLU A 82 8.97 -22.83 29.11
N SER A 83 10.23 -23.23 29.28
CA SER A 83 11.37 -22.62 28.60
C SER A 83 11.51 -23.26 27.23
N GLU A 84 12.52 -22.83 26.49
CA GLU A 84 12.80 -23.38 25.16
C GLU A 84 13.30 -24.83 25.19
N LYS A 85 14.06 -25.19 26.22
CA LYS A 85 14.63 -26.54 26.30
C LYS A 85 13.64 -27.61 26.78
N ASN A 86 12.57 -27.19 27.47
CA ASN A 86 11.52 -28.11 27.94
C ASN A 86 10.13 -27.85 27.35
N ASN A 87 10.05 -27.13 26.24
CA ASN A 87 8.77 -26.81 25.60
C ASN A 87 8.09 -28.09 25.12
N GLY A 88 6.78 -28.18 25.33
CA GLY A 88 6.01 -29.38 25.02
C GLY A 88 5.99 -30.47 26.09
N ALA A 89 6.57 -30.18 27.26
CA ALA A 89 6.57 -31.11 28.39
C ALA A 89 5.17 -31.34 28.95
N GLY A 90 4.46 -30.24 29.22
CA GLY A 90 3.07 -30.30 29.68
C GLY A 90 2.13 -31.06 28.76
N TYR A 91 2.39 -30.98 27.45
CA TYR A 91 1.67 -31.78 26.46
C TYR A 91 2.09 -33.26 26.53
N PHE A 92 3.39 -33.50 26.67
CA PHE A 92 3.93 -34.87 26.82
C PHE A 92 3.30 -35.54 28.05
N VAL A 93 3.26 -34.81 29.16
CA VAL A 93 2.64 -35.31 30.39
C VAL A 93 1.20 -35.70 30.11
N GLU A 94 0.43 -34.82 29.48
CA GLU A 94 -0.98 -35.08 29.20
C GLU A 94 -1.19 -36.48 28.61
N HIS A 95 -0.34 -36.87 27.68
CA HIS A 95 -0.36 -38.22 27.08
C HIS A 95 -0.14 -39.35 28.10
N LEU A 96 0.80 -39.12 29.03
CA LEU A 96 1.12 -40.09 30.09
C LEU A 96 0.15 -40.14 31.28
N ALA A 97 -0.63 -39.08 31.50
CA ALA A 97 -1.50 -38.94 32.69
C ALA A 97 -2.45 -40.12 32.93
N PHE A 98 -3.12 -40.56 31.86
CA PHE A 98 -4.11 -41.64 31.95
C PHE A 98 -3.55 -43.03 31.64
N LYS A 99 -2.22 -43.20 31.58
CA LYS A 99 -1.59 -44.48 31.23
C LYS A 99 -1.12 -45.29 32.46
N GLY A 100 -1.63 -44.96 33.63
CA GLY A 100 -1.29 -45.67 34.87
C GLY A 100 -0.82 -44.76 35.97
N THR A 101 -0.88 -45.28 37.19
CA THR A 101 -0.39 -44.61 38.40
C THR A 101 0.41 -45.61 39.25
N LYS A 102 1.00 -45.13 40.33
CA LYS A 102 1.67 -46.04 41.29
C LYS A 102 0.65 -46.99 41.95
N ASN A 103 -0.50 -46.44 42.36
CA ASN A 103 -1.59 -47.24 42.95
C ASN A 103 -2.35 -48.14 41.95
N ARG A 104 -2.47 -47.67 40.71
CA ARG A 104 -3.21 -48.35 39.64
C ARG A 104 -2.33 -48.44 38.39
N PRO A 105 -1.44 -49.45 38.33
CA PRO A 105 -0.47 -49.51 37.23
C PRO A 105 -1.10 -49.86 35.88
N GLY A 106 -0.56 -49.26 34.82
CA GLY A 106 -1.02 -49.52 33.47
C GLY A 106 -2.48 -49.17 33.21
N ASN A 107 -3.23 -50.16 32.74
CA ASN A 107 -4.64 -49.99 32.36
C ASN A 107 -5.63 -50.20 33.52
N ALA A 108 -5.14 -50.32 34.75
CA ALA A 108 -6.01 -50.39 35.93
C ALA A 108 -6.79 -49.10 36.11
N LEU A 109 -6.11 -47.97 36.00
CA LEU A 109 -6.75 -46.65 36.04
C LEU A 109 -7.88 -46.57 35.01
N GLU A 110 -7.51 -46.93 33.78
CA GLU A 110 -8.41 -46.96 32.63
C GLU A 110 -9.64 -47.86 32.82
N LYS A 111 -9.40 -49.11 33.24
CA LYS A 111 -10.48 -50.08 33.51
C LYS A 111 -11.51 -49.59 34.52
N GLU A 112 -11.03 -48.97 35.60
CA GLU A 112 -11.88 -48.54 36.69
C GLU A 112 -12.79 -47.38 36.29
N VAL A 113 -12.29 -46.48 35.45
CA VAL A 113 -13.09 -45.35 34.93
C VAL A 113 -14.19 -45.90 34.01
N GLU A 114 -13.81 -46.81 33.12
CA GLU A 114 -14.73 -47.41 32.15
C GLU A 114 -15.84 -48.23 32.79
N SER A 115 -15.50 -49.04 33.79
CA SER A 115 -16.47 -49.94 34.42
C SER A 115 -17.51 -49.24 35.31
N MET A 116 -17.25 -47.99 35.73
CA MET A 116 -18.26 -47.18 36.45
C MET A 116 -19.00 -46.18 35.57
N GLY A 117 -18.86 -46.31 34.24
CA GLY A 117 -19.49 -45.41 33.28
C GLY A 117 -18.92 -44.01 33.23
N ALA A 118 -17.74 -43.81 33.81
CA ALA A 118 -17.14 -42.48 33.88
C ALA A 118 -16.43 -42.18 32.58
N HIS A 119 -16.23 -40.88 32.34
CA HIS A 119 -15.58 -40.39 31.14
C HIS A 119 -14.45 -39.46 31.55
N LEU A 120 -13.23 -39.83 31.22
CA LEU A 120 -12.02 -39.15 31.68
C LEU A 120 -11.38 -38.37 30.53
N ASN A 121 -11.05 -37.11 30.77
CA ASN A 121 -10.60 -36.22 29.69
C ASN A 121 -9.63 -35.13 30.14
N ALA A 122 -8.78 -34.68 29.22
CA ALA A 122 -7.78 -33.65 29.50
C ALA A 122 -7.60 -32.66 28.35
N TYR A 123 -7.14 -31.45 28.69
CA TYR A 123 -6.65 -30.48 27.70
C TYR A 123 -5.53 -29.59 28.26
N SER A 124 -4.69 -29.07 27.35
CA SER A 124 -3.59 -28.17 27.68
C SER A 124 -3.61 -26.95 26.76
N THR A 125 -3.67 -25.75 27.35
CA THR A 125 -3.48 -24.48 26.61
C THR A 125 -2.12 -23.89 26.98
N ARG A 126 -1.82 -22.69 26.47
CA ARG A 126 -0.55 -22.01 26.76
C ARG A 126 -0.40 -21.58 28.23
N GLU A 127 -1.53 -21.40 28.90
CA GLU A 127 -1.58 -21.04 30.32
C GLU A 127 -2.26 -22.05 31.24
N HIS A 128 -3.09 -22.96 30.71
CA HIS A 128 -3.91 -23.85 31.55
C HIS A 128 -3.88 -25.31 31.12
N THR A 129 -3.42 -26.18 32.00
CA THR A 129 -3.59 -27.63 31.87
C THR A 129 -4.80 -27.99 32.72
N ALA A 130 -5.57 -28.99 32.30
CA ALA A 130 -6.76 -29.41 33.04
C ALA A 130 -7.13 -30.86 32.80
N TYR A 131 -7.38 -31.59 33.89
CA TYR A 131 -7.87 -32.98 33.85
C TYR A 131 -9.20 -32.99 34.58
N TYR A 132 -10.20 -33.63 33.99
CA TYR A 132 -11.52 -33.71 34.60
C TYR A 132 -12.21 -35.02 34.23
N ILE A 133 -13.19 -35.38 35.05
CA ILE A 133 -13.89 -36.64 34.90
C ILE A 133 -15.41 -36.40 35.04
N LYS A 134 -16.17 -36.99 34.12
CA LYS A 134 -17.63 -36.92 34.14
C LYS A 134 -18.12 -38.26 34.65
N ALA A 135 -18.89 -38.23 35.74
CA ALA A 135 -19.27 -39.45 36.45
C ALA A 135 -20.66 -39.36 37.04
N LEU A 136 -21.15 -40.49 37.51
CA LEU A 136 -22.39 -40.54 38.27
C LEU A 136 -22.15 -39.81 39.59
N SER A 137 -23.15 -39.08 40.06
CA SER A 137 -23.03 -38.26 41.27
C SER A 137 -22.67 -39.07 42.51
N LYS A 138 -23.28 -40.23 42.67
CA LYS A 138 -22.93 -41.16 43.76
C LYS A 138 -21.45 -41.61 43.75
N ASP A 139 -20.82 -41.64 42.56
CA ASP A 139 -19.41 -42.01 42.41
C ASP A 139 -18.41 -40.85 42.50
N LEU A 140 -18.82 -39.71 43.08
CA LEU A 140 -17.93 -38.55 43.22
C LEU A 140 -16.71 -38.80 44.12
N PRO A 141 -16.88 -39.52 45.25
CA PRO A 141 -15.70 -39.91 46.02
C PRO A 141 -14.61 -40.61 45.19
N LYS A 142 -14.98 -41.64 44.44
CA LYS A 142 -14.03 -42.34 43.59
C LYS A 142 -13.50 -41.43 42.49
N ALA A 143 -14.38 -40.59 41.94
CA ALA A 143 -13.99 -39.61 40.93
C ALA A 143 -12.86 -38.71 41.42
N VAL A 144 -13.05 -38.13 42.60
CA VAL A 144 -12.05 -37.23 43.19
C VAL A 144 -10.76 -38.00 43.53
N GLU A 145 -10.92 -39.21 44.08
CA GLU A 145 -9.79 -40.11 44.37
C GLU A 145 -8.92 -40.40 43.15
N LEU A 146 -9.57 -40.72 42.01
CA LEU A 146 -8.86 -41.05 40.77
C LEU A 146 -8.11 -39.86 40.17
N LEU A 147 -8.74 -38.69 40.20
CA LEU A 147 -8.09 -37.43 39.77
C LEU A 147 -6.82 -37.19 40.57
N ALA A 148 -6.92 -37.35 41.88
CA ALA A 148 -5.79 -37.21 42.78
C ALA A 148 -4.67 -38.20 42.49
N ASP A 149 -5.03 -39.43 42.15
CA ASP A 149 -4.05 -40.46 41.82
C ASP A 149 -3.32 -40.15 40.50
N ILE A 150 -4.05 -39.58 39.54
CA ILE A 150 -3.47 -39.19 38.24
C ILE A 150 -2.43 -38.08 38.39
N VAL A 151 -2.84 -37.01 39.08
CA VAL A 151 -2.00 -35.83 39.25
C VAL A 151 -0.73 -36.17 40.01
N GLN A 152 -0.90 -36.68 41.23
CA GLN A 152 0.22 -36.89 42.16
C GLN A 152 1.10 -38.11 41.87
N ASN A 153 0.49 -39.26 41.60
CA ASN A 153 1.22 -40.54 41.53
C ASN A 153 1.37 -41.11 40.12
N CYS A 154 1.62 -40.22 39.16
CA CYS A 154 1.67 -40.59 37.75
C CYS A 154 2.91 -41.46 37.43
N SER A 155 2.69 -42.67 36.93
CA SER A 155 3.79 -43.64 36.69
C SER A 155 4.95 -43.09 35.85
N LEU A 156 4.64 -42.56 34.66
CA LEU A 156 5.63 -42.07 33.71
C LEU A 156 6.69 -43.15 33.40
N GLU A 157 6.23 -44.30 32.92
CA GLU A 157 7.07 -45.49 32.68
C GLU A 157 8.03 -45.26 31.51
N ASP A 158 9.22 -45.84 31.60
CA ASP A 158 10.26 -45.71 30.55
C ASP A 158 9.73 -46.09 29.16
N SER A 159 9.20 -47.30 29.05
CA SER A 159 8.66 -47.82 27.79
C SER A 159 7.43 -47.04 27.34
N GLN A 160 6.58 -46.67 28.30
CA GLN A 160 5.37 -45.87 27.99
C GLN A 160 5.71 -44.49 27.45
N ILE A 161 6.81 -43.90 27.95
CA ILE A 161 7.34 -42.64 27.43
C ILE A 161 7.77 -42.80 25.97
N GLU A 162 8.60 -43.80 25.69
CA GLU A 162 9.12 -44.01 24.33
C GLU A 162 8.02 -44.39 23.33
N LYS A 163 6.94 -45.00 23.81
CA LYS A 163 5.75 -45.26 22.98
C LYS A 163 5.00 -43.96 22.66
N GLU A 164 4.67 -43.19 23.70
CA GLU A 164 3.96 -41.91 23.53
C GLU A 164 4.81 -40.81 22.86
N ARG A 165 6.11 -41.05 22.71
CA ARG A 165 6.98 -40.17 21.93
C ARG A 165 6.61 -40.17 20.44
N ASP A 166 6.47 -41.37 19.85
CA ASP A 166 6.08 -41.52 18.44
C ASP A 166 4.64 -41.07 18.16
N VAL A 167 3.77 -41.25 19.15
CA VAL A 167 2.38 -40.84 19.05
C VAL A 167 2.29 -39.33 18.87
N ILE A 168 3.07 -38.59 19.65
CA ILE A 168 3.08 -37.12 19.57
C ILE A 168 3.63 -36.65 18.23
N LEU A 169 4.70 -37.30 17.75
CA LEU A 169 5.26 -36.98 16.43
C LEU A 169 4.22 -37.16 15.31
N GLN A 170 3.36 -38.17 15.41
CA GLN A 170 2.28 -38.36 14.45
C GLN A 170 1.13 -37.37 14.61
N GLU A 171 0.87 -36.92 15.83
CA GLU A 171 -0.10 -35.82 16.06
C GLU A 171 0.41 -34.50 15.49
N LEU A 172 1.72 -34.27 15.65
CA LEU A 172 2.37 -33.10 15.06
C LEU A 172 2.25 -33.08 13.53
N GLN A 173 2.28 -34.26 12.92
CA GLN A 173 2.05 -34.41 11.49
C GLN A 173 0.59 -34.22 11.09
N GLU A 174 -0.34 -34.80 11.84
CA GLU A 174 -1.77 -34.53 11.65
C GLU A 174 -2.03 -33.02 11.73
N ASN A 175 -1.49 -32.37 12.76
CA ASN A 175 -1.67 -30.93 12.96
C ASN A 175 -1.16 -30.06 11.82
N ASP A 176 -0.13 -30.52 11.10
CA ASP A 176 0.32 -29.83 9.88
C ASP A 176 -0.75 -29.76 8.79
N THR A 177 -1.66 -30.72 8.77
CA THR A 177 -2.75 -30.77 7.79
C THR A 177 -3.98 -29.93 8.19
N SER A 178 -3.99 -29.39 9.41
CA SER A 178 -5.04 -28.50 9.86
C SER A 178 -4.54 -27.07 9.67
N MET A 179 -4.98 -26.45 8.58
CA MET A 179 -4.58 -25.08 8.26
C MET A 179 -4.99 -24.09 9.37
N ARG A 180 -6.13 -24.34 10.01
CA ARG A 180 -6.59 -23.52 11.14
C ARG A 180 -5.57 -23.54 12.28
N ASP A 181 -5.22 -24.75 12.72
CA ASP A 181 -4.22 -24.93 13.78
C ASP A 181 -2.91 -24.24 13.44
N VAL A 182 -2.46 -24.43 12.20
CA VAL A 182 -1.18 -23.90 11.74
C VAL A 182 -1.16 -22.37 11.75
N VAL A 183 -2.22 -21.75 11.24
CA VAL A 183 -2.26 -20.29 11.12
C VAL A 183 -2.33 -19.62 12.50
N PHE A 184 -2.99 -20.26 13.46
CA PHE A 184 -3.09 -19.72 14.82
C PHE A 184 -1.79 -19.85 15.58
N ASN A 185 -1.13 -21.00 15.45
CA ASN A 185 0.22 -21.15 15.98
C ASN A 185 1.19 -20.12 15.37
N TYR A 186 1.02 -19.84 14.07
CA TYR A 186 1.78 -18.78 13.42
C TYR A 186 1.46 -17.39 13.98
N LEU A 187 0.18 -17.10 14.22
CA LEU A 187 -0.22 -15.80 14.78
C LEU A 187 0.51 -15.55 16.10
N HIS A 188 0.41 -16.51 17.02
CA HIS A 188 1.12 -16.44 18.31
C HIS A 188 2.63 -16.30 18.12
N ALA A 189 3.18 -17.15 17.27
CA ALA A 189 4.62 -17.18 17.00
C ALA A 189 5.18 -15.84 16.57
N THR A 190 4.45 -15.11 15.73
CA THR A 190 4.85 -13.78 15.26
C THR A 190 4.37 -12.67 16.21
N ALA A 191 3.14 -12.80 16.72
CA ALA A 191 2.57 -11.78 17.60
C ALA A 191 3.38 -11.64 18.88
N PHE A 192 3.67 -12.75 19.54
CA PHE A 192 4.46 -12.77 20.79
C PHE A 192 5.88 -13.28 20.57
N GLN A 193 6.51 -12.85 19.48
CA GLN A 193 7.80 -13.39 19.06
C GLN A 193 8.90 -13.10 20.08
N GLY A 194 9.78 -14.08 20.27
CA GLY A 194 10.87 -13.98 21.23
C GLY A 194 10.48 -14.06 22.70
N THR A 195 9.30 -14.63 22.98
CA THR A 195 8.80 -14.80 24.33
C THR A 195 8.25 -16.23 24.46
N PRO A 196 7.83 -16.64 25.67
CA PRO A 196 7.19 -17.94 25.83
C PRO A 196 5.80 -18.07 25.21
N LEU A 197 5.11 -16.95 24.94
CA LEU A 197 3.79 -17.02 24.28
C LEU A 197 3.88 -17.36 22.78
N ALA A 198 5.02 -17.08 22.16
CA ALA A 198 5.27 -17.52 20.77
C ALA A 198 5.31 -19.04 20.61
N GLN A 199 5.63 -19.75 21.70
CA GLN A 199 5.76 -21.20 21.70
C GLN A 199 4.43 -21.89 21.56
N SER A 200 4.43 -22.97 20.78
CA SER A 200 3.29 -23.87 20.66
C SER A 200 3.17 -24.77 21.89
N VAL A 201 1.95 -25.21 22.19
CA VAL A 201 1.69 -26.10 23.32
C VAL A 201 2.39 -27.46 23.15
N GLU A 202 2.46 -27.94 21.92
CA GLU A 202 2.91 -29.30 21.64
C GLU A 202 4.45 -29.36 21.58
N GLY A 203 5.08 -28.23 21.31
CA GLY A 203 6.54 -28.11 21.29
C GLY A 203 7.13 -28.46 19.93
N PRO A 204 8.39 -28.10 19.69
CA PRO A 204 9.04 -28.50 18.45
C PRO A 204 9.40 -29.98 18.51
N SER A 205 9.41 -30.63 17.35
CA SER A 205 9.67 -32.07 17.26
C SER A 205 11.02 -32.46 17.88
N GLU A 206 12.00 -31.57 17.79
CA GLU A 206 13.32 -31.77 18.42
C GLU A 206 13.21 -32.04 19.92
N ASN A 207 12.41 -31.24 20.62
CA ASN A 207 12.14 -31.47 22.05
C ASN A 207 11.36 -32.76 22.31
N VAL A 208 10.35 -33.04 21.50
CA VAL A 208 9.55 -34.27 21.65
C VAL A 208 10.45 -35.50 21.56
N ARG A 209 11.39 -35.45 20.63
CA ARG A 209 12.31 -36.57 20.37
C ARG A 209 13.35 -36.77 21.50
N LYS A 210 13.66 -35.71 22.26
CA LYS A 210 14.75 -35.72 23.28
C LYS A 210 14.33 -35.68 24.76
N LEU A 211 13.16 -35.11 25.08
CA LEU A 211 12.68 -35.00 26.49
C LEU A 211 12.70 -36.33 27.24
N SER A 212 13.57 -36.43 28.25
CA SER A 212 13.66 -37.63 29.11
C SER A 212 12.66 -37.55 30.26
N ARG A 213 12.54 -38.63 31.03
CA ARG A 213 11.60 -38.66 32.17
C ARG A 213 12.04 -37.75 33.32
N ALA A 214 13.35 -37.50 33.41
CA ALA A 214 13.90 -36.49 34.33
C ALA A 214 13.33 -35.10 34.08
N ASP A 215 13.21 -34.72 32.80
CA ASP A 215 12.61 -33.42 32.41
C ASP A 215 11.15 -33.31 32.84
N LEU A 216 10.40 -34.40 32.65
CA LEU A 216 8.96 -34.42 32.92
C LEU A 216 8.65 -34.34 34.42
N THR A 217 9.40 -35.07 35.23
CA THR A 217 9.23 -35.05 36.70
C THR A 217 9.69 -33.71 37.32
N GLU A 218 10.71 -33.08 36.71
CA GLU A 218 11.15 -31.74 37.15
C GLU A 218 10.09 -30.69 36.81
N TYR A 219 9.56 -30.77 35.58
CA TYR A 219 8.44 -29.91 35.18
C TYR A 219 7.25 -30.02 36.13
N LEU A 220 6.91 -31.24 36.53
CA LEU A 220 5.74 -31.49 37.37
C LEU A 220 5.87 -30.88 38.77
N SER A 221 6.98 -31.18 39.45
CA SER A 221 7.18 -30.69 40.82
C SER A 221 7.33 -29.17 40.91
N ARG A 222 7.78 -28.53 39.83
CA ARG A 222 7.86 -27.06 39.78
C ARG A 222 6.50 -26.39 39.60
N HIS A 223 5.66 -26.94 38.71
CA HIS A 223 4.42 -26.28 38.30
C HIS A 223 3.13 -26.82 38.95
N TYR A 224 3.09 -28.11 39.30
CA TYR A 224 1.89 -28.70 39.89
C TYR A 224 1.93 -28.51 41.40
N LYS A 225 1.51 -27.33 41.84
CA LYS A 225 1.54 -26.95 43.26
C LYS A 225 0.15 -26.50 43.66
N ALA A 226 -0.23 -26.79 44.90
CA ALA A 226 -1.57 -26.47 45.42
C ALA A 226 -2.07 -25.04 45.15
N PRO A 227 -1.23 -24.01 45.44
CA PRO A 227 -1.72 -22.64 45.15
C PRO A 227 -1.96 -22.33 43.65
N ARG A 228 -1.27 -23.03 42.75
CA ARG A 228 -1.50 -22.89 41.30
C ARG A 228 -2.70 -23.68 40.77
N MET A 229 -3.33 -24.50 41.63
CA MET A 229 -4.33 -25.50 41.23
C MET A 229 -5.72 -25.26 41.84
N VAL A 230 -6.74 -25.75 41.14
CA VAL A 230 -8.13 -25.64 41.60
C VAL A 230 -8.85 -26.96 41.35
N LEU A 231 -9.55 -27.46 42.38
CA LEU A 231 -10.46 -28.59 42.25
C LEU A 231 -11.86 -28.02 42.05
N ALA A 232 -12.40 -28.17 40.85
CA ALA A 232 -13.71 -27.63 40.51
C ALA A 232 -14.69 -28.76 40.35
N ALA A 233 -15.94 -28.54 40.75
CA ALA A 233 -16.98 -29.57 40.62
C ALA A 233 -18.39 -29.00 40.42
N ALA A 234 -19.18 -29.65 39.55
CA ALA A 234 -20.55 -29.24 39.26
C ALA A 234 -21.44 -30.46 39.01
N GLY A 235 -22.72 -30.33 39.38
CA GLY A 235 -23.69 -31.41 39.32
C GLY A 235 -24.31 -31.63 40.70
N GLY A 236 -24.77 -32.84 40.96
CA GLY A 236 -25.33 -33.21 42.27
C GLY A 236 -24.24 -33.53 43.25
N LEU A 237 -23.86 -32.54 44.06
CA LEU A 237 -22.79 -32.74 45.04
C LEU A 237 -22.84 -31.67 46.14
N GLU A 238 -22.75 -32.11 47.40
CA GLU A 238 -22.61 -31.21 48.52
C GLU A 238 -21.18 -30.64 48.50
N HIS A 239 -21.05 -29.32 48.52
CA HIS A 239 -19.73 -28.65 48.55
C HIS A 239 -18.89 -29.13 49.72
N ARG A 240 -19.54 -29.25 50.88
CA ARG A 240 -18.89 -29.71 52.10
C ARG A 240 -18.18 -31.06 51.90
N GLN A 241 -18.85 -31.97 51.18
CA GLN A 241 -18.28 -33.28 50.89
C GLN A 241 -17.07 -33.22 49.96
N LEU A 242 -17.13 -32.36 48.95
CA LEU A 242 -16.00 -32.16 48.03
C LEU A 242 -14.76 -31.67 48.77
N LEU A 243 -14.94 -30.67 49.63
CA LEU A 243 -13.85 -30.14 50.47
C LEU A 243 -13.18 -31.24 51.31
N ASP A 244 -13.98 -32.12 51.90
CA ASP A 244 -13.44 -33.24 52.68
C ASP A 244 -12.78 -34.28 51.78
N LEU A 245 -13.32 -34.51 50.59
CA LEU A 245 -12.66 -35.40 49.62
C LEU A 245 -11.32 -34.81 49.15
N ALA A 246 -11.25 -33.49 49.00
CA ALA A 246 -10.01 -32.80 48.63
C ALA A 246 -8.92 -32.98 49.70
N GLN A 247 -9.31 -32.83 50.96
CA GLN A 247 -8.44 -33.14 52.10
C GLN A 247 -7.86 -34.54 51.97
N LYS A 248 -8.76 -35.52 51.83
CA LYS A 248 -8.37 -36.94 51.88
C LYS A 248 -7.32 -37.33 50.84
N HIS A 249 -7.41 -36.74 49.65
CA HIS A 249 -6.60 -37.16 48.51
C HIS A 249 -5.60 -36.12 48.00
N PHE A 250 -5.92 -34.83 48.10
CA PHE A 250 -5.01 -33.76 47.66
C PHE A 250 -4.24 -33.05 48.79
N SER A 251 -4.19 -33.63 49.99
CA SER A 251 -3.46 -33.00 51.10
C SER A 251 -1.94 -33.02 50.91
N GLY A 252 -1.44 -34.05 50.25
CA GLY A 252 0.00 -34.21 50.01
C GLY A 252 0.61 -33.25 49.00
N LEU A 253 -0.25 -32.66 48.17
CA LEU A 253 0.15 -31.61 47.24
C LEU A 253 1.01 -30.54 47.91
N SER A 254 2.15 -30.22 47.30
CA SER A 254 3.09 -29.23 47.85
C SER A 254 2.65 -27.82 47.50
N GLY A 255 2.67 -26.93 48.48
CA GLY A 255 2.33 -25.52 48.29
C GLY A 255 3.34 -24.56 48.90
N THR A 256 4.60 -24.97 48.91
CA THR A 256 5.71 -24.12 49.33
C THR A 256 6.66 -23.99 48.14
N TYR A 257 7.40 -22.89 48.11
CA TYR A 257 8.49 -22.69 47.16
C TYR A 257 9.77 -22.44 47.95
N ASP A 258 10.88 -23.05 47.49
CA ASP A 258 12.20 -22.79 48.09
C ASP A 258 12.70 -21.38 47.75
N GLU A 259 13.62 -20.88 48.58
CA GLU A 259 14.03 -19.46 48.59
C GLU A 259 14.37 -18.91 47.19
N GLU A 260 15.17 -19.66 46.43
CA GLU A 260 15.46 -19.33 45.02
C GLU A 260 14.28 -19.74 44.14
N THR A 261 13.77 -18.78 43.36
CA THR A 261 12.77 -19.03 42.30
C THR A 261 11.34 -19.32 42.79
N VAL A 262 10.38 -18.81 42.02
CA VAL A 262 8.94 -19.07 42.20
C VAL A 262 8.25 -18.67 40.88
N PRO A 263 7.53 -19.60 40.21
CA PRO A 263 7.07 -19.33 38.82
C PRO A 263 6.14 -18.09 38.61
N THR A 264 6.76 -16.92 38.49
CA THR A 264 6.08 -15.69 38.05
C THR A 264 6.17 -15.62 36.52
N LEU A 265 5.05 -15.30 35.87
CA LEU A 265 5.06 -15.05 34.42
C LEU A 265 5.56 -13.64 34.16
N SER A 266 6.58 -13.51 33.34
CA SER A 266 6.97 -12.20 32.81
C SER A 266 5.90 -11.73 31.82
N PRO A 267 5.76 -10.40 31.62
CA PRO A 267 4.88 -9.93 30.56
C PRO A 267 5.36 -10.39 29.18
N CYS A 268 4.49 -10.35 28.19
CA CYS A 268 4.86 -10.77 26.84
C CYS A 268 4.69 -9.63 25.84
N ARG A 269 5.80 -9.28 25.21
CA ARG A 269 5.85 -8.26 24.16
C ARG A 269 5.11 -8.68 22.89
N PHE A 270 4.02 -7.97 22.60
CA PHE A 270 3.35 -8.06 21.32
C PHE A 270 4.18 -7.28 20.30
N THR A 271 4.28 -7.83 19.09
CA THR A 271 4.96 -7.15 17.99
C THR A 271 4.01 -7.07 16.80
N GLY A 272 3.90 -5.88 16.23
CA GLY A 272 3.23 -5.69 14.95
C GLY A 272 4.08 -6.35 13.87
N SER A 273 3.59 -7.46 13.35
CA SER A 273 4.41 -8.32 12.50
C SER A 273 3.54 -9.14 11.57
N GLN A 274 4.19 -9.79 10.62
CA GLN A 274 3.52 -10.62 9.64
C GLN A 274 4.31 -11.91 9.46
N ILE A 275 3.60 -13.01 9.34
CA ILE A 275 4.21 -14.29 8.95
C ILE A 275 3.36 -14.84 7.81
N CYS A 276 4.00 -15.04 6.65
CA CYS A 276 3.31 -15.50 5.46
C CYS A 276 3.93 -16.78 4.95
N HIS A 277 3.25 -17.89 5.20
CA HIS A 277 3.62 -19.18 4.64
C HIS A 277 2.86 -19.35 3.34
N ARG A 278 3.57 -19.12 2.24
CA ARG A 278 3.00 -19.18 0.91
C ARG A 278 3.07 -20.63 0.45
N GLU A 279 1.90 -21.21 0.18
CA GLU A 279 1.80 -22.57 -0.35
C GLU A 279 0.60 -22.71 -1.32
N ASP A 280 0.86 -22.42 -2.60
CA ASP A 280 -0.17 -22.38 -3.65
C ASP A 280 -0.79 -23.74 -3.96
N GLY A 281 -0.10 -24.81 -3.58
CA GLY A 281 -0.63 -26.15 -3.73
C GLY A 281 -1.86 -26.49 -2.88
N LEU A 282 -2.17 -25.66 -1.89
CA LEU A 282 -3.40 -25.83 -1.12
C LEU A 282 -4.57 -25.06 -1.75
N PRO A 283 -5.80 -25.57 -1.59
CA PRO A 283 -6.94 -25.00 -2.28
C PRO A 283 -7.49 -23.69 -1.69
N LEU A 284 -7.46 -23.53 -0.37
CA LEU A 284 -8.00 -22.32 0.27
C LEU A 284 -7.02 -21.69 1.23
N ALA A 285 -7.08 -20.37 1.30
CA ALA A 285 -6.16 -19.56 2.10
C ALA A 285 -6.73 -19.35 3.48
N HIS A 286 -5.89 -19.53 4.50
CA HIS A 286 -6.22 -19.19 5.87
C HIS A 286 -5.47 -17.92 6.24
N VAL A 287 -6.20 -16.93 6.75
CA VAL A 287 -5.62 -15.69 7.26
C VAL A 287 -6.10 -15.50 8.70
N ALA A 288 -5.18 -15.11 9.57
CA ALA A 288 -5.49 -14.76 10.95
C ALA A 288 -4.80 -13.45 11.28
N ILE A 289 -5.61 -12.47 11.68
CA ILE A 289 -5.13 -11.11 11.96
C ILE A 289 -5.65 -10.68 13.33
N ALA A 290 -4.80 -10.01 14.10
CA ALA A 290 -5.21 -9.50 15.42
C ALA A 290 -4.33 -8.38 15.94
N VAL A 291 -4.92 -7.54 16.80
CA VAL A 291 -4.21 -6.54 17.58
C VAL A 291 -4.01 -7.10 19.00
N GLU A 292 -3.15 -6.42 19.77
CA GLU A 292 -2.93 -6.80 21.18
C GLU A 292 -4.17 -6.51 22.00
N GLY A 293 -4.74 -7.57 22.57
CA GLY A 293 -5.83 -7.48 23.52
C GLY A 293 -5.35 -7.23 24.95
N PRO A 294 -6.29 -6.92 25.86
CA PRO A 294 -5.93 -6.48 27.21
C PRO A 294 -5.57 -7.61 28.20
N GLY A 295 -6.08 -8.82 27.99
CA GLY A 295 -5.84 -9.92 28.91
C GLY A 295 -6.93 -10.05 29.96
N TRP A 296 -6.93 -11.21 30.61
CA TRP A 296 -8.08 -11.74 31.36
C TRP A 296 -8.79 -10.74 32.25
N ALA A 297 -8.03 -10.11 33.14
CA ALA A 297 -8.62 -9.31 34.21
C ALA A 297 -9.34 -8.03 33.76
N HIS A 298 -9.02 -7.51 32.59
CA HIS A 298 -9.45 -6.17 32.21
C HIS A 298 -10.95 -6.09 31.87
N PRO A 299 -11.69 -5.11 32.45
CA PRO A 299 -13.14 -5.00 32.23
C PRO A 299 -13.54 -4.71 30.79
N ASP A 300 -12.78 -3.86 30.10
CA ASP A 300 -12.83 -3.68 28.65
C ASP A 300 -13.17 -4.93 27.83
N ASN A 301 -12.71 -6.11 28.26
CA ASN A 301 -13.08 -7.40 27.62
C ASN A 301 -14.59 -7.59 27.37
N VAL A 302 -15.44 -7.09 28.27
CA VAL A 302 -16.90 -7.17 28.10
C VAL A 302 -17.37 -6.34 26.89
N ALA A 303 -16.95 -5.08 26.81
CA ALA A 303 -17.25 -4.23 25.65
C ALA A 303 -16.69 -4.80 24.34
N LEU A 304 -15.48 -5.38 24.40
CA LEU A 304 -14.86 -6.04 23.25
C LEU A 304 -15.59 -7.30 22.77
N GLN A 305 -16.15 -8.06 23.71
CA GLN A 305 -17.01 -9.19 23.38
C GLN A 305 -18.26 -8.70 22.63
N VAL A 306 -18.86 -7.60 23.10
CA VAL A 306 -20.02 -7.00 22.45
C VAL A 306 -19.69 -6.56 21.02
N ALA A 307 -18.53 -5.95 20.84
CA ALA A 307 -18.09 -5.50 19.50
C ALA A 307 -17.86 -6.68 18.56
N ASN A 308 -17.18 -7.71 19.06
CA ASN A 308 -16.99 -8.96 18.33
C ASN A 308 -18.28 -9.70 17.99
N ALA A 309 -19.28 -9.59 18.87
CA ALA A 309 -20.58 -10.18 18.61
C ALA A 309 -21.29 -9.47 17.45
N ILE A 310 -21.11 -8.14 17.34
CA ILE A 310 -21.73 -7.36 16.26
C ILE A 310 -21.24 -7.87 14.90
N ILE A 311 -19.92 -7.93 14.74
CA ILE A 311 -19.29 -8.45 13.52
C ILE A 311 -19.58 -9.94 13.41
N GLY A 312 -19.37 -10.64 14.52
CA GLY A 312 -19.82 -12.02 14.68
C GLY A 312 -18.99 -13.03 13.93
N HIS A 313 -19.68 -13.98 13.31
CA HIS A 313 -19.06 -15.08 12.60
C HIS A 313 -20.01 -15.58 11.52
N TYR A 314 -19.45 -16.37 10.60
CA TYR A 314 -20.16 -16.84 9.42
C TYR A 314 -19.48 -18.07 8.87
N ASP A 315 -20.26 -18.94 8.24
CA ASP A 315 -19.74 -19.84 7.22
C ASP A 315 -20.81 -20.18 6.18
N CYS A 316 -20.39 -20.95 5.18
CA CYS A 316 -21.20 -21.19 3.99
C CYS A 316 -22.44 -22.07 4.20
N THR A 317 -22.54 -22.71 5.37
CA THR A 317 -23.72 -23.49 5.76
C THR A 317 -24.78 -22.70 6.53
N TYR A 318 -24.56 -21.41 6.81
CA TYR A 318 -25.53 -20.61 7.58
C TYR A 318 -26.74 -20.30 6.73
N GLY A 319 -27.91 -20.37 7.34
CA GLY A 319 -29.16 -20.12 6.64
C GLY A 319 -29.41 -18.68 6.24
N GLY A 320 -28.78 -17.74 6.96
CA GLY A 320 -29.14 -16.32 6.85
C GLY A 320 -28.77 -15.64 5.55
N GLY A 321 -27.52 -15.80 5.11
CA GLY A 321 -27.03 -15.19 3.88
C GLY A 321 -27.04 -13.66 3.86
N ALA A 322 -27.68 -13.09 2.82
CA ALA A 322 -27.75 -11.63 2.60
C ALA A 322 -28.44 -10.90 3.73
N HIS A 323 -29.43 -11.54 4.33
CA HIS A 323 -30.24 -10.92 5.36
C HIS A 323 -29.62 -10.97 6.75
N LEU A 324 -28.44 -11.55 6.89
CA LEU A 324 -27.72 -11.55 8.16
C LEU A 324 -27.45 -10.13 8.67
N SER A 325 -27.41 -10.00 9.99
CA SER A 325 -27.39 -8.70 10.66
C SER A 325 -26.01 -8.08 10.55
N SER A 326 -24.99 -8.90 10.80
CA SER A 326 -23.61 -8.49 10.58
C SER A 326 -23.42 -8.03 9.12
N PRO A 327 -22.99 -6.78 8.90
CA PRO A 327 -22.63 -6.39 7.54
C PRO A 327 -21.48 -7.21 6.94
N LEU A 328 -20.47 -7.59 7.72
CA LEU A 328 -19.40 -8.45 7.18
C LEU A 328 -19.93 -9.79 6.66
N ALA A 329 -20.86 -10.38 7.40
CA ALA A 329 -21.44 -11.67 7.01
C ALA A 329 -22.34 -11.57 5.79
N SER A 330 -23.20 -10.55 5.74
CA SER A 330 -24.11 -10.35 4.60
C SER A 330 -23.35 -10.04 3.32
N ILE A 331 -22.29 -9.23 3.42
CA ILE A 331 -21.42 -8.92 2.29
C ILE A 331 -20.64 -10.17 1.86
N ALA A 332 -20.09 -10.88 2.84
CA ALA A 332 -19.38 -12.15 2.58
C ALA A 332 -20.26 -13.18 1.87
N ALA A 333 -21.51 -13.29 2.32
CA ALA A 333 -22.45 -14.26 1.77
C ALA A 333 -22.92 -13.89 0.37
N THR A 334 -23.34 -12.64 0.18
CA THR A 334 -23.86 -12.19 -1.13
C THR A 334 -22.79 -12.22 -2.22
N ASN A 335 -21.56 -11.85 -1.88
CA ASN A 335 -20.46 -11.82 -2.85
C ASN A 335 -19.54 -13.04 -2.79
N LYS A 336 -19.92 -14.07 -2.06
CA LYS A 336 -19.14 -15.30 -1.90
C LYS A 336 -17.65 -15.04 -1.62
N LEU A 337 -17.37 -14.06 -0.76
CA LEU A 337 -15.99 -13.65 -0.49
C LEU A 337 -15.25 -14.78 0.19
N CYS A 338 -15.74 -15.16 1.37
CA CYS A 338 -15.11 -16.23 2.14
C CYS A 338 -16.02 -17.43 2.27
N GLN A 339 -15.39 -18.52 2.69
CA GLN A 339 -16.06 -19.76 3.06
C GLN A 339 -16.49 -19.72 4.52
N SER A 340 -15.70 -19.04 5.36
CA SER A 340 -15.99 -18.91 6.79
C SER A 340 -15.16 -17.81 7.43
N PHE A 341 -15.67 -17.27 8.55
CA PHE A 341 -14.86 -16.41 9.42
C PHE A 341 -15.39 -16.36 10.84
N GLN A 342 -14.51 -16.09 11.81
CA GLN A 342 -14.95 -15.70 13.15
C GLN A 342 -14.03 -14.64 13.76
N THR A 343 -14.63 -13.77 14.57
CA THR A 343 -13.91 -12.88 15.46
C THR A 343 -13.51 -13.70 16.69
N PHE A 344 -12.45 -13.34 17.43
CA PHE A 344 -12.07 -14.16 18.61
C PHE A 344 -11.91 -13.55 20.01
N ASN A 345 -11.02 -12.56 20.19
CA ASN A 345 -10.60 -12.10 21.53
C ASN A 345 -10.06 -13.21 22.46
N ILE A 346 -8.81 -13.58 22.24
CA ILE A 346 -8.11 -14.59 23.03
C ILE A 346 -7.33 -13.90 24.16
N CYS A 347 -7.63 -14.29 25.40
CA CYS A 347 -7.05 -13.66 26.60
C CYS A 347 -5.95 -14.49 27.22
N TYR A 348 -4.84 -13.83 27.54
CA TYR A 348 -3.79 -14.39 28.37
C TYR A 348 -3.65 -13.44 29.57
N ALA A 349 -2.67 -13.69 30.45
CA ALA A 349 -2.55 -12.92 31.70
C ALA A 349 -2.58 -11.39 31.50
N ASP A 350 -1.50 -10.82 30.96
CA ASP A 350 -1.39 -9.37 30.84
C ASP A 350 -1.46 -8.93 29.38
N THR A 351 -2.02 -9.79 28.53
CA THR A 351 -2.07 -9.54 27.08
C THR A 351 -3.01 -10.53 26.38
N GLY A 352 -3.12 -10.42 25.06
CA GLY A 352 -4.01 -11.30 24.31
C GLY A 352 -4.01 -11.01 22.82
N LEU A 353 -4.91 -11.68 22.10
CA LEU A 353 -5.04 -11.53 20.65
C LEU A 353 -6.48 -11.20 20.32
N LEU A 354 -6.72 -9.98 19.85
CA LEU A 354 -8.06 -9.53 19.48
C LEU A 354 -8.12 -9.36 17.97
N GLY A 355 -8.91 -10.19 17.30
CA GLY A 355 -9.14 -10.00 15.89
C GLY A 355 -10.09 -10.97 15.25
N ALA A 356 -9.60 -11.66 14.21
CA ALA A 356 -10.44 -12.47 13.35
C ALA A 356 -9.63 -13.42 12.50
N HIS A 357 -10.30 -14.49 12.10
CA HIS A 357 -9.73 -15.52 11.25
C HIS A 357 -10.71 -15.68 10.11
N PHE A 358 -10.21 -15.84 8.88
CA PHE A 358 -11.08 -16.20 7.77
C PHE A 358 -10.42 -17.17 6.81
N VAL A 359 -11.26 -17.89 6.08
CA VAL A 359 -10.85 -18.88 5.10
C VAL A 359 -11.54 -18.54 3.78
N CYS A 360 -10.77 -18.29 2.74
CA CYS A 360 -11.35 -17.84 1.49
C CYS A 360 -10.55 -18.26 0.27
N ASP A 361 -11.23 -18.11 -0.86
CA ASP A 361 -10.66 -18.23 -2.20
C ASP A 361 -9.41 -17.35 -2.37
N HIS A 362 -8.48 -17.79 -3.20
CA HIS A 362 -7.22 -17.06 -3.42
C HIS A 362 -7.38 -15.67 -4.05
N MET A 363 -8.54 -15.40 -4.68
CA MET A 363 -8.87 -14.08 -5.23
C MET A 363 -9.69 -13.17 -4.31
N SER A 364 -10.03 -13.64 -3.11
CA SER A 364 -10.90 -12.88 -2.21
C SER A 364 -10.22 -12.28 -0.99
N ILE A 365 -8.92 -12.50 -0.83
CA ILE A 365 -8.24 -12.18 0.44
C ILE A 365 -8.21 -10.67 0.65
N ASP A 366 -7.86 -9.92 -0.40
CA ASP A 366 -7.87 -8.45 -0.34
C ASP A 366 -9.24 -7.89 0.00
N ASP A 367 -10.29 -8.42 -0.63
CA ASP A 367 -11.65 -7.95 -0.36
C ASP A 367 -12.12 -8.33 1.04
N MET A 368 -11.77 -9.53 1.52
CA MET A 368 -12.14 -9.89 2.89
C MET A 368 -11.51 -8.94 3.90
N MET A 369 -10.21 -8.70 3.75
CA MET A 369 -9.47 -7.82 4.66
C MET A 369 -10.05 -6.41 4.68
N PHE A 370 -10.41 -5.90 3.50
CA PHE A 370 -11.00 -4.58 3.34
C PHE A 370 -12.30 -4.41 4.12
N VAL A 371 -13.16 -5.40 4.02
CA VAL A 371 -14.47 -5.35 4.67
C VAL A 371 -14.31 -5.56 6.17
N LEU A 372 -13.42 -6.48 6.58
CA LEU A 372 -13.13 -6.74 8.01
C LEU A 372 -12.58 -5.49 8.70
N GLN A 373 -11.51 -4.96 8.15
CA GLN A 373 -10.94 -3.72 8.66
C GLN A 373 -11.94 -2.56 8.61
N GLY A 374 -12.78 -2.56 7.59
CA GLY A 374 -13.85 -1.58 7.46
C GLY A 374 -14.85 -1.64 8.58
N GLN A 375 -15.15 -2.85 9.04
CA GLN A 375 -16.03 -3.04 10.21
C GLN A 375 -15.39 -2.57 11.50
N TRP A 376 -14.11 -2.88 11.71
CA TRP A 376 -13.39 -2.38 12.87
C TRP A 376 -13.43 -0.86 12.94
N MET A 377 -13.17 -0.19 11.82
CA MET A 377 -13.21 1.27 11.78
C MET A 377 -14.61 1.82 12.05
N ARG A 378 -15.64 1.15 11.53
CA ARG A 378 -17.01 1.62 11.70
C ARG A 378 -17.45 1.53 13.16
N LEU A 379 -17.05 0.46 13.85
CA LEU A 379 -17.32 0.31 15.29
C LEU A 379 -16.57 1.34 16.14
N CYS A 380 -15.29 1.55 15.82
CA CYS A 380 -14.46 2.58 16.47
C CYS A 380 -15.09 3.97 16.36
N THR A 381 -15.41 4.37 15.13
CA THR A 381 -15.82 5.72 14.86
C THR A 381 -17.31 5.97 15.01
N SER A 382 -18.14 4.98 14.67
CA SER A 382 -19.56 5.25 14.40
C SER A 382 -20.55 4.11 14.74
N ALA A 383 -20.25 3.32 15.77
CA ALA A 383 -21.17 2.26 16.22
C ALA A 383 -22.50 2.86 16.67
N THR A 384 -23.60 2.20 16.33
CA THR A 384 -24.95 2.66 16.69
C THR A 384 -25.50 1.98 17.95
N GLU A 385 -26.50 2.60 18.58
CA GLU A 385 -27.09 2.05 19.82
C GLU A 385 -27.80 0.72 19.58
N SER A 386 -28.53 0.63 18.47
CA SER A 386 -29.33 -0.57 18.16
C SER A 386 -28.47 -1.78 17.81
N GLU A 387 -27.33 -1.56 17.17
CA GLU A 387 -26.44 -2.67 16.86
C GLU A 387 -25.63 -3.13 18.07
N VAL A 388 -25.30 -2.18 18.94
CA VAL A 388 -24.68 -2.53 20.22
C VAL A 388 -25.67 -3.30 21.11
N LEU A 389 -26.94 -2.88 21.10
CA LEU A 389 -27.99 -3.63 21.76
C LEU A 389 -28.06 -5.07 21.25
N ARG A 390 -27.96 -5.24 19.92
CA ARG A 390 -27.89 -6.57 19.33
C ARG A 390 -26.68 -7.35 19.87
N GLY A 391 -25.52 -6.71 19.86
CA GLY A 391 -24.30 -7.34 20.35
C GLY A 391 -24.42 -7.77 21.79
N LYS A 392 -25.01 -6.91 22.61
CA LYS A 392 -25.25 -7.22 24.00
C LYS A 392 -26.12 -8.47 24.12
N ASN A 393 -27.25 -8.47 23.44
CA ASN A 393 -28.19 -9.60 23.46
C ASN A 393 -27.58 -10.91 22.98
N LEU A 394 -26.69 -10.83 21.99
CA LEU A 394 -25.92 -12.00 21.54
C LEU A 394 -25.03 -12.52 22.65
N LEU A 395 -24.29 -11.61 23.27
CA LEU A 395 -23.36 -11.96 24.33
C LEU A 395 -24.06 -12.50 25.57
N ARG A 396 -25.18 -11.86 25.95
CA ARG A 396 -26.03 -12.36 27.03
C ARG A 396 -26.38 -13.82 26.76
N ASN A 397 -26.97 -14.06 25.59
CA ASN A 397 -27.31 -15.42 25.13
C ASN A 397 -26.12 -16.36 25.05
N ALA A 398 -24.99 -15.85 24.56
CA ALA A 398 -23.77 -16.63 24.37
C ALA A 398 -23.35 -17.34 25.64
N LEU A 399 -23.11 -16.55 26.69
CA LEU A 399 -22.53 -17.10 27.91
C LEU A 399 -23.54 -17.74 28.86
N VAL A 400 -24.84 -17.47 28.69
CA VAL A 400 -25.88 -18.17 29.45
C VAL A 400 -26.17 -19.58 28.93
N SER A 401 -26.12 -19.76 27.61
CA SER A 401 -26.38 -21.07 27.00
C SER A 401 -25.12 -21.93 26.91
N HIS A 402 -23.95 -21.31 26.93
CA HIS A 402 -22.69 -22.05 27.03
C HIS A 402 -22.59 -22.83 28.36
N LEU A 403 -23.08 -22.24 29.44
CA LEU A 403 -23.06 -22.88 30.77
C LEU A 403 -24.26 -23.80 30.93
N ASP A 404 -24.28 -24.85 30.11
CA ASP A 404 -25.42 -25.77 29.99
C ASP A 404 -24.86 -27.19 30.06
N GLY A 405 -25.21 -27.89 31.14
CA GLY A 405 -24.58 -29.17 31.47
C GLY A 405 -23.49 -28.92 32.50
N THR A 406 -23.10 -29.97 33.19
CA THR A 406 -22.17 -29.84 34.31
C THR A 406 -20.73 -29.59 33.85
N THR A 407 -20.33 -30.14 32.72
CA THR A 407 -18.94 -30.02 32.24
C THR A 407 -18.51 -28.57 31.94
N PRO A 408 -19.27 -27.83 31.10
CA PRO A 408 -18.91 -26.43 30.89
C PRO A 408 -19.01 -25.56 32.15
N VAL A 409 -19.91 -25.91 33.08
CA VAL A 409 -20.03 -25.19 34.34
C VAL A 409 -18.84 -25.51 35.24
N CYS A 410 -18.44 -26.78 35.30
CA CYS A 410 -17.22 -27.20 36.03
C CYS A 410 -15.98 -26.49 35.50
N GLU A 411 -15.90 -26.40 34.16
CA GLU A 411 -14.77 -25.75 33.50
C GLU A 411 -14.74 -24.24 33.74
N ASP A 412 -15.91 -23.61 33.75
CA ASP A 412 -16.04 -22.19 34.06
C ASP A 412 -15.56 -21.91 35.48
N ILE A 413 -15.89 -22.81 36.41
CA ILE A 413 -15.45 -22.70 37.81
C ILE A 413 -13.93 -22.86 37.91
N GLY A 414 -13.41 -23.91 37.28
CA GLY A 414 -11.99 -24.21 37.33
C GLY A 414 -11.12 -23.07 36.83
N ARG A 415 -11.44 -22.58 35.65
CA ARG A 415 -10.61 -21.57 34.99
C ARG A 415 -10.82 -20.15 35.54
N SER A 416 -12.07 -19.78 35.85
CA SER A 416 -12.35 -18.45 36.44
C SER A 416 -11.57 -18.22 37.73
N LEU A 417 -11.46 -19.26 38.57
CA LEU A 417 -10.64 -19.18 39.80
C LEU A 417 -9.16 -18.94 39.50
N LEU A 418 -8.64 -19.50 38.39
CA LEU A 418 -7.27 -19.23 37.94
C LEU A 418 -7.10 -17.84 37.33
N THR A 419 -8.02 -17.43 36.46
CA THR A 419 -7.87 -16.19 35.69
C THR A 419 -8.28 -14.96 36.49
N TYR A 420 -9.47 -15.00 37.08
CA TYR A 420 -10.03 -13.86 37.81
C TYR A 420 -9.76 -13.89 39.31
N GLY A 421 -9.59 -15.09 39.87
CA GLY A 421 -9.49 -15.27 41.32
C GLY A 421 -10.81 -15.64 41.98
N ARG A 422 -11.84 -15.84 41.16
CA ARG A 422 -13.21 -16.09 41.62
C ARG A 422 -14.10 -16.45 40.44
N ARG A 423 -15.26 -17.05 40.70
CA ARG A 423 -16.30 -17.20 39.67
C ARG A 423 -17.17 -15.95 39.68
N ILE A 424 -17.36 -15.37 38.50
CA ILE A 424 -18.14 -14.16 38.33
C ILE A 424 -19.57 -14.61 38.02
N PRO A 425 -20.54 -14.31 38.90
CA PRO A 425 -21.91 -14.78 38.64
C PRO A 425 -22.53 -14.14 37.39
N LEU A 426 -23.55 -14.80 36.85
CA LEU A 426 -24.26 -14.30 35.67
C LEU A 426 -24.87 -12.91 35.91
N ALA A 427 -25.34 -12.65 37.13
CA ALA A 427 -25.90 -11.35 37.49
C ALA A 427 -24.88 -10.21 37.35
N GLU A 428 -23.60 -10.50 37.60
CA GLU A 428 -22.54 -9.49 37.46
C GLU A 428 -22.15 -9.27 36.00
N TRP A 429 -22.06 -10.35 35.23
CA TRP A 429 -21.84 -10.25 33.80
C TRP A 429 -22.91 -9.36 33.18
N GLU A 430 -24.17 -9.62 33.54
CA GLU A 430 -25.31 -8.83 33.06
C GLU A 430 -25.20 -7.34 33.39
N SER A 431 -24.70 -7.02 34.58
CA SER A 431 -24.48 -5.62 34.98
C SER A 431 -23.40 -4.94 34.16
N ARG A 432 -22.33 -5.68 33.86
CA ARG A 432 -21.26 -5.17 33.00
C ARG A 432 -21.72 -4.98 31.56
N ILE A 433 -22.60 -5.87 31.10
CA ILE A 433 -23.14 -5.82 29.75
C ILE A 433 -24.10 -4.64 29.58
N ALA A 434 -25.01 -4.44 30.53
CA ALA A 434 -25.94 -3.29 30.48
C ALA A 434 -25.22 -1.93 30.50
N GLU A 435 -24.05 -1.89 31.15
CA GLU A 435 -23.22 -0.67 31.20
C GLU A 435 -22.65 -0.25 29.84
N VAL A 436 -22.49 -1.20 28.92
CA VAL A 436 -21.98 -0.91 27.57
C VAL A 436 -23.08 -0.27 26.73
N ASP A 437 -22.84 0.94 26.24
CA ASP A 437 -23.67 1.58 25.21
C ASP A 437 -22.79 1.86 24.00
N ALA A 438 -23.37 2.48 22.98
CA ALA A 438 -22.64 2.82 21.73
C ALA A 438 -21.36 3.61 21.97
N ARG A 439 -21.42 4.56 22.91
CA ARG A 439 -20.24 5.36 23.29
C ARG A 439 -19.09 4.50 23.83
N VAL A 440 -19.42 3.51 24.65
CA VAL A 440 -18.42 2.60 25.22
C VAL A 440 -17.75 1.77 24.10
N VAL A 441 -18.57 1.16 23.24
CA VAL A 441 -18.06 0.31 22.16
C VAL A 441 -17.10 1.10 21.26
N ARG A 442 -17.46 2.34 20.96
CA ARG A 442 -16.58 3.25 20.22
C ARG A 442 -15.25 3.43 20.95
N GLU A 443 -15.34 3.96 22.17
CA GLU A 443 -14.15 4.28 22.96
C GLU A 443 -13.26 3.07 23.25
N VAL A 444 -13.87 1.93 23.56
CA VAL A 444 -13.12 0.71 23.83
C VAL A 444 -12.48 0.15 22.55
N CYS A 445 -13.25 0.04 21.46
CA CYS A 445 -12.67 -0.42 20.17
C CYS A 445 -11.57 0.51 19.64
N SER A 446 -11.74 1.82 19.80
CA SER A 446 -10.74 2.80 19.39
C SER A 446 -9.41 2.64 20.16
N LYS A 447 -9.49 2.17 21.40
CA LYS A 447 -8.31 1.92 22.22
C LYS A 447 -7.42 0.84 21.60
N TYR A 448 -8.03 -0.29 21.23
CA TYR A 448 -7.30 -1.49 20.81
C TYR A 448 -7.11 -1.60 19.29
N PHE A 449 -8.12 -1.17 18.51
CA PHE A 449 -8.09 -1.29 17.04
C PHE A 449 -7.54 -0.08 16.31
N TYR A 450 -8.01 1.12 16.66
CA TYR A 450 -7.74 2.29 15.82
C TYR A 450 -6.27 2.72 15.84
N ASP A 451 -5.69 2.82 14.65
CA ASP A 451 -4.29 3.22 14.43
C ASP A 451 -3.30 2.41 15.26
N GLN A 452 -3.49 1.08 15.24
CA GLN A 452 -2.64 0.15 15.98
C GLN A 452 -2.07 -0.91 15.04
N CYS A 453 -0.84 -1.35 15.32
CA CYS A 453 -0.18 -2.37 14.52
C CYS A 453 -0.73 -3.77 14.84
N PRO A 454 -1.28 -4.49 13.83
CA PRO A 454 -1.70 -5.86 14.06
C PRO A 454 -0.61 -6.89 13.82
N ALA A 455 -0.88 -8.13 14.25
CA ALA A 455 -0.11 -9.30 13.83
C ALA A 455 -0.94 -10.05 12.78
N VAL A 456 -0.30 -10.37 11.65
CA VAL A 456 -0.94 -11.10 10.55
C VAL A 456 -0.26 -12.46 10.38
N ALA A 457 -1.07 -13.50 10.21
CA ALA A 457 -0.59 -14.80 9.76
C ALA A 457 -1.45 -15.27 8.59
N GLY A 458 -0.79 -15.66 7.50
CA GLY A 458 -1.45 -16.26 6.34
C GLY A 458 -0.80 -17.58 5.96
N PHE A 459 -1.62 -18.48 5.42
CA PHE A 459 -1.15 -19.81 5.03
C PHE A 459 -1.96 -20.28 3.81
N GLY A 460 -1.28 -20.84 2.82
CA GLY A 460 -1.94 -21.33 1.61
C GLY A 460 -1.68 -20.44 0.39
N PRO A 461 -2.65 -20.36 -0.54
CA PRO A 461 -2.46 -19.53 -1.72
C PRO A 461 -2.72 -18.06 -1.39
N ILE A 462 -1.72 -17.42 -0.78
CA ILE A 462 -1.87 -16.10 -0.19
C ILE A 462 -1.15 -15.00 -0.98
N GLU A 463 -1.03 -15.19 -2.29
CA GLU A 463 -0.41 -14.18 -3.14
C GLU A 463 -1.12 -12.84 -3.05
N GLN A 464 -2.45 -12.88 -2.91
CA GLN A 464 -3.24 -11.66 -2.83
C GLN A 464 -3.20 -11.00 -1.46
N LEU A 465 -3.04 -11.78 -0.39
CA LEU A 465 -2.93 -11.25 0.97
C LEU A 465 -2.22 -9.89 0.99
N PRO A 466 -2.96 -8.81 1.37
CA PRO A 466 -2.40 -7.46 1.32
C PRO A 466 -1.05 -7.28 2.03
N ASP A 467 -0.24 -6.39 1.47
CA ASP A 467 1.02 -5.99 2.08
C ASP A 467 0.78 -5.39 3.47
N TYR A 468 1.71 -5.60 4.40
CA TYR A 468 1.53 -5.15 5.79
C TYR A 468 1.24 -3.64 5.89
N ASN A 469 1.92 -2.82 5.08
CA ASN A 469 1.64 -1.39 5.04
C ASN A 469 0.19 -1.08 4.66
N ARG A 470 -0.35 -1.84 3.73
CA ARG A 470 -1.74 -1.64 3.30
C ARG A 470 -2.69 -2.08 4.39
N ILE A 471 -2.33 -3.16 5.09
CA ILE A 471 -3.08 -3.62 6.26
C ILE A 471 -3.00 -2.58 7.37
N ARG A 472 -1.80 -2.09 7.66
CA ARG A 472 -1.60 -1.13 8.73
C ARG A 472 -2.29 0.20 8.44
N SER A 473 -2.26 0.63 7.18
CA SER A 473 -2.96 1.85 6.76
C SER A 473 -4.48 1.68 6.81
N GLY A 474 -4.94 0.44 6.70
CA GLY A 474 -6.35 0.08 6.87
C GLY A 474 -6.86 0.05 8.30
N MET A 475 -5.98 0.32 9.26
CA MET A 475 -6.36 0.51 10.69
C MET A 475 -6.67 1.96 11.06
N PHE A 476 -6.81 2.84 10.06
CA PHE A 476 -7.35 4.19 10.30
C PHE A 476 -8.11 4.73 9.08
N TRP A 477 -8.93 5.74 9.33
CA TRP A 477 -9.70 6.45 8.32
C TRP A 477 -9.20 7.89 8.28
N LEU A 478 -9.11 8.47 7.08
CA LEU A 478 -8.82 9.90 6.93
C LEU A 478 -10.13 10.71 6.90
N ARG A 479 -10.78 10.76 8.08
CA ARG A 479 -11.99 11.54 8.30
C ARG A 479 -12.25 11.76 9.80
N PHE A 480 -12.35 10.67 10.57
CA PHE A 480 -12.51 10.74 12.03
C PHE A 480 -11.19 11.09 12.70
N HIS B 34 -38.87 -23.74 45.23
CA HIS B 34 -39.76 -24.39 44.20
C HIS B 34 -38.97 -25.28 43.20
N PRO B 35 -38.67 -26.56 43.58
CA PRO B 35 -38.04 -27.50 42.63
C PRO B 35 -39.10 -28.13 41.71
N GLN B 36 -38.85 -28.09 40.41
CA GLN B 36 -39.89 -28.33 39.39
C GLN B 36 -39.70 -29.62 38.59
N ASP B 37 -40.81 -30.29 38.28
CA ASP B 37 -40.82 -31.49 37.42
C ASP B 37 -41.72 -31.28 36.18
N LEU B 38 -41.61 -32.20 35.22
CA LEU B 38 -42.21 -32.02 33.90
C LEU B 38 -43.74 -32.06 33.91
N GLU B 39 -44.36 -31.19 33.14
CA GLU B 39 -45.81 -31.24 32.87
C GLU B 39 -46.04 -31.81 31.47
N PHE B 40 -47.20 -32.43 31.27
CA PHE B 40 -47.50 -33.15 30.02
C PHE B 40 -49.00 -33.10 29.68
N THR B 41 -49.30 -32.90 28.40
CA THR B 41 -50.66 -32.86 27.89
C THR B 41 -50.71 -33.42 26.46
N ARG B 42 -51.78 -34.15 26.15
CA ARG B 42 -52.08 -34.59 24.78
C ARG B 42 -53.49 -34.10 24.44
N LEU B 43 -53.60 -33.18 23.49
CA LEU B 43 -54.89 -32.64 23.07
C LEU B 43 -55.68 -33.69 22.28
N PRO B 44 -57.03 -33.57 22.22
CA PRO B 44 -57.83 -34.58 21.50
C PRO B 44 -57.53 -34.65 19.99
N ASN B 45 -56.95 -33.60 19.41
CA ASN B 45 -56.43 -33.64 18.03
C ASN B 45 -55.10 -34.37 17.82
N GLY B 46 -54.55 -34.99 18.86
CA GLY B 46 -53.33 -35.82 18.78
C GLY B 46 -52.05 -35.19 19.32
N LEU B 47 -52.00 -33.86 19.30
CA LEU B 47 -50.78 -33.09 19.57
C LEU B 47 -50.37 -33.15 21.04
N VAL B 48 -49.07 -33.32 21.28
CA VAL B 48 -48.50 -33.42 22.62
C VAL B 48 -47.83 -32.10 23.00
N ILE B 49 -48.11 -31.60 24.20
CA ILE B 49 -47.39 -30.48 24.79
C ILE B 49 -46.74 -31.00 26.06
N ALA B 50 -45.44 -30.76 26.20
CA ALA B 50 -44.71 -31.09 27.44
C ALA B 50 -43.78 -29.95 27.80
N SER B 51 -43.72 -29.57 29.07
CA SER B 51 -42.94 -28.41 29.48
C SER B 51 -42.56 -28.37 30.95
N LEU B 52 -41.27 -28.21 31.20
CA LEU B 52 -40.73 -28.02 32.53
C LEU B 52 -40.41 -26.54 32.69
N GLU B 53 -41.17 -25.84 33.54
CA GLU B 53 -40.83 -24.48 33.94
C GLU B 53 -39.74 -24.55 35.01
N ASN B 54 -38.50 -24.20 34.65
CA ASN B 54 -37.34 -24.29 35.57
C ASN B 54 -36.76 -22.94 36.03
N TYR B 55 -37.38 -21.83 35.62
CA TYR B 55 -36.97 -20.47 36.02
C TYR B 55 -35.50 -20.13 35.71
N ALA B 56 -34.96 -20.74 34.66
CA ALA B 56 -33.63 -20.41 34.18
C ALA B 56 -33.72 -19.12 33.39
N PRO B 57 -32.58 -18.46 33.09
CA PRO B 57 -32.65 -17.26 32.26
C PRO B 57 -33.05 -17.55 30.80
N ALA B 58 -32.55 -18.67 30.27
CA ALA B 58 -32.78 -19.07 28.88
C ALA B 58 -34.02 -19.97 28.73
N SER B 59 -34.59 -19.95 27.52
CA SER B 59 -35.78 -20.73 27.18
C SER B 59 -35.61 -21.46 25.84
N ARG B 60 -35.67 -22.79 25.88
CA ARG B 60 -35.60 -23.63 24.69
C ARG B 60 -37.01 -24.11 24.36
N ILE B 61 -37.44 -23.95 23.11
CA ILE B 61 -38.73 -24.45 22.64
C ILE B 61 -38.47 -25.29 21.40
N GLY B 62 -39.05 -26.48 21.35
CA GLY B 62 -38.86 -27.42 20.24
C GLY B 62 -40.18 -27.93 19.71
N LEU B 63 -40.41 -27.77 18.41
CA LEU B 63 -41.56 -28.39 17.75
C LEU B 63 -41.08 -29.62 16.99
N PHE B 64 -41.42 -30.80 17.51
CA PHE B 64 -41.00 -32.09 16.95
C PHE B 64 -42.12 -32.64 16.07
N ILE B 65 -41.75 -33.09 14.87
CA ILE B 65 -42.71 -33.48 13.84
C ILE B 65 -42.27 -34.81 13.23
N LYS B 66 -43.20 -35.76 13.07
CA LYS B 66 -42.92 -36.98 12.29
C LYS B 66 -42.85 -36.61 10.80
N ALA B 67 -41.68 -36.15 10.37
CA ALA B 67 -41.47 -35.71 8.99
C ALA B 67 -40.01 -35.88 8.55
N GLY B 68 -39.40 -36.97 9.00
CA GLY B 68 -38.02 -37.29 8.63
C GLY B 68 -37.94 -37.85 7.23
N SER B 69 -36.72 -38.18 6.80
CA SER B 69 -36.45 -38.61 5.43
C SER B 69 -37.25 -39.83 5.01
N ARG B 70 -37.62 -40.68 5.97
CA ARG B 70 -38.42 -41.90 5.70
C ARG B 70 -39.76 -41.66 5.00
N TYR B 71 -40.34 -40.48 5.20
CA TYR B 71 -41.63 -40.15 4.60
C TYR B 71 -41.52 -39.55 3.19
N GLU B 72 -40.33 -39.57 2.60
CA GLU B 72 -40.15 -39.34 1.18
C GLU B 72 -40.41 -40.64 0.43
N ASN B 73 -40.78 -40.53 -0.83
CA ASN B 73 -40.88 -41.66 -1.75
C ASN B 73 -39.91 -41.39 -2.90
N SER B 74 -39.85 -42.29 -3.88
CA SER B 74 -38.91 -42.14 -5.00
C SER B 74 -39.15 -40.92 -5.91
N ASN B 75 -40.35 -40.34 -5.87
CA ASN B 75 -40.66 -39.11 -6.64
C ASN B 75 -40.23 -37.78 -6.02
N ASN B 76 -40.09 -37.72 -4.70
CA ASN B 76 -39.75 -36.46 -4.02
C ASN B 76 -38.54 -36.60 -3.10
N LEU B 77 -37.59 -37.46 -3.49
CA LEU B 77 -36.39 -37.69 -2.69
C LEU B 77 -35.62 -36.40 -2.50
N GLY B 78 -35.08 -36.22 -1.30
CA GLY B 78 -34.40 -34.99 -0.92
C GLY B 78 -35.29 -33.79 -0.64
N THR B 79 -36.61 -33.96 -0.61
CA THR B 79 -37.50 -32.84 -0.34
C THR B 79 -37.31 -32.36 1.10
N SER B 80 -37.26 -33.31 2.04
CA SER B 80 -37.03 -33.00 3.46
C SER B 80 -35.65 -32.38 3.73
N HIS B 81 -34.67 -32.66 2.89
CA HIS B 81 -33.37 -31.98 2.98
C HIS B 81 -33.52 -30.51 2.63
N LEU B 82 -34.21 -30.20 1.53
CA LEU B 82 -34.43 -28.80 1.17
C LEU B 82 -35.26 -28.12 2.24
N LEU B 83 -36.33 -28.79 2.70
CA LEU B 83 -37.17 -28.27 3.77
C LEU B 83 -36.39 -27.92 5.05
N ARG B 84 -35.36 -28.71 5.36
CA ARG B 84 -34.47 -28.45 6.50
C ARG B 84 -33.63 -27.17 6.31
N LEU B 85 -33.19 -26.92 5.08
CA LEU B 85 -32.47 -25.69 4.74
C LEU B 85 -33.40 -24.48 4.58
N ALA B 86 -34.71 -24.70 4.51
CA ALA B 86 -35.67 -23.71 4.01
C ALA B 86 -36.37 -22.85 5.06
N SER B 87 -36.15 -23.09 6.36
CA SER B 87 -36.63 -22.15 7.40
C SER B 87 -35.84 -20.88 7.18
N SER B 88 -36.45 -19.74 7.53
CA SER B 88 -35.91 -18.40 7.15
C SER B 88 -36.18 -17.96 5.70
N LEU B 89 -36.79 -18.82 4.87
CA LEU B 89 -37.52 -18.32 3.71
C LEU B 89 -38.78 -17.62 4.20
N THR B 90 -39.33 -16.78 3.33
CA THR B 90 -40.51 -15.98 3.64
C THR B 90 -41.72 -16.83 4.02
N THR B 91 -42.40 -16.39 5.07
CA THR B 91 -43.64 -16.97 5.56
C THR B 91 -44.77 -15.96 5.33
N LYS B 92 -45.99 -16.32 5.73
CA LYS B 92 -47.15 -15.46 5.52
C LYS B 92 -47.13 -14.27 6.45
N GLY B 93 -46.83 -14.51 7.73
CA GLY B 93 -46.75 -13.47 8.74
C GLY B 93 -45.41 -12.80 8.90
N ALA B 94 -44.38 -13.28 8.22
CA ALA B 94 -43.03 -12.70 8.35
C ALA B 94 -42.17 -12.93 7.12
N SER B 95 -41.40 -11.91 6.74
CA SER B 95 -40.51 -11.99 5.58
C SER B 95 -39.25 -12.80 5.91
N SER B 96 -38.55 -13.20 4.86
CA SER B 96 -37.26 -13.88 4.98
C SER B 96 -36.27 -13.00 5.75
N PHE B 97 -36.32 -11.69 5.44
CA PHE B 97 -35.52 -10.67 6.11
C PHE B 97 -35.83 -10.54 7.60
N LYS B 98 -37.11 -10.50 7.94
CA LYS B 98 -37.57 -10.33 9.33
C LYS B 98 -37.23 -11.53 10.23
N ILE B 99 -37.32 -12.74 9.67
CA ILE B 99 -37.00 -13.96 10.42
C ILE B 99 -35.54 -13.90 10.87
N THR B 100 -34.65 -13.54 9.96
CA THR B 100 -33.23 -13.46 10.27
C THR B 100 -32.94 -12.29 11.22
N ARG B 101 -33.34 -11.09 10.83
CA ARG B 101 -33.06 -9.88 11.61
C ARG B 101 -33.73 -9.87 12.98
N GLY B 102 -34.99 -10.28 13.03
CA GLY B 102 -35.76 -10.26 14.28
C GLY B 102 -35.22 -11.22 15.33
N ILE B 103 -34.79 -12.39 14.90
CA ILE B 103 -34.20 -13.40 15.77
C ILE B 103 -32.81 -12.97 16.23
N GLU B 104 -31.98 -12.52 15.28
CA GLU B 104 -30.64 -12.02 15.61
C GLU B 104 -30.70 -10.80 16.53
N ALA B 105 -31.69 -9.94 16.33
CA ALA B 105 -31.87 -8.71 17.14
C ALA B 105 -31.90 -8.97 18.64
N VAL B 106 -32.54 -10.07 19.02
CA VAL B 106 -32.69 -10.48 20.42
C VAL B 106 -31.72 -11.61 20.83
N GLY B 107 -30.65 -11.80 20.07
CA GLY B 107 -29.61 -12.78 20.41
C GLY B 107 -29.95 -14.24 20.24
N GLY B 108 -31.04 -14.52 19.53
CA GLY B 108 -31.61 -15.87 19.48
C GLY B 108 -31.05 -16.78 18.41
N LYS B 109 -31.57 -18.01 18.40
CA LYS B 109 -31.18 -19.06 17.48
C LYS B 109 -32.43 -19.80 16.99
N LEU B 110 -32.44 -20.18 15.71
CA LEU B 110 -33.45 -21.08 15.15
C LEU B 110 -32.73 -22.19 14.42
N SER B 111 -32.88 -23.43 14.88
CA SER B 111 -32.26 -24.60 14.26
C SER B 111 -33.32 -25.60 13.80
N VAL B 112 -32.95 -26.40 12.79
CA VAL B 112 -33.81 -27.45 12.25
C VAL B 112 -32.99 -28.73 12.14
N THR B 113 -33.47 -29.80 12.80
CA THR B 113 -32.73 -31.04 12.92
C THR B 113 -33.55 -32.21 12.43
N SER B 114 -32.95 -33.02 11.56
CA SER B 114 -33.63 -34.13 10.91
C SER B 114 -32.96 -35.46 11.27
N THR B 115 -33.78 -36.44 11.65
CA THR B 115 -33.36 -37.83 11.70
C THR B 115 -34.07 -38.49 10.51
N ARG B 116 -33.93 -39.80 10.39
CA ARG B 116 -34.72 -40.52 9.40
C ARG B 116 -36.23 -40.48 9.69
N GLU B 117 -36.59 -40.38 10.97
CA GLU B 117 -38.00 -40.43 11.38
C GLU B 117 -38.64 -39.12 11.79
N ASN B 118 -37.87 -38.20 12.37
CA ASN B 118 -38.42 -36.92 12.85
C ASN B 118 -37.72 -35.72 12.27
N MET B 119 -38.41 -34.59 12.31
CA MET B 119 -37.82 -33.28 12.13
C MET B 119 -38.06 -32.50 13.42
N ALA B 120 -37.08 -31.69 13.81
CA ALA B 120 -37.17 -30.91 15.05
C ALA B 120 -36.79 -29.45 14.80
N TYR B 121 -37.77 -28.56 14.95
CA TYR B 121 -37.54 -27.12 14.84
C TYR B 121 -37.36 -26.56 16.24
N THR B 122 -36.20 -25.98 16.52
CA THR B 122 -35.81 -25.57 17.88
C THR B 122 -35.46 -24.09 17.94
N VAL B 123 -35.95 -23.39 18.95
CA VAL B 123 -35.60 -21.97 19.16
C VAL B 123 -35.08 -21.74 20.58
N GLU B 124 -34.04 -20.90 20.67
CA GLU B 124 -33.46 -20.48 21.95
C GLU B 124 -33.54 -18.97 22.05
N CYS B 125 -33.62 -18.47 23.28
CA CYS B 125 -33.44 -17.04 23.57
C CYS B 125 -33.46 -16.84 25.07
N LEU B 126 -33.27 -15.60 25.50
CA LEU B 126 -33.56 -15.22 26.88
C LEU B 126 -35.06 -15.23 27.05
N ARG B 127 -35.51 -15.58 28.26
CA ARG B 127 -36.94 -15.85 28.51
C ARG B 127 -37.92 -14.69 28.22
N ASP B 128 -37.43 -13.45 28.18
CA ASP B 128 -38.26 -12.29 27.83
C ASP B 128 -38.65 -12.19 26.36
N ASP B 129 -37.95 -12.91 25.48
CA ASP B 129 -38.21 -12.86 24.04
C ASP B 129 -38.80 -14.16 23.48
N VAL B 130 -39.36 -15.03 24.32
CA VAL B 130 -39.90 -16.32 23.85
C VAL B 130 -41.10 -16.18 22.92
N ASP B 131 -41.99 -15.24 23.21
CA ASP B 131 -43.18 -15.00 22.38
C ASP B 131 -42.85 -14.38 21.00
N ILE B 132 -41.69 -13.73 20.87
CA ILE B 132 -41.19 -13.25 19.56
C ILE B 132 -40.66 -14.45 18.77
N LEU B 133 -39.80 -15.24 19.40
CA LEU B 133 -39.28 -16.47 18.78
C LEU B 133 -40.36 -17.50 18.47
N MET B 134 -41.35 -17.61 19.34
CA MET B 134 -42.47 -18.53 19.15
C MET B 134 -43.29 -18.13 17.92
N GLU B 135 -43.53 -16.84 17.78
CA GLU B 135 -44.24 -16.31 16.60
C GLU B 135 -43.49 -16.69 15.32
N PHE B 136 -42.17 -16.53 15.31
CA PHE B 136 -41.34 -16.96 14.19
C PHE B 136 -41.38 -18.47 13.97
N LEU B 137 -41.29 -19.24 15.04
CA LEU B 137 -41.34 -20.70 14.94
C LEU B 137 -42.64 -21.20 14.30
N LEU B 138 -43.77 -20.61 14.71
CA LEU B 138 -45.08 -20.99 14.16
C LEU B 138 -45.23 -20.60 12.69
N ASN B 139 -44.80 -19.40 12.34
CA ASN B 139 -44.72 -18.97 10.95
C ASN B 139 -43.93 -19.96 10.08
N VAL B 140 -42.74 -20.35 10.54
CA VAL B 140 -41.85 -21.27 9.80
C VAL B 140 -42.51 -22.62 9.54
N THR B 141 -43.15 -23.17 10.58
CA THR B 141 -43.69 -24.53 10.52
C THR B 141 -45.14 -24.62 10.03
N THR B 142 -46.01 -23.68 10.41
CA THR B 142 -47.44 -23.75 10.02
C THR B 142 -47.83 -22.92 8.81
N ALA B 143 -47.02 -21.94 8.40
CA ALA B 143 -47.38 -21.09 7.25
C ALA B 143 -46.20 -20.60 6.37
N PRO B 144 -45.36 -21.53 5.87
CA PRO B 144 -44.31 -21.15 4.92
C PRO B 144 -44.88 -20.95 3.51
N GLU B 145 -44.39 -19.94 2.79
CA GLU B 145 -44.89 -19.63 1.44
C GLU B 145 -44.18 -20.42 0.34
N PHE B 146 -42.89 -20.74 0.53
CA PHE B 146 -42.09 -21.43 -0.48
C PHE B 146 -42.23 -20.79 -1.86
N ARG B 147 -41.78 -19.55 -1.96
CA ARG B 147 -41.90 -18.77 -3.18
C ARG B 147 -40.93 -19.34 -4.22
N ARG B 148 -41.41 -19.46 -5.45
CA ARG B 148 -40.63 -20.00 -6.59
C ARG B 148 -39.20 -19.47 -6.67
N TRP B 149 -39.05 -18.15 -6.54
CA TRP B 149 -37.74 -17.49 -6.68
C TRP B 149 -36.82 -17.74 -5.47
N GLU B 150 -37.39 -17.76 -4.27
CA GLU B 150 -36.65 -18.10 -3.04
C GLU B 150 -36.23 -19.58 -2.99
N VAL B 151 -37.17 -20.45 -3.38
CA VAL B 151 -36.92 -21.90 -3.41
C VAL B 151 -35.85 -22.23 -4.43
N ALA B 152 -35.93 -21.60 -5.60
CA ALA B 152 -34.95 -21.81 -6.67
C ALA B 152 -33.56 -21.28 -6.29
N ALA B 153 -33.55 -20.10 -5.66
CA ALA B 153 -32.32 -19.48 -5.18
C ALA B 153 -31.58 -20.35 -4.17
N LEU B 154 -32.34 -21.10 -3.38
CA LEU B 154 -31.82 -22.00 -2.36
C LEU B 154 -31.24 -23.34 -2.87
N GLN B 155 -31.55 -23.74 -4.11
CA GLN B 155 -31.16 -25.08 -4.61
C GLN B 155 -29.66 -25.37 -4.50
N PRO B 156 -28.78 -24.39 -4.83
CA PRO B 156 -27.33 -24.63 -4.66
C PRO B 156 -26.89 -24.98 -3.24
N GLN B 157 -27.64 -24.50 -2.25
CA GLN B 157 -27.33 -24.82 -0.85
C GLN B 157 -27.42 -26.33 -0.55
N LEU B 158 -28.22 -27.08 -1.32
CA LEU B 158 -28.28 -28.54 -1.19
C LEU B 158 -26.92 -29.15 -1.49
N ARG B 159 -26.27 -28.63 -2.53
CA ARG B 159 -24.94 -29.09 -2.96
C ARG B 159 -23.86 -28.80 -1.92
N ILE B 160 -23.86 -27.57 -1.39
CA ILE B 160 -22.91 -27.13 -0.36
C ILE B 160 -23.07 -27.92 0.93
N ASP B 161 -24.31 -28.02 1.40
CA ASP B 161 -24.61 -28.70 2.66
C ASP B 161 -24.25 -30.17 2.60
N LYS B 162 -24.57 -30.81 1.49
CA LYS B 162 -24.25 -32.22 1.30
C LYS B 162 -22.74 -32.42 1.17
N ALA B 163 -22.11 -31.60 0.34
CA ALA B 163 -20.66 -31.64 0.15
C ALA B 163 -19.92 -31.61 1.47
N VAL B 164 -20.34 -30.70 2.35
CA VAL B 164 -19.73 -30.52 3.67
C VAL B 164 -19.91 -31.78 4.50
N ALA B 165 -21.15 -32.21 4.65
CA ALA B 165 -21.50 -33.43 5.40
C ALA B 165 -20.72 -34.67 4.93
N LEU B 166 -20.62 -34.85 3.61
CA LEU B 166 -19.89 -35.99 3.04
C LEU B 166 -18.35 -35.89 3.13
N GLN B 167 -17.80 -34.81 3.69
CA GLN B 167 -16.41 -34.82 4.12
C GLN B 167 -16.18 -35.86 5.21
N ASN B 168 -17.17 -36.07 6.09
CA ASN B 168 -17.11 -37.16 7.08
C ASN B 168 -17.40 -38.50 6.40
N PRO B 169 -16.41 -39.43 6.39
CA PRO B 169 -16.70 -40.73 5.75
C PRO B 169 -17.76 -41.59 6.47
N GLN B 170 -18.04 -41.30 7.74
CA GLN B 170 -19.14 -41.95 8.46
C GLN B 170 -20.48 -41.64 7.78
N ALA B 171 -20.63 -40.44 7.24
CA ALA B 171 -21.84 -40.07 6.49
C ALA B 171 -22.04 -40.92 5.23
N HIS B 172 -20.98 -41.16 4.44
CA HIS B 172 -21.05 -42.05 3.26
C HIS B 172 -21.60 -43.42 3.67
N VAL B 173 -20.94 -44.01 4.66
CA VAL B 173 -21.14 -45.40 5.04
C VAL B 173 -22.51 -45.63 5.68
N ILE B 174 -22.91 -44.78 6.61
CA ILE B 174 -24.20 -44.92 7.30
C ILE B 174 -25.36 -44.68 6.32
N GLU B 175 -25.22 -43.72 5.41
CA GLU B 175 -26.25 -43.48 4.39
C GLU B 175 -26.37 -44.65 3.42
N ASN B 176 -25.22 -45.19 3.00
CA ASN B 176 -25.20 -46.43 2.21
C ASN B 176 -25.68 -47.66 2.97
N LEU B 177 -25.27 -47.79 4.23
CA LEU B 177 -25.67 -48.93 5.05
C LEU B 177 -27.18 -49.06 5.08
N HIS B 178 -27.88 -47.95 5.35
CA HIS B 178 -29.34 -47.93 5.37
C HIS B 178 -29.93 -48.27 4.01
N ALA B 179 -29.39 -47.63 2.97
CA ALA B 179 -29.80 -47.89 1.58
C ALA B 179 -29.66 -49.37 1.20
N ALA B 180 -28.60 -50.01 1.69
CA ALA B 180 -28.38 -51.44 1.50
C ALA B 180 -29.36 -52.30 2.30
N ALA B 181 -29.56 -51.92 3.56
CA ALA B 181 -30.35 -52.71 4.50
C ALA B 181 -31.87 -52.64 4.32
N TYR B 182 -32.37 -51.62 3.64
CA TYR B 182 -33.83 -51.43 3.49
C TYR B 182 -34.28 -51.36 2.02
N ARG B 183 -35.55 -51.66 1.80
CA ARG B 183 -36.17 -51.53 0.49
C ARG B 183 -36.76 -50.13 0.29
N ASN B 184 -37.35 -49.57 1.34
CA ASN B 184 -38.10 -48.31 1.23
C ASN B 184 -37.73 -47.19 2.23
N ALA B 185 -38.42 -47.08 3.37
CA ALA B 185 -38.53 -45.79 4.08
C ALA B 185 -37.23 -45.36 4.76
N LEU B 186 -36.69 -46.25 5.59
CA LEU B 186 -35.44 -45.98 6.29
C LEU B 186 -34.23 -46.01 5.37
N ALA B 187 -34.36 -46.64 4.20
CA ALA B 187 -33.34 -46.60 3.13
C ALA B 187 -33.01 -45.19 2.69
N ASN B 188 -34.00 -44.31 2.70
CA ASN B 188 -33.82 -42.93 2.28
C ASN B 188 -32.70 -42.24 3.02
N SER B 189 -31.96 -41.41 2.28
CA SER B 189 -30.86 -40.63 2.81
C SER B 189 -31.38 -39.34 3.40
N LEU B 190 -30.70 -38.85 4.43
CA LEU B 190 -30.96 -37.52 5.00
C LEU B 190 -30.61 -36.37 4.02
N TYR B 191 -29.67 -36.63 3.12
CA TYR B 191 -29.23 -35.68 2.12
C TYR B 191 -29.81 -36.00 0.73
N CYS B 192 -30.04 -34.94 -0.04
CA CYS B 192 -30.77 -34.98 -1.30
C CYS B 192 -29.88 -35.63 -2.33
N PRO B 193 -30.37 -36.66 -3.04
CA PRO B 193 -29.55 -37.27 -4.10
C PRO B 193 -29.17 -36.28 -5.20
N ASP B 194 -27.97 -36.41 -5.75
CA ASP B 194 -27.42 -35.40 -6.66
C ASP B 194 -28.35 -35.02 -7.80
N TYR B 195 -29.01 -36.01 -8.40
CA TYR B 195 -29.93 -35.78 -9.52
C TYR B 195 -31.13 -34.89 -9.19
N ARG B 196 -31.56 -34.91 -7.93
CA ARG B 196 -32.67 -34.08 -7.48
C ARG B 196 -32.30 -32.63 -7.16
N ILE B 197 -31.00 -32.36 -7.00
CA ILE B 197 -30.53 -31.03 -6.63
C ILE B 197 -30.79 -30.09 -7.80
N GLY B 198 -31.51 -29.00 -7.53
CA GLY B 198 -31.96 -28.09 -8.57
C GLY B 198 -33.37 -28.38 -9.06
N LYS B 199 -33.97 -29.46 -8.57
CA LYS B 199 -35.27 -29.95 -9.06
C LYS B 199 -36.34 -30.18 -7.99
N VAL B 200 -36.06 -29.86 -6.73
CA VAL B 200 -37.06 -29.96 -5.67
C VAL B 200 -37.96 -28.73 -5.83
N THR B 201 -39.24 -28.96 -6.14
CA THR B 201 -40.15 -27.88 -6.51
C THR B 201 -40.81 -27.27 -5.28
N PRO B 202 -41.32 -26.02 -5.41
CA PRO B 202 -42.19 -25.44 -4.41
C PRO B 202 -43.40 -26.31 -4.05
N VAL B 203 -44.06 -26.89 -5.06
CA VAL B 203 -45.23 -27.76 -4.82
C VAL B 203 -44.88 -28.92 -3.89
N GLU B 204 -43.73 -29.54 -4.14
CA GLU B 204 -43.24 -30.65 -3.32
C GLU B 204 -42.99 -30.25 -1.87
N LEU B 205 -42.45 -29.07 -1.67
CA LEU B 205 -42.24 -28.54 -0.32
C LEU B 205 -43.57 -28.26 0.38
N HIS B 206 -44.51 -27.62 -0.33
CA HIS B 206 -45.87 -27.41 0.20
C HIS B 206 -46.53 -28.74 0.55
N ASP B 207 -46.55 -29.66 -0.41
CA ASP B 207 -47.09 -31.02 -0.21
C ASP B 207 -46.51 -31.70 1.04
N TYR B 208 -45.19 -31.67 1.17
CA TYR B 208 -44.50 -32.32 2.28
C TYR B 208 -44.93 -31.77 3.63
N VAL B 209 -45.06 -30.44 3.72
CA VAL B 209 -45.46 -29.76 4.96
C VAL B 209 -46.93 -30.05 5.26
N GLN B 210 -47.78 -29.82 4.26
CA GLN B 210 -49.22 -30.01 4.39
C GLN B 210 -49.62 -31.45 4.75
N ASN B 211 -48.84 -32.43 4.27
CA ASN B 211 -49.10 -33.85 4.55
C ASN B 211 -48.41 -34.41 5.81
N HIS B 212 -47.35 -33.77 6.29
CA HIS B 212 -46.61 -34.29 7.46
C HIS B 212 -46.60 -33.41 8.71
N PHE B 213 -46.66 -32.09 8.54
CA PHE B 213 -46.69 -31.15 9.66
C PHE B 213 -48.14 -31.00 10.10
N THR B 214 -48.60 -31.94 10.94
CA THR B 214 -50.00 -31.96 11.42
C THR B 214 -50.09 -32.24 12.91
N SER B 215 -51.20 -31.84 13.53
CA SER B 215 -51.40 -31.98 14.96
C SER B 215 -51.18 -33.40 15.47
N ALA B 216 -51.68 -34.39 14.72
CA ALA B 216 -51.52 -35.81 15.08
C ALA B 216 -50.07 -36.33 15.02
N ARG B 217 -49.16 -35.54 14.43
CA ARG B 217 -47.77 -35.94 14.23
C ARG B 217 -46.77 -35.01 14.93
N MET B 218 -47.28 -34.09 15.75
CA MET B 218 -46.48 -32.99 16.31
C MET B 218 -46.46 -32.98 17.84
N ALA B 219 -45.29 -32.69 18.40
CA ALA B 219 -45.14 -32.49 19.85
C ALA B 219 -44.37 -31.18 20.11
N LEU B 220 -44.99 -30.28 20.88
CA LEU B 220 -44.43 -28.98 21.22
C LEU B 220 -43.82 -29.00 22.63
N ILE B 221 -42.49 -29.03 22.70
CA ILE B 221 -41.76 -29.17 23.96
C ILE B 221 -41.15 -27.84 24.39
N GLY B 222 -41.05 -27.60 25.71
CA GLY B 222 -40.53 -26.34 26.24
C GLY B 222 -39.78 -26.41 27.57
N LEU B 223 -38.69 -25.64 27.66
CA LEU B 223 -38.02 -25.32 28.94
C LEU B 223 -38.16 -23.82 29.21
N GLY B 224 -38.25 -23.44 30.48
CA GLY B 224 -38.31 -22.03 30.87
C GLY B 224 -39.51 -21.28 30.34
N VAL B 225 -40.66 -21.94 30.35
CA VAL B 225 -41.92 -21.36 29.91
C VAL B 225 -43.06 -22.11 30.60
N SER B 226 -44.16 -21.40 30.89
CA SER B 226 -45.28 -22.01 31.60
C SER B 226 -46.06 -22.94 30.66
N HIS B 227 -46.58 -24.02 31.22
CA HIS B 227 -47.33 -25.02 30.46
C HIS B 227 -48.65 -24.48 29.93
N PRO B 228 -49.41 -23.72 30.75
CA PRO B 228 -50.67 -23.18 30.26
C PRO B 228 -50.56 -22.30 29.02
N VAL B 229 -49.53 -21.44 28.94
CA VAL B 229 -49.40 -20.56 27.77
C VAL B 229 -48.91 -21.30 26.51
N LEU B 230 -48.13 -22.37 26.69
CA LEU B 230 -47.79 -23.28 25.58
C LEU B 230 -49.03 -23.99 25.05
N LYS B 231 -49.83 -24.56 25.96
CA LYS B 231 -51.08 -25.23 25.62
C LYS B 231 -51.99 -24.34 24.76
N GLN B 232 -52.16 -23.08 25.19
CA GLN B 232 -53.03 -22.12 24.51
C GLN B 232 -52.50 -21.71 23.14
N VAL B 233 -51.18 -21.66 23.00
CA VAL B 233 -50.56 -21.46 21.69
C VAL B 233 -50.82 -22.67 20.79
N ALA B 234 -50.68 -23.87 21.35
CA ALA B 234 -50.91 -25.10 20.59
C ALA B 234 -52.36 -25.30 20.15
N GLU B 235 -53.30 -24.82 20.96
CA GLU B 235 -54.73 -24.85 20.60
C GLU B 235 -55.09 -23.82 19.51
N GLN B 236 -54.47 -22.65 19.57
CA GLN B 236 -54.84 -21.51 18.71
C GLN B 236 -54.02 -21.43 17.41
N PHE B 237 -52.79 -21.90 17.44
CA PHE B 237 -51.91 -21.83 16.27
C PHE B 237 -51.39 -23.18 15.75
N LEU B 238 -51.64 -24.27 16.48
CA LEU B 238 -51.09 -25.57 16.10
C LEU B 238 -52.17 -26.65 15.94
N ASN B 239 -53.44 -26.24 15.98
CA ASN B 239 -54.55 -27.13 15.62
C ASN B 239 -54.68 -27.06 14.10
N ILE B 240 -54.05 -28.00 13.42
CA ILE B 240 -54.11 -28.09 11.96
C ILE B 240 -54.37 -29.55 11.56
N ARG B 241 -55.28 -29.76 10.60
CA ARG B 241 -55.84 -31.09 10.32
C ARG B 241 -54.85 -32.01 9.63
N GLY B 242 -55.11 -33.31 9.77
CA GLY B 242 -54.16 -34.37 9.43
C GLY B 242 -53.83 -34.55 7.96
N GLY B 243 -52.83 -35.38 7.70
CA GLY B 243 -52.40 -35.71 6.34
C GLY B 243 -51.59 -36.98 6.33
N ALA B 249 -46.11 -46.22 5.43
CA ALA B 249 -45.79 -47.62 5.13
C ALA B 249 -44.63 -48.13 5.97
N LYS B 250 -44.68 -49.42 6.31
CA LYS B 250 -43.67 -50.04 7.19
C LYS B 250 -42.35 -50.28 6.47
N ALA B 251 -41.24 -50.13 7.20
CA ALA B 251 -39.90 -50.27 6.66
C ALA B 251 -39.57 -51.75 6.44
N LYS B 252 -39.39 -52.13 5.18
CA LYS B 252 -39.05 -53.51 4.84
C LYS B 252 -37.53 -53.68 4.87
N TYR B 253 -37.02 -54.51 5.79
CA TYR B 253 -35.61 -54.89 5.80
C TYR B 253 -35.34 -55.81 4.60
N HIS B 254 -34.16 -55.64 4.01
CA HIS B 254 -33.77 -56.31 2.78
C HIS B 254 -32.51 -57.14 3.03
N GLY B 255 -31.43 -56.47 3.40
CA GLY B 255 -30.12 -57.10 3.50
C GLY B 255 -29.44 -57.01 2.16
N GLY B 256 -28.45 -56.12 2.06
CA GLY B 256 -27.66 -55.97 0.84
C GLY B 256 -26.29 -55.45 1.19
N GLU B 257 -25.53 -55.02 0.18
CA GLU B 257 -24.25 -54.35 0.41
C GLU B 257 -23.94 -53.30 -0.63
N ILE B 258 -23.28 -52.23 -0.20
CA ILE B 258 -22.86 -51.15 -1.08
C ILE B 258 -21.38 -50.85 -0.81
N ARG B 259 -20.62 -50.67 -1.88
CA ARG B 259 -19.16 -50.65 -1.80
C ARG B 259 -18.57 -49.46 -2.55
N GLU B 260 -18.18 -48.42 -1.83
CA GLU B 260 -17.56 -47.25 -2.45
C GLU B 260 -16.06 -47.45 -2.64
N GLN B 261 -15.66 -47.71 -3.88
CA GLN B 261 -14.24 -47.80 -4.23
C GLN B 261 -13.71 -46.38 -4.46
N ASN B 262 -12.75 -45.96 -3.63
CA ASN B 262 -12.18 -44.61 -3.73
C ASN B 262 -10.67 -44.44 -3.43
N GLY B 263 -9.93 -45.52 -3.23
CA GLY B 263 -8.49 -45.42 -3.02
C GLY B 263 -7.93 -44.71 -1.77
N ASP B 264 -8.74 -44.53 -0.71
CA ASP B 264 -8.20 -44.09 0.59
C ASP B 264 -7.34 -45.19 1.19
N SER B 265 -6.34 -44.80 1.95
CA SER B 265 -5.51 -45.77 2.68
C SER B 265 -6.25 -46.37 3.87
N LEU B 266 -7.34 -45.74 4.31
CA LEU B 266 -8.22 -46.31 5.35
C LEU B 266 -9.56 -46.77 4.78
N VAL B 267 -10.05 -47.91 5.28
CA VAL B 267 -11.34 -48.46 4.88
C VAL B 267 -12.33 -48.37 6.05
N HIS B 268 -13.32 -47.50 5.88
CA HIS B 268 -14.51 -47.49 6.74
C HIS B 268 -15.42 -48.60 6.29
N ALA B 269 -16.03 -49.29 7.24
CA ALA B 269 -16.92 -50.40 6.95
C ALA B 269 -17.87 -50.66 8.12
N ALA B 270 -19.11 -51.02 7.81
CA ALA B 270 -20.12 -51.32 8.80
C ALA B 270 -20.85 -52.60 8.39
N LEU B 271 -21.06 -53.49 9.36
CA LEU B 271 -21.80 -54.74 9.14
C LEU B 271 -22.88 -54.85 10.21
N VAL B 272 -24.14 -54.90 9.78
CA VAL B 272 -25.29 -54.93 10.69
C VAL B 272 -26.32 -55.98 10.27
N ALA B 273 -27.17 -56.34 11.23
CA ALA B 273 -28.31 -57.20 11.00
C ALA B 273 -29.53 -56.55 11.62
N GLU B 274 -30.72 -57.04 11.27
CA GLU B 274 -31.95 -56.42 11.78
C GLU B 274 -32.07 -56.62 13.29
N SER B 275 -32.37 -55.54 13.99
CA SER B 275 -32.21 -55.42 15.43
C SER B 275 -33.59 -55.50 16.10
N ALA B 276 -34.08 -54.40 16.67
CA ALA B 276 -35.39 -54.40 17.32
C ALA B 276 -35.96 -52.98 17.40
N ALA B 277 -37.28 -52.88 17.35
CA ALA B 277 -37.97 -51.59 17.33
C ALA B 277 -37.83 -50.88 18.67
N ILE B 278 -37.61 -49.56 18.60
CA ILE B 278 -37.45 -48.73 19.79
C ILE B 278 -38.77 -48.74 20.56
N GLY B 279 -38.68 -48.87 21.88
CA GLY B 279 -39.87 -49.04 22.72
C GLY B 279 -40.08 -50.47 23.17
N SER B 280 -39.71 -51.45 22.34
CA SER B 280 -39.72 -52.85 22.75
C SER B 280 -38.61 -53.16 23.76
N ALA B 281 -38.84 -54.16 24.59
CA ALA B 281 -37.88 -54.57 25.62
C ALA B 281 -36.62 -55.19 25.00
N GLU B 282 -36.76 -55.85 23.85
CA GLU B 282 -35.59 -56.44 23.17
C GLU B 282 -34.56 -55.39 22.81
N ALA B 283 -35.03 -54.18 22.46
CA ALA B 283 -34.14 -53.06 22.12
C ALA B 283 -33.15 -52.76 23.25
N ASN B 284 -33.62 -52.80 24.49
CA ASN B 284 -32.76 -52.61 25.66
C ASN B 284 -31.63 -53.65 25.73
N ALA B 285 -31.94 -54.89 25.34
CA ALA B 285 -30.92 -55.95 25.27
C ALA B 285 -29.81 -55.62 24.27
N PHE B 286 -30.18 -55.08 23.11
CA PHE B 286 -29.21 -54.65 22.10
C PHE B 286 -28.33 -53.50 22.60
N SER B 287 -28.94 -52.53 23.26
CA SER B 287 -28.22 -51.42 23.89
C SER B 287 -27.18 -51.90 24.92
N VAL B 288 -27.51 -52.92 25.70
CA VAL B 288 -26.55 -53.51 26.64
C VAL B 288 -25.45 -54.28 25.89
N LEU B 289 -25.83 -55.10 24.92
CA LEU B 289 -24.88 -55.78 24.03
C LEU B 289 -23.91 -54.79 23.37
N GLN B 290 -24.42 -53.64 22.96
CA GLN B 290 -23.60 -52.57 22.40
C GLN B 290 -22.46 -52.16 23.34
N HIS B 291 -22.79 -51.97 24.62
CA HIS B 291 -21.81 -51.53 25.63
C HIS B 291 -20.95 -52.65 26.18
N VAL B 292 -21.41 -53.90 26.06
CA VAL B 292 -20.55 -55.08 26.31
C VAL B 292 -19.44 -55.13 25.29
N LEU B 293 -19.81 -54.99 24.02
CA LEU B 293 -18.88 -55.06 22.90
C LEU B 293 -17.95 -53.86 22.85
N GLY B 294 -18.50 -52.67 23.08
CA GLY B 294 -17.74 -51.43 23.06
C GLY B 294 -18.39 -50.41 22.14
N ALA B 295 -18.75 -49.26 22.70
CA ALA B 295 -19.53 -48.25 21.98
C ALA B 295 -18.87 -46.88 22.15
N GLY B 296 -17.62 -46.77 21.74
CA GLY B 296 -16.92 -45.49 21.76
C GLY B 296 -16.21 -45.24 23.08
N PRO B 297 -15.29 -44.26 23.07
CA PRO B 297 -14.22 -44.16 24.07
C PRO B 297 -14.63 -43.46 25.36
N HIS B 298 -13.97 -43.86 26.45
CA HIS B 298 -14.22 -43.27 27.77
C HIS B 298 -13.03 -42.44 28.27
N VAL B 299 -11.82 -42.93 28.04
CA VAL B 299 -10.59 -42.22 28.42
C VAL B 299 -9.95 -41.60 27.19
N LYS B 300 -9.46 -40.38 27.31
CA LYS B 300 -8.77 -39.70 26.22
C LYS B 300 -7.44 -40.39 25.93
N ARG B 301 -7.19 -40.67 24.66
CA ARG B 301 -6.00 -41.41 24.21
C ARG B 301 -5.86 -42.81 24.85
N GLY B 302 -6.97 -43.37 25.31
CA GLY B 302 -6.97 -44.62 26.04
C GLY B 302 -6.93 -45.81 25.11
N SER B 303 -6.49 -46.95 25.63
CA SER B 303 -6.45 -48.21 24.88
C SER B 303 -7.72 -49.07 24.96
N ASN B 304 -8.76 -48.58 25.64
CA ASN B 304 -10.06 -49.28 25.73
C ASN B 304 -9.96 -50.70 26.27
N ALA B 305 -9.56 -50.80 27.53
CA ALA B 305 -9.25 -52.09 28.17
C ALA B 305 -10.47 -52.98 28.44
N THR B 306 -11.64 -52.36 28.65
CA THR B 306 -12.89 -53.10 28.89
C THR B 306 -13.70 -53.36 27.61
N SER B 307 -13.37 -52.68 26.51
CA SER B 307 -14.09 -52.87 25.24
C SER B 307 -13.74 -54.21 24.60
N SER B 308 -14.74 -55.10 24.54
CA SER B 308 -14.59 -56.46 24.02
C SER B 308 -14.16 -56.52 22.55
N LEU B 309 -14.76 -55.69 21.70
CA LEU B 309 -14.40 -55.60 20.28
C LEU B 309 -12.99 -55.10 20.06
N TYR B 310 -12.66 -53.98 20.70
CA TYR B 310 -11.37 -53.30 20.49
C TYR B 310 -10.19 -54.19 20.86
N GLN B 311 -10.32 -54.92 21.97
CA GLN B 311 -9.29 -55.87 22.40
C GLN B 311 -9.23 -57.11 21.51
N ALA B 312 -10.38 -57.57 21.02
CA ALA B 312 -10.44 -58.71 20.11
C ALA B 312 -9.71 -58.40 18.82
N VAL B 313 -9.91 -57.20 18.29
CA VAL B 313 -9.23 -56.74 17.08
C VAL B 313 -7.76 -56.43 17.35
N ALA B 314 -7.48 -55.73 18.46
CA ALA B 314 -6.10 -55.34 18.82
C ALA B 314 -5.17 -56.51 19.14
N LYS B 315 -5.71 -57.69 19.43
CA LYS B 315 -4.92 -58.90 19.64
C LYS B 315 -4.13 -59.25 18.38
N GLY B 316 -4.82 -59.29 17.24
CA GLY B 316 -4.21 -59.64 15.95
C GLY B 316 -3.46 -58.54 15.24
N VAL B 317 -4.02 -57.33 15.21
CA VAL B 317 -3.49 -56.21 14.40
C VAL B 317 -3.18 -54.96 15.25
N HIS B 318 -1.91 -54.54 15.28
CA HIS B 318 -1.43 -53.43 16.12
C HIS B 318 -1.27 -52.07 15.40
N GLN B 319 -1.38 -52.05 14.07
CA GLN B 319 -1.39 -50.79 13.29
C GLN B 319 -2.66 -49.99 13.57
N PRO B 320 -2.71 -48.71 13.14
CA PRO B 320 -3.87 -47.85 13.46
C PRO B 320 -5.23 -48.44 13.04
N PHE B 321 -6.19 -48.42 13.97
CA PHE B 321 -7.57 -48.85 13.69
C PHE B 321 -8.55 -48.34 14.75
N ASP B 322 -9.84 -48.47 14.45
CA ASP B 322 -10.92 -48.22 15.40
C ASP B 322 -12.12 -49.13 15.09
N VAL B 323 -12.78 -49.61 16.14
CA VAL B 323 -13.97 -50.43 16.02
C VAL B 323 -14.97 -50.10 17.14
N SER B 324 -16.25 -50.13 16.80
CA SER B 324 -17.31 -49.86 17.76
C SER B 324 -18.58 -50.59 17.36
N ALA B 325 -19.37 -50.98 18.35
CA ALA B 325 -20.70 -51.53 18.09
C ALA B 325 -21.60 -50.39 17.59
N PHE B 326 -22.43 -50.72 16.61
CA PHE B 326 -23.37 -49.78 15.99
C PHE B 326 -24.76 -50.25 16.35
N ASN B 327 -25.58 -49.35 16.92
CA ASN B 327 -26.96 -49.66 17.27
C ASN B 327 -27.90 -48.50 16.98
N ALA B 328 -28.62 -48.61 15.87
CA ALA B 328 -29.73 -47.71 15.54
C ALA B 328 -31.03 -48.40 15.89
N SER B 329 -32.02 -47.62 16.30
CA SER B 329 -33.31 -48.16 16.72
C SER B 329 -34.42 -47.21 16.31
N TYR B 330 -35.42 -47.73 15.60
CA TYR B 330 -36.48 -46.93 14.99
C TYR B 330 -37.85 -47.47 15.39
N SER B 331 -38.92 -46.81 14.92
CA SER B 331 -40.29 -47.22 15.21
C SER B 331 -40.63 -48.61 14.66
N ASP B 332 -40.29 -48.87 13.40
CA ASP B 332 -40.59 -50.15 12.74
C ASP B 332 -39.51 -51.21 12.95
N SER B 333 -38.26 -50.77 13.04
CA SER B 333 -37.13 -51.66 12.84
C SER B 333 -35.91 -51.16 13.60
N GLY B 334 -34.78 -51.81 13.37
CA GLY B 334 -33.51 -51.35 13.91
C GLY B 334 -32.36 -52.04 13.20
N LEU B 335 -31.17 -51.48 13.33
CA LEU B 335 -29.95 -52.11 12.85
C LEU B 335 -28.98 -52.20 14.01
N PHE B 336 -28.40 -53.38 14.21
CA PHE B 336 -27.33 -53.57 15.18
C PHE B 336 -26.16 -54.28 14.51
N GLY B 337 -24.96 -53.82 14.82
CA GLY B 337 -23.76 -54.49 14.34
C GLY B 337 -22.50 -53.83 14.83
N PHE B 338 -21.58 -53.55 13.91
CA PHE B 338 -20.35 -52.84 14.26
C PHE B 338 -19.75 -52.11 13.06
N TYR B 339 -18.97 -51.07 13.36
CA TYR B 339 -18.33 -50.21 12.38
C TYR B 339 -16.82 -50.33 12.58
N THR B 340 -16.08 -50.64 11.51
CA THR B 340 -14.62 -50.69 11.56
C THR B 340 -14.04 -49.52 10.81
N ILE B 341 -12.90 -49.04 11.29
CA ILE B 341 -12.00 -48.19 10.51
C ILE B 341 -10.65 -48.86 10.60
N SER B 342 -10.10 -49.23 9.44
CA SER B 342 -8.90 -50.06 9.37
C SER B 342 -8.07 -49.67 8.14
N GLN B 343 -6.82 -50.13 8.12
CA GLN B 343 -5.96 -49.97 6.96
C GLN B 343 -6.54 -50.84 5.83
N ALA B 344 -6.36 -50.40 4.58
CA ALA B 344 -6.93 -51.08 3.43
C ALA B 344 -6.61 -52.56 3.39
N ALA B 345 -5.34 -52.91 3.59
CA ALA B 345 -4.88 -54.30 3.53
C ALA B 345 -5.37 -55.19 4.68
N SER B 346 -5.62 -54.59 5.85
CA SER B 346 -6.05 -55.32 7.06
C SER B 346 -7.58 -55.33 7.31
N ALA B 347 -8.37 -54.75 6.41
CA ALA B 347 -9.84 -54.67 6.57
C ALA B 347 -10.48 -56.04 6.75
N GLY B 348 -10.03 -57.02 5.97
CA GLY B 348 -10.46 -58.40 6.10
C GLY B 348 -10.27 -58.93 7.51
N ASP B 349 -9.05 -58.79 8.02
CA ASP B 349 -8.68 -59.29 9.35
C ASP B 349 -9.48 -58.62 10.48
N VAL B 350 -9.63 -57.30 10.40
CA VAL B 350 -10.32 -56.51 11.43
C VAL B 350 -11.81 -56.86 11.52
N ILE B 351 -12.48 -56.96 10.38
CA ILE B 351 -13.92 -57.24 10.33
C ILE B 351 -14.23 -58.64 10.84
N LYS B 352 -13.46 -59.63 10.36
CA LYS B 352 -13.60 -61.01 10.82
C LYS B 352 -13.32 -61.18 12.31
N ALA B 353 -12.27 -60.51 12.80
CA ALA B 353 -11.97 -60.49 14.23
C ALA B 353 -13.13 -59.93 15.07
N ALA B 354 -13.68 -58.79 14.62
CA ALA B 354 -14.84 -58.17 15.26
C ALA B 354 -16.08 -59.07 15.24
N TYR B 355 -16.33 -59.71 14.09
CA TYR B 355 -17.48 -60.59 13.91
C TYR B 355 -17.37 -61.85 14.78
N ASN B 356 -16.15 -62.39 14.89
CA ASN B 356 -15.84 -63.50 15.81
C ASN B 356 -16.11 -63.18 17.26
N GLN B 357 -15.89 -61.93 17.66
CA GLN B 357 -16.13 -61.53 19.03
C GLN B 357 -17.62 -61.58 19.38
N VAL B 358 -18.47 -61.25 18.40
CA VAL B 358 -19.92 -61.29 18.60
C VAL B 358 -20.39 -62.76 18.68
N LYS B 359 -19.75 -63.64 17.90
CA LYS B 359 -20.05 -65.07 17.91
C LYS B 359 -19.78 -65.76 19.25
N THR B 360 -18.69 -65.40 19.93
CA THR B 360 -18.41 -65.94 21.27
C THR B 360 -19.41 -65.40 22.30
N ILE B 361 -19.84 -64.15 22.16
CA ILE B 361 -20.91 -63.58 23.02
C ILE B 361 -22.22 -64.34 22.76
N ALA B 362 -22.51 -64.62 21.49
CA ALA B 362 -23.69 -65.38 21.08
C ALA B 362 -23.65 -66.85 21.49
N GLN B 363 -22.46 -67.44 21.50
CA GLN B 363 -22.27 -68.82 21.96
C GLN B 363 -22.45 -69.00 23.47
N GLY B 364 -22.31 -67.92 24.23
CA GLY B 364 -22.52 -67.93 25.68
C GLY B 364 -21.40 -67.40 26.55
N ASN B 365 -20.29 -66.94 25.96
CA ASN B 365 -19.13 -66.43 26.73
C ASN B 365 -19.34 -64.99 27.19
N LEU B 366 -19.91 -64.83 28.38
CA LEU B 366 -20.34 -63.53 28.86
C LEU B 366 -20.55 -63.56 30.37
N SER B 367 -19.66 -62.92 31.14
CA SER B 367 -19.76 -62.92 32.60
C SER B 367 -20.52 -61.70 33.12
N ASN B 368 -21.11 -61.84 34.31
CA ASN B 368 -21.81 -60.73 35.01
C ASN B 368 -21.00 -59.42 35.12
N PRO B 369 -19.72 -59.47 35.55
CA PRO B 369 -18.92 -58.23 35.60
C PRO B 369 -18.86 -57.42 34.29
N ASP B 370 -18.91 -58.10 33.14
CA ASP B 370 -19.00 -57.43 31.85
C ASP B 370 -20.37 -56.78 31.66
N VAL B 371 -21.42 -57.55 31.93
CA VAL B 371 -22.81 -57.09 31.73
C VAL B 371 -23.19 -56.03 32.75
N GLN B 372 -22.56 -56.08 33.93
CA GLN B 372 -22.76 -55.06 34.96
C GLN B 372 -22.08 -53.76 34.53
N ALA B 373 -20.83 -53.88 34.07
CA ALA B 373 -20.06 -52.74 33.55
C ALA B 373 -20.76 -52.09 32.36
N ALA B 374 -21.21 -52.92 31.42
CA ALA B 374 -21.95 -52.45 30.25
C ALA B 374 -23.23 -51.70 30.64
N LYS B 375 -23.94 -52.19 31.66
CA LYS B 375 -25.13 -51.50 32.17
C LYS B 375 -24.75 -50.16 32.78
N ASN B 376 -23.71 -50.15 33.61
CA ASN B 376 -23.21 -48.90 34.20
C ASN B 376 -22.82 -47.86 33.15
N LYS B 377 -22.29 -48.30 32.01
CA LYS B 377 -21.97 -47.39 30.89
C LYS B 377 -23.25 -46.79 30.32
N LEU B 378 -24.15 -47.67 29.88
CA LEU B 378 -25.44 -47.28 29.30
C LEU B 378 -26.27 -46.39 30.25
N LYS B 379 -26.37 -46.80 31.51
CA LYS B 379 -27.06 -46.02 32.55
C LYS B 379 -26.45 -44.62 32.68
N ALA B 380 -25.12 -44.56 32.72
CA ALA B 380 -24.39 -43.29 32.85
C ALA B 380 -24.49 -42.45 31.57
N GLY B 381 -24.33 -43.09 30.42
CA GLY B 381 -24.46 -42.42 29.13
C GLY B 381 -25.80 -41.75 28.91
N TYR B 382 -26.89 -42.42 29.33
CA TYR B 382 -28.24 -41.87 29.18
C TYR B 382 -28.46 -40.65 30.06
N LEU B 383 -28.08 -40.75 31.34
CA LEU B 383 -28.22 -39.62 32.26
C LEU B 383 -27.35 -38.44 31.84
N MET B 384 -26.15 -38.74 31.33
CA MET B 384 -25.27 -37.71 30.77
C MET B 384 -25.82 -37.07 29.50
N SER B 385 -26.51 -37.84 28.65
CA SER B 385 -27.11 -37.28 27.44
C SER B 385 -28.23 -36.28 27.75
N VAL B 386 -28.98 -36.50 28.83
CA VAL B 386 -30.02 -35.55 29.30
C VAL B 386 -29.55 -34.56 30.38
N GLU B 387 -28.24 -34.44 30.56
CA GLU B 387 -27.60 -33.56 31.55
C GLU B 387 -27.79 -32.09 31.17
N SER B 388 -27.51 -31.77 29.92
CA SER B 388 -27.74 -30.45 29.35
C SER B 388 -29.22 -30.27 29.05
N SER B 389 -29.69 -29.02 29.09
CA SER B 389 -31.05 -28.69 28.67
C SER B 389 -31.28 -28.84 27.15
N GLU B 390 -30.21 -28.91 26.33
CA GLU B 390 -30.36 -29.23 24.91
C GLU B 390 -30.79 -30.70 24.71
N GLY B 391 -30.02 -31.61 25.28
CA GLY B 391 -30.28 -33.04 25.15
C GLY B 391 -31.54 -33.52 25.87
N PHE B 392 -31.86 -32.88 26.99
CA PHE B 392 -33.13 -33.13 27.72
C PHE B 392 -34.33 -32.84 26.83
N LEU B 393 -34.33 -31.68 26.17
CA LEU B 393 -35.40 -31.30 25.24
C LEU B 393 -35.55 -32.33 24.14
N ASP B 394 -34.42 -32.83 23.64
CA ASP B 394 -34.41 -33.82 22.57
C ASP B 394 -35.03 -35.15 22.99
N GLU B 395 -34.80 -35.57 24.22
CA GLU B 395 -35.38 -36.82 24.76
C GLU B 395 -36.87 -36.69 25.08
N VAL B 396 -37.28 -35.53 25.55
CA VAL B 396 -38.69 -35.27 25.88
C VAL B 396 -39.53 -35.30 24.60
N GLY B 397 -39.06 -34.59 23.57
CA GLY B 397 -39.71 -34.58 22.26
C GLY B 397 -39.60 -35.89 21.51
N SER B 398 -38.43 -36.51 21.57
CA SER B 398 -38.20 -37.82 20.94
C SER B 398 -39.18 -38.88 21.46
N GLN B 399 -39.29 -38.98 22.79
CA GLN B 399 -40.25 -39.89 23.42
C GLN B 399 -41.70 -39.56 23.06
N ALA B 400 -42.05 -38.28 23.09
CA ALA B 400 -43.41 -37.82 22.81
C ALA B 400 -43.97 -38.25 21.44
N LEU B 401 -43.10 -38.43 20.45
CA LEU B 401 -43.53 -38.91 19.13
C LEU B 401 -43.61 -40.44 19.07
N ALA B 402 -42.52 -41.12 19.44
CA ALA B 402 -42.44 -42.59 19.34
C ALA B 402 -43.22 -43.33 20.41
N ALA B 403 -43.59 -42.64 21.48
CA ALA B 403 -44.41 -43.21 22.56
C ALA B 403 -45.49 -42.22 23.00
N GLY B 404 -46.37 -42.67 23.89
CA GLY B 404 -47.48 -41.84 24.36
C GLY B 404 -47.06 -40.68 25.24
N SER B 405 -46.18 -40.95 26.21
CA SER B 405 -45.78 -39.94 27.18
C SER B 405 -44.34 -40.13 27.71
N TYR B 406 -43.96 -39.29 28.68
CA TYR B 406 -42.61 -39.22 29.23
C TYR B 406 -42.29 -40.33 30.24
N THR B 407 -41.26 -41.14 29.95
CA THR B 407 -40.69 -42.08 30.92
C THR B 407 -39.54 -41.38 31.66
N PRO B 408 -39.66 -41.22 33.01
CA PRO B 408 -38.59 -40.55 33.75
C PRO B 408 -37.28 -41.34 33.81
N PRO B 409 -36.14 -40.65 34.07
CA PRO B 409 -34.84 -41.33 34.11
C PRO B 409 -34.74 -42.53 35.07
N SER B 410 -35.35 -42.44 36.25
CA SER B 410 -35.35 -43.55 37.22
C SER B 410 -36.00 -44.84 36.69
N THR B 411 -37.09 -44.69 35.92
CA THR B 411 -37.77 -45.83 35.28
C THR B 411 -36.95 -46.43 34.12
N VAL B 412 -36.20 -45.59 33.40
CA VAL B 412 -35.36 -46.05 32.29
C VAL B 412 -34.20 -46.90 32.80
N LEU B 413 -33.60 -46.48 33.92
CA LEU B 413 -32.49 -47.22 34.52
C LEU B 413 -32.95 -48.57 35.09
N GLN B 414 -34.18 -48.61 35.60
CA GLN B 414 -34.80 -49.85 36.07
C GLN B 414 -35.06 -50.83 34.92
N GLN B 415 -35.45 -50.29 33.76
CA GLN B 415 -35.62 -51.09 32.54
C GLN B 415 -34.30 -51.62 31.96
N ILE B 416 -33.20 -50.89 32.17
CA ILE B 416 -31.87 -51.38 31.81
C ILE B 416 -31.46 -52.54 32.71
N ASP B 417 -31.66 -52.38 34.02
CA ASP B 417 -31.41 -53.46 34.99
C ASP B 417 -32.23 -54.73 34.72
N ALA B 418 -33.44 -54.56 34.18
CA ALA B 418 -34.31 -55.68 33.80
C ALA B 418 -33.76 -56.58 32.69
N VAL B 419 -32.78 -56.08 31.91
CA VAL B 419 -32.12 -56.88 30.88
C VAL B 419 -31.24 -57.94 31.56
N ALA B 420 -31.59 -59.21 31.38
CA ALA B 420 -30.81 -60.33 31.92
C ALA B 420 -29.68 -60.69 30.95
N ASP B 421 -28.69 -61.41 31.46
CA ASP B 421 -27.58 -61.93 30.64
C ASP B 421 -28.07 -62.75 29.45
N ALA B 422 -29.15 -63.50 29.68
CA ALA B 422 -29.83 -64.28 28.65
C ALA B 422 -30.32 -63.43 27.46
N ASP B 423 -30.87 -62.26 27.76
CA ASP B 423 -31.37 -61.34 26.71
C ASP B 423 -30.24 -60.79 25.82
N VAL B 424 -29.07 -60.55 26.43
CA VAL B 424 -27.89 -60.07 25.72
C VAL B 424 -27.37 -61.15 24.76
N ILE B 425 -27.34 -62.39 25.22
CA ILE B 425 -26.88 -63.52 24.40
C ILE B 425 -27.83 -63.77 23.21
N ASN B 426 -29.13 -63.58 23.43
CA ASN B 426 -30.14 -63.66 22.34
C ASN B 426 -30.00 -62.58 21.28
N ALA B 427 -29.69 -61.35 21.71
CA ALA B 427 -29.42 -60.26 20.79
C ALA B 427 -28.24 -60.59 19.90
N ALA B 428 -27.15 -61.07 20.50
CA ALA B 428 -25.97 -61.52 19.77
C ALA B 428 -26.27 -62.67 18.81
N LYS B 429 -27.00 -63.67 19.31
CA LYS B 429 -27.43 -64.82 18.48
C LYS B 429 -28.27 -64.36 17.30
N LYS B 430 -29.18 -63.41 17.52
CA LYS B 430 -30.00 -62.85 16.45
C LYS B 430 -29.14 -62.22 15.36
N PHE B 431 -28.15 -61.44 15.78
CA PHE B 431 -27.19 -60.80 14.86
C PHE B 431 -26.40 -61.82 14.02
N VAL B 432 -25.95 -62.90 14.65
CA VAL B 432 -25.11 -63.89 13.98
C VAL B 432 -25.89 -64.62 12.89
N SER B 433 -27.09 -65.10 13.22
CA SER B 433 -27.92 -65.81 12.25
C SER B 433 -28.77 -64.89 11.37
N GLY B 434 -28.91 -63.61 11.74
CA GLY B 434 -29.68 -62.66 10.95
C GLY B 434 -29.08 -62.32 9.59
N ARG B 435 -29.94 -62.03 8.61
CA ARG B 435 -29.52 -61.57 7.28
C ARG B 435 -28.76 -60.27 7.44
N LYS B 436 -27.59 -60.19 6.81
CA LYS B 436 -26.69 -59.08 7.03
C LYS B 436 -26.89 -57.97 6.00
N SER B 437 -26.60 -56.75 6.43
CA SER B 437 -26.39 -55.61 5.55
C SER B 437 -25.00 -55.07 5.81
N MET B 438 -24.33 -54.64 4.74
CA MET B 438 -22.94 -54.15 4.84
C MET B 438 -22.73 -52.92 3.96
N ALA B 439 -21.79 -52.08 4.36
CA ALA B 439 -21.39 -50.94 3.57
C ALA B 439 -19.93 -50.62 3.84
N ALA B 440 -19.18 -50.31 2.78
CA ALA B 440 -17.77 -49.95 2.91
C ALA B 440 -17.40 -48.78 2.00
N SER B 441 -16.37 -48.03 2.44
CA SER B 441 -15.74 -46.97 1.63
C SER B 441 -14.24 -47.03 1.87
N GLY B 442 -13.47 -46.86 0.78
CA GLY B 442 -12.01 -46.96 0.83
C GLY B 442 -11.46 -47.69 -0.38
N ASN B 443 -10.19 -48.07 -0.32
CA ASN B 443 -9.62 -49.04 -1.25
C ASN B 443 -10.01 -50.43 -0.76
N LEU B 444 -11.01 -51.03 -1.40
CA LEU B 444 -11.67 -52.23 -0.89
C LEU B 444 -11.08 -53.56 -1.39
N GLY B 445 -9.88 -53.54 -1.96
CA GLY B 445 -9.22 -54.75 -2.47
C GLY B 445 -9.16 -55.94 -1.52
N HIS B 446 -9.08 -55.68 -0.21
CA HIS B 446 -9.05 -56.72 0.82
C HIS B 446 -10.27 -56.70 1.77
N THR B 447 -11.24 -55.84 1.48
CA THR B 447 -12.51 -55.81 2.22
C THR B 447 -13.39 -56.95 1.73
N PRO B 448 -13.80 -57.86 2.63
CA PRO B 448 -14.60 -58.99 2.13
C PRO B 448 -16.04 -58.61 1.80
N PHE B 449 -16.70 -59.46 1.04
CA PHE B 449 -18.14 -59.36 0.80
C PHE B 449 -18.86 -60.03 1.95
N ILE B 450 -20.19 -59.90 1.99
CA ILE B 450 -20.99 -60.51 3.08
C ILE B 450 -20.85 -62.03 3.08
N ASP B 451 -20.91 -62.62 1.89
CA ASP B 451 -20.76 -64.08 1.73
C ASP B 451 -19.31 -64.59 1.77
N GLU B 452 -18.35 -63.74 2.15
CA GLU B 452 -16.95 -64.15 2.41
C GLU B 452 -16.61 -64.18 3.90
N LEU B 453 -17.61 -64.06 4.78
CA LEU B 453 -17.39 -63.63 6.16
C LEU B 453 -17.52 -64.75 7.20
N THR C 2 -16.68 -5.45 -0.77
CA THR C 2 -15.97 -4.98 -2.00
C THR C 2 -15.99 -3.43 -2.10
N ASN C 3 -14.95 -2.88 -2.72
CA ASN C 3 -14.62 -1.43 -2.67
C ASN C 3 -15.01 -0.65 -3.94
N ILE C 4 -15.09 0.68 -3.80
CA ILE C 4 -15.37 1.60 -4.93
C ILE C 4 -14.08 2.19 -5.57
N ARG C 5 -12.99 1.42 -5.46
CA ARG C 5 -11.75 1.62 -6.19
C ARG C 5 -11.68 0.66 -7.38
N LYS C 6 -12.18 -0.57 -7.20
CA LYS C 6 -12.26 -1.59 -8.26
C LYS C 6 -13.56 -1.54 -9.07
N SER C 7 -14.61 -0.91 -8.53
CA SER C 7 -15.97 -0.91 -9.11
C SER C 7 -16.22 0.27 -10.08
N HIS C 8 -15.95 1.49 -9.61
CA HIS C 8 -16.18 2.71 -10.40
C HIS C 8 -15.26 2.73 -11.65
N PRO C 9 -15.85 2.89 -12.87
CA PRO C 9 -15.10 2.87 -14.14
C PRO C 9 -13.82 3.71 -14.22
N LEU C 10 -13.83 4.89 -13.60
CA LEU C 10 -12.64 5.76 -13.57
C LEU C 10 -11.62 5.33 -12.51
N MET C 11 -12.10 4.95 -11.33
CA MET C 11 -11.23 4.54 -10.22
C MET C 11 -10.60 3.16 -10.48
N LYS C 12 -11.35 2.29 -11.16
CA LYS C 12 -10.87 0.97 -11.62
C LYS C 12 -9.55 1.10 -12.38
N ILE C 13 -9.51 2.01 -13.35
CA ILE C 13 -8.31 2.28 -14.17
C ILE C 13 -7.17 2.77 -13.28
N VAL C 14 -7.48 3.71 -12.37
CA VAL C 14 -6.51 4.28 -11.44
C VAL C 14 -6.02 3.24 -10.42
N ASN C 15 -6.94 2.37 -9.97
CA ASN C 15 -6.60 1.36 -8.96
C ASN C 15 -5.66 0.28 -9.48
N ASN C 16 -5.86 -0.13 -10.73
CA ASN C 16 -5.06 -1.21 -11.33
C ASN C 16 -3.77 -0.72 -11.98
N ALA C 17 -3.75 0.53 -12.44
CA ALA C 17 -2.58 1.10 -13.11
C ALA C 17 -1.68 1.96 -12.21
N PHE C 18 -2.11 2.20 -10.96
CA PHE C 18 -1.39 3.15 -10.09
C PHE C 18 -1.39 2.88 -8.57
N ILE C 19 -2.08 1.84 -8.09
CA ILE C 19 -2.21 1.59 -6.63
C ILE C 19 -1.91 0.13 -6.30
N ASP C 20 -2.73 -0.77 -6.84
CA ASP C 20 -2.52 -2.21 -6.73
C ASP C 20 -1.64 -2.78 -7.85
N LEU C 21 -1.14 -1.93 -8.75
CA LEU C 21 -0.19 -2.35 -9.77
C LEU C 21 0.92 -3.18 -9.12
N PRO C 22 1.06 -4.46 -9.54
CA PRO C 22 2.18 -5.25 -9.02
C PRO C 22 3.46 -4.82 -9.68
N ALA C 23 4.40 -4.33 -8.87
CA ALA C 23 5.70 -3.86 -9.33
C ALA C 23 6.79 -4.79 -8.77
N PRO C 24 7.91 -4.95 -9.52
CA PRO C 24 8.99 -5.78 -8.96
C PRO C 24 9.51 -5.18 -7.65
N SER C 25 9.91 -6.02 -6.71
CA SER C 25 10.42 -5.54 -5.43
C SER C 25 11.71 -4.77 -5.59
N ASN C 26 12.49 -5.14 -6.60
CA ASN C 26 13.89 -4.76 -6.69
C ASN C 26 14.26 -3.67 -7.70
N ILE C 27 13.28 -2.96 -8.26
CA ILE C 27 13.61 -1.93 -9.27
C ILE C 27 14.37 -0.80 -8.62
N SER C 28 15.42 -0.35 -9.31
CA SER C 28 16.37 0.64 -8.77
C SER C 28 15.95 2.09 -9.09
N SER C 29 16.85 3.05 -8.86
CA SER C 29 16.61 4.46 -9.15
C SER C 29 16.47 4.78 -10.62
N TRP C 30 16.96 3.90 -11.49
CA TRP C 30 16.85 4.11 -12.94
C TRP C 30 15.42 3.90 -13.45
N TRP C 31 14.55 3.30 -12.62
CA TRP C 31 13.12 3.15 -12.94
C TRP C 31 12.26 4.36 -12.57
N ASN C 32 12.83 5.32 -11.83
CA ASN C 32 12.13 6.55 -11.48
C ASN C 32 11.97 7.53 -12.64
N PHE C 33 12.80 7.40 -13.69
CA PHE C 33 12.80 8.38 -14.78
C PHE C 33 11.53 8.41 -15.62
N GLY C 34 10.78 7.30 -15.68
CA GLY C 34 9.46 7.32 -16.31
C GLY C 34 8.51 8.34 -15.69
N SER C 35 8.35 8.28 -14.38
CA SER C 35 7.47 9.19 -13.65
C SER C 35 7.99 10.62 -13.73
N LEU C 36 9.31 10.77 -13.69
CA LEU C 36 9.93 12.07 -13.80
C LEU C 36 9.78 12.69 -15.19
N LEU C 37 9.72 11.86 -16.23
CA LEU C 37 9.41 12.35 -17.60
C LEU C 37 7.97 12.86 -17.68
N GLY C 38 7.05 12.15 -17.04
CA GLY C 38 5.68 12.60 -16.93
C GLY C 38 5.59 13.93 -16.19
N ILE C 39 6.34 14.06 -15.10
CA ILE C 39 6.35 15.32 -14.35
C ILE C 39 6.93 16.43 -15.21
N CYS C 40 8.04 16.17 -15.91
CA CYS C 40 8.60 17.13 -16.85
C CYS C 40 7.57 17.57 -17.88
N LEU C 41 6.85 16.62 -18.46
CA LEU C 41 5.86 16.94 -19.48
C LEU C 41 4.77 17.87 -18.94
N ILE C 42 4.24 17.57 -17.76
CA ILE C 42 3.23 18.42 -17.13
C ILE C 42 3.83 19.79 -16.78
N LEU C 43 5.07 19.78 -16.31
CA LEU C 43 5.78 21.01 -15.95
C LEU C 43 5.95 21.93 -17.15
N GLN C 44 6.41 21.38 -18.27
CA GLN C 44 6.54 22.15 -19.51
C GLN C 44 5.18 22.70 -19.95
N ILE C 45 4.13 21.89 -19.89
CA ILE C 45 2.81 22.32 -20.35
C ILE C 45 2.29 23.52 -19.54
N LEU C 46 2.44 23.49 -18.22
CA LEU C 46 1.97 24.58 -17.36
C LEU C 46 2.75 25.84 -17.65
N THR C 47 4.06 25.77 -17.43
CA THR C 47 4.95 26.91 -17.64
C THR C 47 4.78 27.44 -19.06
N GLY C 48 4.70 26.53 -20.02
CA GLY C 48 4.48 26.87 -21.41
C GLY C 48 3.19 27.62 -21.65
N LEU C 49 2.09 27.08 -21.12
CA LEU C 49 0.78 27.72 -21.23
C LEU C 49 0.81 29.13 -20.65
N PHE C 50 1.40 29.26 -19.47
CA PHE C 50 1.51 30.57 -18.80
C PHE C 50 2.40 31.56 -19.55
N LEU C 51 3.44 31.06 -20.21
CA LEU C 51 4.23 31.90 -21.11
C LEU C 51 3.43 32.35 -22.33
N ALA C 52 2.63 31.43 -22.90
CA ALA C 52 1.80 31.73 -24.09
C ALA C 52 0.72 32.79 -23.85
N MET C 53 0.39 33.05 -22.59
CA MET C 53 -0.48 34.17 -22.23
C MET C 53 0.16 35.55 -22.43
N HIS C 54 1.48 35.59 -22.56
CA HIS C 54 2.25 36.84 -22.75
C HIS C 54 3.12 36.92 -24.02
N TYR C 55 3.30 35.80 -24.72
CA TYR C 55 4.21 35.72 -25.88
C TYR C 55 3.47 36.10 -27.16
N THR C 56 4.21 36.54 -28.19
CA THR C 56 3.64 36.72 -29.54
C THR C 56 4.60 36.21 -30.62
N SER C 57 4.04 35.54 -31.64
CA SER C 57 4.83 34.85 -32.68
C SER C 57 5.15 35.71 -33.91
N ASP C 58 4.87 37.02 -33.84
CA ASP C 58 5.24 37.96 -34.89
C ASP C 58 6.74 38.28 -34.73
N THR C 59 7.48 38.23 -35.84
CA THR C 59 8.96 38.37 -35.85
C THR C 59 9.49 39.66 -35.21
N THR C 60 8.77 40.76 -35.40
CA THR C 60 9.13 42.05 -34.83
C THR C 60 8.95 42.12 -33.31
N THR C 61 7.83 41.60 -32.81
CA THR C 61 7.52 41.65 -31.36
C THR C 61 8.01 40.44 -30.53
N ALA C 62 8.46 39.36 -31.18
CA ALA C 62 8.72 38.07 -30.48
C ALA C 62 9.80 38.08 -29.41
N PHE C 63 11.00 38.48 -29.79
CA PHE C 63 12.10 38.68 -28.84
C PHE C 63 11.69 39.64 -27.72
N SER C 64 11.02 40.73 -28.08
CA SER C 64 10.53 41.72 -27.10
C SER C 64 9.51 41.15 -26.12
N SER C 65 8.62 40.28 -26.59
CA SER C 65 7.61 39.65 -25.73
C SER C 65 8.28 38.74 -24.68
N VAL C 66 9.31 38.00 -25.09
CA VAL C 66 10.01 37.11 -24.18
C VAL C 66 10.79 37.89 -23.12
N THR C 67 11.31 39.05 -23.48
CA THR C 67 12.00 39.92 -22.51
C THR C 67 10.97 40.61 -21.60
N HIS C 68 9.85 41.03 -22.20
CA HIS C 68 8.71 41.59 -21.46
C HIS C 68 8.20 40.62 -20.38
N ILE C 69 8.20 39.32 -20.70
CA ILE C 69 7.91 38.28 -19.71
C ILE C 69 8.89 38.36 -18.54
N CYS C 70 10.18 38.33 -18.87
CA CYS C 70 11.23 38.28 -17.85
C CYS C 70 11.40 39.58 -17.05
N ARG C 71 10.98 40.72 -17.60
CA ARG C 71 11.12 42.03 -16.93
C ARG C 71 9.87 42.57 -16.24
N ASP C 72 8.73 42.51 -16.93
CA ASP C 72 7.50 43.19 -16.49
C ASP C 72 6.42 42.25 -15.92
N VAL C 73 6.24 41.08 -16.52
CA VAL C 73 5.26 40.10 -16.03
C VAL C 73 5.72 39.55 -14.68
N ASN C 74 4.79 39.50 -13.73
CA ASN C 74 5.08 39.07 -12.37
C ASN C 74 5.56 37.62 -12.37
N TYR C 75 6.74 37.40 -11.80
CA TYR C 75 7.37 36.06 -11.79
C TYR C 75 7.42 35.42 -13.18
N GLY C 76 7.53 36.25 -14.22
CA GLY C 76 7.62 35.75 -15.58
C GLY C 76 9.00 35.21 -15.85
N TRP C 77 10.01 35.82 -15.22
CA TRP C 77 11.39 35.30 -15.27
C TRP C 77 11.47 33.87 -14.72
N ILE C 78 10.92 33.62 -13.54
CA ILE C 78 11.05 32.30 -12.92
C ILE C 78 10.28 31.24 -13.72
N ILE C 79 9.17 31.64 -14.33
CA ILE C 79 8.43 30.77 -15.24
C ILE C 79 9.24 30.53 -16.52
N ARG C 80 9.74 31.60 -17.13
CA ARG C 80 10.52 31.50 -18.36
C ARG C 80 11.73 30.57 -18.21
N TYR C 81 12.54 30.78 -17.17
CA TYR C 81 13.75 29.97 -16.96
C TYR C 81 13.45 28.59 -16.41
N MET C 82 12.34 28.42 -15.69
CA MET C 82 11.85 27.07 -15.36
C MET C 82 11.55 26.28 -16.63
N HIS C 83 10.97 26.95 -17.60
CA HIS C 83 10.58 26.31 -18.85
C HIS C 83 11.77 25.94 -19.72
N ALA C 84 12.79 26.79 -19.71
CA ALA C 84 13.98 26.58 -20.51
C ALA C 84 14.87 25.51 -19.87
N ASN C 85 15.09 25.60 -18.55
CA ASN C 85 15.83 24.56 -17.86
C ASN C 85 15.02 23.28 -17.70
N GLY C 86 13.70 23.40 -17.63
CA GLY C 86 12.80 22.25 -17.64
C GLY C 86 12.93 21.40 -18.89
N ALA C 87 13.24 22.05 -20.02
CA ALA C 87 13.53 21.34 -21.27
C ALA C 87 14.84 20.56 -21.17
N SER C 88 15.85 21.14 -20.55
CA SER C 88 17.09 20.41 -20.24
C SER C 88 16.84 19.23 -19.30
N MET C 89 16.11 19.49 -18.21
CA MET C 89 15.75 18.42 -17.28
C MET C 89 14.98 17.30 -17.96
N PHE C 90 14.16 17.66 -18.95
CA PHE C 90 13.45 16.66 -19.76
C PHE C 90 14.46 15.74 -20.45
N PHE C 91 15.43 16.32 -21.14
CA PHE C 91 16.37 15.52 -21.93
C PHE C 91 17.35 14.73 -21.09
N ILE C 92 17.75 15.29 -19.94
CA ILE C 92 18.53 14.52 -18.99
C ILE C 92 17.71 13.28 -18.65
N CYS C 93 16.49 13.50 -18.17
CA CYS C 93 15.60 12.41 -17.80
C CYS C 93 15.39 11.40 -18.93
N LEU C 94 15.25 11.88 -20.16
CA LEU C 94 15.06 10.99 -21.33
C LEU C 94 16.23 10.06 -21.60
N TYR C 95 17.45 10.59 -21.59
CA TYR C 95 18.63 9.80 -21.92
C TYR C 95 18.96 8.80 -20.82
N MET C 96 18.67 9.16 -19.57
CA MET C 96 18.85 8.24 -18.43
C MET C 96 17.88 7.08 -18.57
N HIS C 97 16.64 7.44 -18.92
CA HIS C 97 15.53 6.53 -19.13
C HIS C 97 15.78 5.52 -20.25
N VAL C 98 16.37 5.99 -21.35
CA VAL C 98 16.75 5.13 -22.49
C VAL C 98 17.96 4.26 -22.16
N GLY C 99 18.96 4.86 -21.52
CA GLY C 99 20.15 4.14 -21.10
C GLY C 99 19.82 2.96 -20.21
N ARG C 100 18.89 3.18 -19.28
CA ARG C 100 18.34 2.11 -18.43
C ARG C 100 17.80 1.00 -19.32
N GLY C 101 16.96 1.37 -20.27
CA GLY C 101 16.41 0.42 -21.23
C GLY C 101 17.45 -0.40 -21.95
N LEU C 102 18.52 0.25 -22.39
CA LEU C 102 19.61 -0.45 -23.11
C LEU C 102 20.38 -1.40 -22.21
N TYR C 103 20.81 -0.92 -21.06
CA TYR C 103 21.64 -1.68 -20.11
C TYR C 103 20.90 -2.90 -19.57
N TYR C 104 19.66 -2.69 -19.12
CA TYR C 104 18.86 -3.76 -18.54
C TYR C 104 17.95 -4.50 -19.53
N GLY C 105 18.07 -4.19 -20.82
CA GLY C 105 17.36 -4.94 -21.87
C GLY C 105 15.84 -4.81 -21.88
N SER C 106 15.33 -3.69 -21.34
CA SER C 106 13.89 -3.42 -21.31
C SER C 106 13.28 -3.30 -22.72
N TYR C 107 14.12 -2.95 -23.70
CA TYR C 107 13.74 -2.91 -25.11
C TYR C 107 13.15 -4.19 -25.69
N THR C 108 13.30 -5.33 -25.01
CA THR C 108 12.60 -6.56 -25.43
C THR C 108 11.08 -6.38 -25.42
N PHE C 109 10.58 -5.50 -24.57
CA PHE C 109 9.19 -5.01 -24.67
C PHE C 109 9.02 -4.16 -25.93
N LEU C 110 8.94 -4.83 -27.09
CA LEU C 110 9.08 -4.17 -28.39
C LEU C 110 8.13 -3.00 -28.61
N GLU C 111 6.86 -3.18 -28.27
CA GLU C 111 5.85 -2.17 -28.55
C GLU C 111 6.08 -0.97 -27.64
N THR C 112 6.24 -1.23 -26.35
CA THR C 112 6.62 -0.18 -25.40
C THR C 112 7.87 0.57 -25.90
N TRP C 113 8.90 -0.17 -26.30
CA TRP C 113 10.15 0.41 -26.79
C TRP C 113 9.98 1.29 -28.03
N ASN C 114 9.30 0.79 -29.05
CA ASN C 114 9.10 1.55 -30.30
C ASN C 114 8.30 2.84 -30.09
N ILE C 115 7.27 2.76 -29.26
CA ILE C 115 6.49 3.94 -28.90
C ILE C 115 7.40 4.92 -28.17
N GLY C 116 8.32 4.39 -27.36
CA GLY C 116 9.39 5.18 -26.79
C GLY C 116 10.16 5.99 -27.82
N VAL C 117 10.67 5.31 -28.84
CA VAL C 117 11.39 5.98 -29.94
C VAL C 117 10.55 7.13 -30.50
N ILE C 118 9.27 6.89 -30.73
CA ILE C 118 8.37 7.95 -31.21
C ILE C 118 8.29 9.10 -30.20
N LEU C 119 8.13 8.78 -28.91
CA LEU C 119 8.09 9.83 -27.89
C LEU C 119 9.36 10.67 -27.95
N LEU C 120 10.52 10.01 -28.00
CA LEU C 120 11.81 10.70 -28.08
C LEU C 120 11.81 11.67 -29.24
N LEU C 121 11.50 11.15 -30.42
CA LEU C 121 11.48 11.96 -31.65
C LEU C 121 10.53 13.15 -31.54
N THR C 122 9.39 12.98 -30.87
CA THR C 122 8.41 14.06 -30.74
C THR C 122 8.88 15.14 -29.77
N VAL C 123 9.48 14.74 -28.66
CA VAL C 123 10.03 15.68 -27.68
C VAL C 123 11.17 16.47 -28.31
N MET C 124 11.96 15.82 -29.17
CA MET C 124 12.99 16.49 -29.97
C MET C 124 12.38 17.55 -30.88
N ALA C 125 11.41 17.15 -31.69
CA ALA C 125 10.70 18.07 -32.58
C ALA C 125 10.14 19.26 -31.81
N THR C 126 9.54 18.98 -30.65
CA THR C 126 8.99 20.03 -29.81
C THR C 126 10.08 20.99 -29.35
N ALA C 127 11.14 20.45 -28.77
CA ALA C 127 12.24 21.27 -28.21
C ALA C 127 13.06 22.03 -29.27
N PHE C 128 13.16 21.47 -30.48
CA PHE C 128 13.80 22.17 -31.58
C PHE C 128 13.02 23.43 -31.95
N MET C 129 11.71 23.30 -32.09
CA MET C 129 10.82 24.43 -32.43
C MET C 129 10.60 25.41 -31.27
N GLY C 130 10.77 24.96 -30.04
CA GLY C 130 10.68 25.83 -28.87
C GLY C 130 11.81 26.82 -28.82
N TYR C 131 13.04 26.34 -29.02
CA TYR C 131 14.24 27.17 -29.03
C TYR C 131 14.24 28.27 -30.12
N VAL C 132 13.40 28.11 -31.16
CA VAL C 132 13.24 29.13 -32.21
C VAL C 132 12.39 30.33 -31.73
N LEU C 133 11.41 30.05 -30.86
CA LEU C 133 10.40 31.05 -30.49
C LEU C 133 10.90 32.39 -29.93
N PRO C 134 11.96 32.37 -29.08
CA PRO C 134 12.55 33.64 -28.62
C PRO C 134 13.08 34.53 -29.74
N TRP C 135 13.46 33.90 -30.85
CA TRP C 135 13.88 34.62 -32.06
C TRP C 135 15.19 35.40 -31.82
N GLY C 136 16.11 34.77 -31.10
CA GLY C 136 17.48 35.25 -30.97
C GLY C 136 18.32 34.73 -32.12
N GLN C 137 19.63 34.92 -32.03
CA GLN C 137 20.54 34.51 -33.10
C GLN C 137 20.59 33.00 -33.27
N MET C 138 20.95 32.30 -32.20
CA MET C 138 21.03 30.85 -32.24
C MET C 138 19.70 30.20 -32.61
N SER C 139 18.60 30.80 -32.15
CA SER C 139 17.27 30.41 -32.60
C SER C 139 17.18 30.45 -34.12
N PHE C 140 17.39 31.62 -34.68
CA PHE C 140 17.18 31.85 -36.11
C PHE C 140 18.17 31.07 -36.97
N TRP C 141 19.45 31.16 -36.62
CA TRP C 141 20.51 30.50 -37.40
C TRP C 141 20.55 28.99 -37.22
N GLY C 142 20.18 28.52 -36.02
CA GLY C 142 20.04 27.09 -35.76
C GLY C 142 18.95 26.50 -36.64
N ALA C 143 17.77 27.13 -36.60
CA ALA C 143 16.62 26.74 -37.42
C ALA C 143 16.92 26.76 -38.93
N THR C 144 17.68 27.77 -39.37
CA THR C 144 18.02 27.91 -40.78
C THR C 144 18.87 26.74 -41.28
N VAL C 145 19.97 26.45 -40.58
CA VAL C 145 20.90 25.40 -40.99
C VAL C 145 20.29 24.01 -40.91
N ILE C 146 19.62 23.72 -39.80
CA ILE C 146 19.06 22.40 -39.54
C ILE C 146 17.92 22.07 -40.49
N THR C 147 16.98 23.01 -40.66
CA THR C 147 15.89 22.82 -41.62
C THR C 147 16.45 22.59 -43.03
N ASN C 148 17.38 23.44 -43.43
CA ASN C 148 17.96 23.42 -44.78
C ASN C 148 18.80 22.18 -45.11
N LEU C 149 19.08 21.35 -44.10
CA LEU C 149 19.59 20.00 -44.34
C LEU C 149 18.70 19.18 -45.28
N LEU C 150 17.38 19.37 -45.22
CA LEU C 150 16.44 18.63 -46.08
C LEU C 150 16.55 18.94 -47.58
N SER C 151 17.21 20.05 -47.93
CA SER C 151 17.53 20.34 -49.34
C SER C 151 18.47 19.31 -49.97
N ALA C 152 19.22 18.59 -49.13
CA ALA C 152 20.06 17.46 -49.56
C ALA C 152 19.30 16.28 -50.17
N ILE C 153 18.00 16.14 -49.92
CA ILE C 153 17.20 15.11 -50.60
C ILE C 153 17.14 15.42 -52.11
N PRO C 154 17.39 14.40 -52.97
CA PRO C 154 17.28 14.64 -54.41
C PRO C 154 15.87 14.96 -54.90
N TYR C 155 15.80 15.70 -56.01
CA TYR C 155 14.53 16.11 -56.66
C TYR C 155 13.66 17.07 -55.79
N ILE C 156 13.07 16.54 -54.72
CA ILE C 156 12.11 17.29 -53.88
C ILE C 156 12.71 18.18 -52.77
N GLY C 157 13.89 17.84 -52.29
CA GLY C 157 14.47 18.46 -51.09
C GLY C 157 14.32 19.97 -50.98
N THR C 158 14.70 20.67 -52.05
CA THR C 158 14.64 22.13 -52.08
C THR C 158 13.21 22.70 -51.93
N ASN C 159 12.21 22.03 -52.53
CA ASN C 159 10.80 22.40 -52.37
C ASN C 159 10.34 22.18 -50.94
N LEU C 160 10.63 20.98 -50.44
CA LEU C 160 10.30 20.55 -49.07
C LEU C 160 10.69 21.61 -48.03
N VAL C 161 11.92 22.11 -48.13
CA VAL C 161 12.47 23.10 -47.20
C VAL C 161 11.69 24.41 -47.24
N GLU C 162 11.39 24.89 -48.44
CA GLU C 162 10.61 26.12 -48.64
C GLU C 162 9.13 25.99 -48.26
N TRP C 163 8.62 24.76 -48.26
CA TRP C 163 7.27 24.45 -47.79
C TRP C 163 7.18 24.44 -46.25
N ILE C 164 8.21 23.93 -45.58
CA ILE C 164 8.30 24.04 -44.10
C ILE C 164 8.36 25.52 -43.73
N TRP C 165 9.21 26.27 -44.43
CA TRP C 165 9.41 27.67 -44.13
C TRP C 165 8.18 28.52 -44.44
N GLY C 166 7.46 28.19 -45.51
CA GLY C 166 6.35 29.01 -45.99
C GLY C 166 6.89 30.27 -46.66
N GLY C 167 7.93 30.09 -47.46
CA GLY C 167 8.69 31.18 -48.04
C GLY C 167 10.11 30.75 -48.40
N PHE C 168 10.96 31.75 -48.65
CA PHE C 168 12.32 31.54 -49.15
C PHE C 168 13.41 31.59 -48.09
N SER C 169 13.05 32.01 -46.87
CA SER C 169 13.92 31.90 -45.71
C SER C 169 13.09 31.65 -44.45
N VAL C 170 13.77 31.50 -43.31
CA VAL C 170 13.09 31.36 -42.03
C VAL C 170 12.65 32.76 -41.62
N ASP C 171 11.35 33.05 -41.73
CA ASP C 171 10.84 34.40 -41.51
C ASP C 171 9.45 34.35 -40.83
N LYS C 172 8.48 35.13 -41.30
CA LYS C 172 7.27 35.46 -40.52
C LYS C 172 6.36 34.25 -40.39
N ALA C 173 6.12 33.60 -41.53
CA ALA C 173 5.26 32.43 -41.58
C ALA C 173 5.86 31.21 -40.88
N THR C 174 7.19 31.15 -40.80
CA THR C 174 7.89 30.05 -40.15
C THR C 174 7.74 30.15 -38.63
N LEU C 175 7.97 31.34 -38.09
CA LEU C 175 7.90 31.52 -36.64
C LEU C 175 6.49 31.26 -36.13
N THR C 176 5.50 31.76 -36.85
CA THR C 176 4.10 31.64 -36.44
C THR C 176 3.66 30.16 -36.40
N ARG C 177 4.00 29.39 -37.44
CA ARG C 177 3.65 27.96 -37.45
C ARG C 177 4.47 27.15 -36.46
N PHE C 178 5.72 27.53 -36.24
CA PHE C 178 6.54 26.91 -35.19
C PHE C 178 5.91 27.10 -33.82
N PHE C 179 5.26 28.25 -33.57
CA PHE C 179 4.52 28.44 -32.32
C PHE C 179 3.28 27.52 -32.24
N ALA C 180 2.56 27.37 -33.35
CA ALA C 180 1.37 26.52 -33.40
C ALA C 180 1.69 25.04 -33.21
N PHE C 181 2.70 24.54 -33.92
CA PHE C 181 3.14 23.14 -33.80
C PHE C 181 3.73 22.83 -32.44
N HIS C 182 4.47 23.79 -31.90
CA HIS C 182 5.09 23.67 -30.59
C HIS C 182 4.09 23.61 -29.44
N PHE C 183 2.93 24.25 -29.65
CA PHE C 183 1.82 24.26 -28.70
C PHE C 183 1.13 22.90 -28.70
N ILE C 184 0.78 22.42 -29.90
CA ILE C 184 -0.01 21.20 -30.06
C ILE C 184 0.76 19.91 -29.73
N LEU C 185 2.06 19.85 -30.05
CA LEU C 185 2.81 18.58 -29.94
C LEU C 185 2.87 17.95 -28.54
N PRO C 186 3.11 18.74 -27.49
CA PRO C 186 3.08 18.20 -26.12
C PRO C 186 1.81 17.41 -25.80
N PHE C 187 0.67 17.89 -26.30
CA PHE C 187 -0.59 17.21 -26.08
C PHE C 187 -0.64 15.91 -26.86
N ILE C 188 -0.07 15.91 -28.06
CA ILE C 188 0.08 14.67 -28.81
C ILE C 188 1.01 13.71 -28.06
N ILE C 189 2.10 14.24 -27.48
CA ILE C 189 3.02 13.44 -26.64
C ILE C 189 2.28 12.79 -25.48
N MET C 190 1.49 13.59 -24.77
CA MET C 190 0.60 13.13 -23.70
C MET C 190 -0.18 11.87 -24.10
N ALA C 191 -0.74 11.87 -25.31
CA ALA C 191 -1.55 10.78 -25.83
C ALA C 191 -0.70 9.59 -26.14
N ILE C 192 0.41 9.81 -26.83
CA ILE C 192 1.31 8.72 -27.20
C ILE C 192 1.93 8.09 -25.93
N ALA C 193 2.18 8.92 -24.91
CA ALA C 193 2.65 8.43 -23.62
C ALA C 193 1.62 7.53 -22.92
N MET C 194 0.33 7.82 -23.09
CA MET C 194 -0.69 6.92 -22.55
C MET C 194 -0.71 5.59 -23.29
N VAL C 195 -0.45 5.60 -24.60
CA VAL C 195 -0.33 4.35 -25.36
C VAL C 195 0.91 3.58 -24.90
N HIS C 196 2.00 4.32 -24.67
CA HIS C 196 3.26 3.78 -24.11
C HIS C 196 3.02 2.95 -22.84
N LEU C 197 2.24 3.48 -21.92
CA LEU C 197 1.96 2.81 -20.65
C LEU C 197 0.95 1.70 -20.82
N LEU C 198 -0.02 1.92 -21.70
CA LEU C 198 -1.02 0.92 -22.04
C LEU C 198 -0.36 -0.40 -22.48
N PHE C 199 0.76 -0.30 -23.19
CA PHE C 199 1.55 -1.48 -23.56
C PHE C 199 2.43 -1.97 -22.42
N LEU C 200 2.99 -1.05 -21.65
CA LEU C 200 3.78 -1.44 -20.49
C LEU C 200 2.98 -2.28 -19.49
N HIS C 201 1.70 -1.96 -19.31
CA HIS C 201 0.87 -2.69 -18.34
C HIS C 201 0.41 -4.07 -18.79
N GLU C 202 0.65 -4.43 -20.06
CA GLU C 202 0.47 -5.81 -20.51
C GLU C 202 1.51 -6.76 -19.92
N THR C 203 2.75 -6.28 -19.79
CA THR C 203 3.86 -7.11 -19.31
C THR C 203 4.30 -6.82 -17.88
N GLY C 204 4.01 -5.61 -17.39
CA GLY C 204 4.62 -5.13 -16.15
C GLY C 204 6.06 -4.74 -16.39
N SER C 205 6.71 -4.29 -15.33
CA SER C 205 8.06 -3.76 -15.44
C SER C 205 9.12 -4.88 -15.46
N ASN C 206 10.18 -4.63 -16.24
CA ASN C 206 11.45 -5.36 -16.10
C ASN C 206 12.11 -4.91 -14.79
N ASN C 207 13.19 -5.57 -14.39
CA ASN C 207 13.97 -5.16 -13.22
C ASN C 207 15.46 -5.34 -13.52
N PRO C 208 16.35 -4.89 -12.60
CA PRO C 208 17.80 -4.98 -12.85
C PRO C 208 18.41 -6.35 -13.16
N THR C 209 17.89 -7.43 -12.57
CA THR C 209 18.39 -8.77 -12.86
C THR C 209 18.13 -9.25 -14.29
N GLY C 210 17.10 -8.73 -14.93
CA GLY C 210 16.60 -9.27 -16.20
C GLY C 210 15.89 -10.62 -16.06
N ILE C 211 15.61 -11.02 -14.81
CA ILE C 211 14.96 -12.28 -14.51
C ILE C 211 13.55 -11.92 -14.06
N SER C 212 12.59 -12.74 -14.44
CA SER C 212 11.18 -12.50 -14.11
C SER C 212 10.94 -12.30 -12.60
N SER C 213 10.14 -11.28 -12.27
CA SER C 213 9.88 -10.92 -10.87
C SER C 213 8.46 -11.26 -10.36
N ASP C 214 7.71 -12.10 -11.09
CA ASP C 214 6.34 -12.51 -10.67
C ASP C 214 6.31 -13.16 -9.28
N VAL C 215 7.38 -13.85 -8.91
CA VAL C 215 7.50 -14.42 -7.56
C VAL C 215 7.79 -13.37 -6.45
N ASP C 216 8.07 -12.13 -6.80
CA ASP C 216 8.35 -11.08 -5.80
C ASP C 216 7.88 -9.68 -6.24
N LYS C 217 6.56 -9.60 -6.41
CA LYS C 217 5.88 -8.34 -6.75
C LYS C 217 5.37 -7.68 -5.48
N ILE C 218 5.50 -6.36 -5.40
CA ILE C 218 4.99 -5.56 -4.29
C ILE C 218 4.06 -4.51 -4.86
N PRO C 219 3.06 -4.08 -4.10
CA PRO C 219 2.11 -3.14 -4.68
C PRO C 219 2.78 -1.79 -4.86
N PHE C 220 2.43 -1.11 -5.95
CA PHE C 220 3.02 0.20 -6.27
C PHE C 220 2.84 1.20 -5.13
N HIS C 221 1.66 1.20 -4.54
CA HIS C 221 1.38 1.99 -3.36
C HIS C 221 1.53 1.07 -2.14
N PRO C 222 2.25 1.48 -1.09
CA PRO C 222 2.93 2.77 -0.97
C PRO C 222 4.35 2.82 -1.53
N TYR C 223 4.94 1.65 -1.78
CA TYR C 223 6.38 1.54 -1.98
C TYR C 223 6.95 2.49 -3.02
N TYR C 224 6.36 2.50 -4.22
CA TYR C 224 6.84 3.36 -5.31
C TYR C 224 6.14 4.72 -5.42
N THR C 225 4.99 4.91 -4.76
CA THR C 225 4.42 6.26 -4.64
C THR C 225 5.33 7.11 -3.77
N ILE C 226 5.83 6.56 -2.66
CA ILE C 226 6.75 7.30 -1.79
C ILE C 226 8.13 7.53 -2.44
N LYS C 227 8.61 6.58 -3.24
CA LYS C 227 9.86 6.79 -4.00
C LYS C 227 9.71 7.88 -5.06
N ASP C 228 8.58 7.86 -5.77
CA ASP C 228 8.34 8.86 -6.81
C ASP C 228 8.20 10.29 -6.25
N ILE C 229 7.67 10.42 -5.04
CA ILE C 229 7.64 11.70 -4.34
C ILE C 229 9.07 12.18 -4.09
N LEU C 230 9.91 11.28 -3.58
CA LEU C 230 11.32 11.59 -3.34
C LEU C 230 12.05 11.94 -4.64
N GLY C 231 11.77 11.18 -5.70
CA GLY C 231 12.33 11.43 -7.01
C GLY C 231 11.95 12.80 -7.52
N ALA C 232 10.65 13.11 -7.49
CA ALA C 232 10.14 14.41 -7.91
C ALA C 232 10.80 15.53 -7.13
N LEU C 233 11.01 15.30 -5.85
CA LEU C 233 11.68 16.27 -4.99
C LEU C 233 13.11 16.55 -5.48
N LEU C 234 13.84 15.48 -5.82
CA LEU C 234 15.21 15.60 -6.36
C LEU C 234 15.27 16.19 -7.76
N LEU C 235 14.24 15.95 -8.56
CA LEU C 235 14.12 16.58 -9.89
C LEU C 235 13.93 18.08 -9.73
N ILE C 236 13.08 18.48 -8.79
CA ILE C 236 12.83 19.89 -8.55
C ILE C 236 14.09 20.58 -8.01
N LEU C 237 14.89 19.88 -7.20
CA LEU C 237 16.18 20.41 -6.74
C LEU C 237 17.09 20.74 -7.92
N ALA C 238 17.28 19.78 -8.81
CA ALA C 238 18.13 19.96 -9.99
C ALA C 238 17.65 21.14 -10.83
N LEU C 239 16.34 21.16 -11.11
CA LEU C 239 15.71 22.24 -11.88
C LEU C 239 15.94 23.60 -11.24
N MET C 240 15.53 23.74 -9.98
CA MET C 240 15.64 25.02 -9.29
C MET C 240 17.08 25.43 -8.95
N LEU C 241 18.00 24.45 -8.85
CA LEU C 241 19.43 24.79 -8.73
C LEU C 241 19.88 25.54 -9.98
N LEU C 242 19.44 25.07 -11.15
CA LEU C 242 19.69 25.79 -12.40
C LEU C 242 18.94 27.12 -12.45
N VAL C 243 17.63 27.13 -12.19
CA VAL C 243 16.81 28.36 -12.34
C VAL C 243 17.25 29.51 -11.41
N LEU C 244 17.63 29.16 -10.19
CA LEU C 244 17.92 30.16 -9.16
C LEU C 244 19.41 30.47 -8.99
N PHE C 245 20.30 29.56 -9.40
CA PHE C 245 21.75 29.81 -9.31
C PHE C 245 22.53 29.80 -10.62
N ALA C 246 21.95 29.30 -11.71
CA ALA C 246 22.67 29.19 -12.98
C ALA C 246 21.70 29.06 -14.16
N PRO C 247 20.80 30.05 -14.33
CA PRO C 247 19.75 29.92 -15.35
C PRO C 247 20.27 29.88 -16.79
N ASP C 248 21.40 30.52 -17.06
CA ASP C 248 21.99 30.57 -18.41
C ASP C 248 23.04 29.49 -18.67
N LEU C 249 23.38 28.67 -17.68
CA LEU C 249 24.49 27.71 -17.81
C LEU C 249 24.38 26.78 -19.01
N LEU C 250 23.19 26.25 -19.27
CA LEU C 250 22.98 25.26 -20.35
C LEU C 250 22.45 25.85 -21.66
N GLY C 251 22.31 27.17 -21.70
CA GLY C 251 21.93 27.88 -22.93
C GLY C 251 23.15 28.48 -23.59
N ASP C 252 22.92 29.56 -24.34
CA ASP C 252 23.98 30.22 -25.08
C ASP C 252 23.80 31.73 -24.99
N PRO C 253 24.91 32.50 -24.89
CA PRO C 253 24.79 33.96 -24.89
C PRO C 253 24.14 34.54 -26.15
N ASP C 254 24.52 34.05 -27.33
CA ASP C 254 24.05 34.62 -28.60
C ASP C 254 22.53 34.62 -28.79
N ASN C 255 21.80 33.90 -27.96
CA ASN C 255 20.34 34.01 -27.96
C ASN C 255 19.80 35.11 -27.04
N TYR C 256 20.67 36.04 -26.61
CA TYR C 256 20.26 37.29 -25.98
C TYR C 256 20.47 38.53 -26.88
N THR C 257 20.99 38.34 -28.10
CA THR C 257 20.91 39.36 -29.16
C THR C 257 19.77 38.94 -30.11
N PRO C 258 18.92 39.89 -30.54
CA PRO C 258 17.86 39.56 -31.51
C PRO C 258 18.35 38.96 -32.84
N ALA C 259 17.49 38.20 -33.50
CA ALA C 259 17.84 37.50 -34.73
C ALA C 259 18.17 38.47 -35.87
N ASN C 260 19.34 38.29 -36.48
CA ASN C 260 19.85 39.16 -37.54
C ASN C 260 20.18 38.33 -38.78
N PRO C 261 19.42 38.52 -39.88
CA PRO C 261 19.68 37.71 -41.08
C PRO C 261 21.01 37.99 -41.81
N LEU C 262 21.69 39.09 -41.47
CA LEU C 262 23.02 39.38 -42.00
C LEU C 262 24.07 38.79 -41.06
N ASN C 263 24.13 39.33 -39.84
CA ASN C 263 25.16 39.04 -38.84
C ASN C 263 25.13 37.57 -38.37
N THR C 264 26.01 36.73 -38.93
CA THR C 264 26.10 35.32 -38.54
C THR C 264 26.92 35.18 -37.25
N PRO C 265 26.45 34.36 -36.28
CA PRO C 265 27.28 34.06 -35.10
C PRO C 265 28.53 33.24 -35.43
N PRO C 266 29.54 33.27 -34.52
CA PRO C 266 30.81 32.57 -34.81
C PRO C 266 30.64 31.07 -35.03
N HIS C 267 30.13 30.36 -34.03
CA HIS C 267 30.03 28.91 -34.06
C HIS C 267 28.61 28.51 -33.73
N ILE C 268 27.77 28.55 -34.77
CA ILE C 268 26.34 28.21 -34.67
C ILE C 268 26.10 26.73 -34.37
N LYS C 269 25.21 26.46 -33.41
CA LYS C 269 24.99 25.11 -32.90
C LYS C 269 23.60 24.97 -32.24
N PRO C 270 23.06 23.73 -32.18
CA PRO C 270 21.82 23.55 -31.44
C PRO C 270 22.07 23.45 -29.95
N GLU C 271 21.01 23.26 -29.16
CA GLU C 271 21.12 23.17 -27.71
C GLU C 271 21.80 21.85 -27.31
N TRP C 272 22.42 21.81 -26.13
CA TRP C 272 23.34 20.72 -25.72
C TRP C 272 22.88 19.29 -26.02
N TYR C 273 21.58 19.04 -25.85
CA TYR C 273 20.98 17.70 -26.03
C TYR C 273 20.87 17.22 -27.50
N PHE C 274 21.19 18.07 -28.48
CA PHE C 274 21.33 17.63 -29.86
C PHE C 274 22.78 17.51 -30.33
N LEU C 275 23.73 18.00 -29.53
CA LEU C 275 25.13 18.10 -29.99
C LEU C 275 25.76 16.78 -30.42
N PHE C 276 25.38 15.67 -29.78
CA PHE C 276 25.92 14.37 -30.15
C PHE C 276 25.59 14.03 -31.61
N ALA C 277 24.35 14.29 -32.01
CA ALA C 277 23.88 13.97 -33.36
C ALA C 277 24.34 15.01 -34.36
N TYR C 278 24.51 16.25 -33.88
CA TYR C 278 25.13 17.33 -34.66
C TYR C 278 26.58 16.99 -35.02
N ALA C 279 27.33 16.44 -34.09
CA ALA C 279 28.71 15.98 -34.36
C ALA C 279 28.78 14.87 -35.42
N ILE C 280 27.85 13.92 -35.36
CA ILE C 280 27.77 12.82 -36.34
C ILE C 280 27.51 13.33 -37.75
N LEU C 281 26.59 14.28 -37.87
CA LEU C 281 26.30 14.99 -39.13
C LEU C 281 27.56 15.60 -39.76
N ARG C 282 28.34 16.30 -38.94
CA ARG C 282 29.56 16.99 -39.39
C ARG C 282 30.76 16.06 -39.65
N SER C 283 30.73 14.83 -39.14
CA SER C 283 31.78 13.84 -39.42
C SER C 283 31.80 13.48 -40.89
N ILE C 284 30.63 13.15 -41.43
CA ILE C 284 30.51 12.77 -42.83
C ILE C 284 30.68 14.02 -43.71
N PRO C 285 31.61 13.98 -44.69
CA PRO C 285 31.83 15.16 -45.55
C PRO C 285 30.67 15.52 -46.51
N ASN C 286 29.99 14.53 -47.07
CA ASN C 286 28.82 14.76 -47.94
C ASN C 286 27.56 15.06 -47.13
N LYS C 287 26.76 16.01 -47.62
CA LYS C 287 25.65 16.57 -46.84
C LYS C 287 24.47 15.61 -46.72
N LEU C 288 24.09 14.98 -47.83
CA LEU C 288 23.03 13.96 -47.83
C LEU C 288 23.41 12.77 -46.95
N GLY C 289 24.67 12.34 -47.07
CA GLY C 289 25.22 11.29 -46.21
C GLY C 289 25.16 11.69 -44.75
N GLY C 290 25.56 12.93 -44.46
CA GLY C 290 25.49 13.50 -43.12
C GLY C 290 24.09 13.51 -42.51
N VAL C 291 23.07 13.82 -43.32
CA VAL C 291 21.67 13.81 -42.88
C VAL C 291 21.18 12.38 -42.59
N LEU C 292 21.53 11.44 -43.48
CA LEU C 292 21.19 10.04 -43.29
C LEU C 292 21.88 9.42 -42.08
N ALA C 293 23.08 9.91 -41.73
CA ALA C 293 23.77 9.49 -40.50
C ALA C 293 23.14 10.11 -39.25
N LEU C 294 22.81 11.40 -39.31
CA LEU C 294 22.07 12.08 -38.22
C LEU C 294 20.72 11.42 -37.97
N ALA C 295 20.04 11.03 -39.05
CA ALA C 295 18.76 10.32 -38.96
C ALA C 295 18.96 8.93 -38.34
N PHE C 296 19.96 8.20 -38.85
CA PHE C 296 20.25 6.85 -38.36
C PHE C 296 20.85 6.85 -36.94
N SER C 297 21.43 7.96 -36.49
CA SER C 297 21.96 8.06 -35.11
C SER C 297 20.85 7.98 -34.03
N ILE C 298 19.62 8.36 -34.39
CA ILE C 298 18.44 8.26 -33.50
C ILE C 298 17.61 7.01 -33.80
N LEU C 299 17.30 6.79 -35.08
CA LEU C 299 16.45 5.67 -35.51
C LEU C 299 17.05 4.30 -35.23
N ILE C 300 18.38 4.24 -35.14
CA ILE C 300 19.06 3.00 -34.72
C ILE C 300 18.52 2.44 -33.39
N LEU C 301 17.90 3.28 -32.55
CA LEU C 301 17.19 2.81 -31.36
C LEU C 301 16.13 1.76 -31.68
N ALA C 302 15.40 1.95 -32.79
CA ALA C 302 14.42 0.95 -33.23
C ALA C 302 15.07 -0.36 -33.69
N LEU C 303 16.32 -0.31 -34.13
CA LEU C 303 17.09 -1.52 -34.46
C LEU C 303 17.63 -2.34 -33.27
N ILE C 304 17.81 -1.71 -32.10
CA ILE C 304 18.51 -2.34 -30.95
C ILE C 304 17.97 -3.73 -30.58
N PRO C 305 16.63 -3.88 -30.45
CA PRO C 305 16.06 -5.19 -30.10
C PRO C 305 16.44 -6.36 -31.04
N LEU C 306 16.49 -6.09 -32.34
CA LEU C 306 16.96 -7.08 -33.32
C LEU C 306 18.43 -7.51 -33.12
N LEU C 307 19.27 -6.58 -32.68
CA LEU C 307 20.71 -6.83 -32.43
C LEU C 307 21.04 -7.57 -31.13
N HIS C 308 20.05 -7.83 -30.28
CA HIS C 308 20.26 -8.56 -29.03
C HIS C 308 20.66 -10.02 -29.29
N THR C 309 21.83 -10.42 -28.79
CA THR C 309 22.37 -11.77 -28.95
C THR C 309 22.51 -12.57 -27.65
N SER C 310 22.61 -11.89 -26.51
CA SER C 310 22.85 -12.55 -25.24
C SER C 310 21.64 -13.35 -24.78
N LYS C 311 21.89 -14.53 -24.22
CA LYS C 311 20.85 -15.40 -23.65
C LYS C 311 20.35 -14.86 -22.30
N GLN C 312 21.12 -13.95 -21.70
CA GLN C 312 20.70 -13.18 -20.53
C GLN C 312 20.14 -11.86 -21.02
N ARG C 313 19.13 -11.35 -20.33
CA ARG C 313 18.43 -10.13 -20.74
C ARG C 313 19.12 -8.85 -20.30
N SER C 314 19.46 -8.77 -19.02
CA SER C 314 20.15 -7.62 -18.44
C SER C 314 21.68 -7.72 -18.62
N MET C 315 22.35 -6.58 -18.52
CA MET C 315 23.82 -6.55 -18.52
C MET C 315 24.44 -6.77 -17.14
N MET C 316 23.59 -6.88 -16.11
CA MET C 316 24.05 -7.12 -14.74
C MET C 316 25.11 -8.22 -14.63
N PHE C 317 24.87 -9.33 -15.31
CA PHE C 317 25.76 -10.50 -15.22
C PHE C 317 26.63 -10.68 -16.46
N ARG C 318 27.09 -9.55 -17.00
CA ARG C 318 27.71 -9.49 -18.33
C ARG C 318 28.78 -8.40 -18.38
N PRO C 319 30.01 -8.72 -17.91
CA PRO C 319 31.12 -7.76 -17.82
C PRO C 319 31.55 -7.09 -19.12
N LEU C 320 31.71 -7.87 -20.20
CA LEU C 320 32.13 -7.33 -21.51
C LEU C 320 31.15 -6.27 -22.00
N SER C 321 29.87 -6.60 -21.93
CA SER C 321 28.80 -5.71 -22.36
C SER C 321 28.76 -4.45 -21.51
N GLN C 322 28.87 -4.61 -20.20
CA GLN C 322 28.97 -3.47 -19.28
C GLN C 322 30.03 -2.45 -19.70
N CYS C 323 31.24 -2.94 -19.99
CA CYS C 323 32.33 -2.08 -20.41
C CYS C 323 32.02 -1.37 -21.73
N LEU C 324 31.59 -2.16 -22.71
CA LEU C 324 31.15 -1.61 -24.01
C LEU C 324 30.00 -0.61 -23.89
N PHE C 325 29.10 -0.83 -22.93
CA PHE C 325 28.02 0.11 -22.66
C PHE C 325 28.57 1.43 -22.14
N TRP C 326 29.42 1.36 -21.13
CA TRP C 326 30.04 2.56 -20.56
C TRP C 326 30.99 3.25 -21.55
N ALA C 327 31.59 2.49 -22.47
CA ALA C 327 32.29 3.07 -23.62
C ALA C 327 31.33 3.85 -24.51
N LEU C 328 30.18 3.26 -24.82
CA LEU C 328 29.13 3.93 -25.61
C LEU C 328 28.62 5.22 -24.97
N VAL C 329 28.55 5.25 -23.63
CA VAL C 329 28.14 6.45 -22.91
C VAL C 329 29.24 7.50 -23.00
N ALA C 330 30.46 7.11 -22.65
CA ALA C 330 31.63 7.99 -22.78
C ALA C 330 31.79 8.53 -24.19
N ASP C 331 31.49 7.71 -25.19
CA ASP C 331 31.54 8.13 -26.59
C ASP C 331 30.50 9.23 -26.90
N LEU C 332 29.28 9.07 -26.38
CA LEU C 332 28.23 10.08 -26.52
C LEU C 332 28.60 11.39 -25.83
N LEU C 333 29.26 11.29 -24.68
CA LEU C 333 29.79 12.46 -23.99
C LEU C 333 30.86 13.15 -24.84
N THR C 334 31.68 12.37 -25.54
CA THR C 334 32.66 12.90 -26.51
C THR C 334 31.99 13.58 -27.71
N LEU C 335 30.95 12.97 -28.25
CA LEU C 335 30.22 13.56 -29.37
C LEU C 335 29.52 14.87 -28.99
N THR C 336 29.04 14.96 -27.74
CA THR C 336 28.43 16.20 -27.22
C THR C 336 29.48 17.30 -27.09
N TRP C 337 30.65 16.94 -26.55
CA TRP C 337 31.78 17.86 -26.48
C TRP C 337 32.17 18.34 -27.89
N ILE C 338 32.46 17.38 -28.76
CA ILE C 338 32.88 17.67 -30.14
C ILE C 338 31.83 18.46 -30.91
N GLY C 339 30.56 18.14 -30.71
CA GLY C 339 29.45 18.89 -31.32
C GLY C 339 29.45 20.38 -30.98
N GLY C 340 29.86 20.70 -29.76
CA GLY C 340 29.98 22.10 -29.32
C GLY C 340 31.20 22.88 -29.80
N GLN C 341 32.16 22.21 -30.44
CA GLN C 341 33.41 22.85 -30.90
C GLN C 341 33.31 23.40 -32.33
N PRO C 342 34.27 24.27 -32.72
CA PRO C 342 34.40 24.65 -34.12
C PRO C 342 34.89 23.50 -34.99
N VAL C 343 34.61 23.58 -36.28
CA VAL C 343 35.07 22.55 -37.23
C VAL C 343 36.53 22.82 -37.57
N GLU C 344 37.43 22.18 -36.83
CA GLU C 344 38.88 22.36 -36.99
C GLU C 344 39.66 21.20 -36.36
N HIS C 345 40.97 21.19 -36.55
CA HIS C 345 41.85 20.19 -35.97
C HIS C 345 42.05 20.48 -34.47
N PRO C 346 41.98 19.50 -33.58
CA PRO C 346 41.75 18.08 -33.87
C PRO C 346 40.28 17.61 -33.73
N TYR C 347 39.33 18.54 -33.67
CA TYR C 347 37.92 18.20 -33.42
C TYR C 347 37.21 17.53 -34.59
N ILE C 348 37.76 17.66 -35.79
CA ILE C 348 37.23 16.97 -36.96
C ILE C 348 37.52 15.48 -36.79
N THR C 349 38.80 15.16 -36.62
CA THR C 349 39.30 13.78 -36.55
C THR C 349 38.75 13.02 -35.35
N ILE C 350 38.75 13.66 -34.19
CA ILE C 350 38.16 13.08 -32.98
C ILE C 350 36.68 12.77 -33.21
N GLY C 351 35.97 13.75 -33.78
CA GLY C 351 34.56 13.58 -34.15
C GLY C 351 34.28 12.45 -35.11
N GLN C 352 35.12 12.30 -36.12
CA GLN C 352 35.04 11.16 -37.04
C GLN C 352 35.25 9.85 -36.28
N LEU C 353 36.35 9.78 -35.54
CA LEU C 353 36.67 8.61 -34.72
C LEU C 353 35.56 8.27 -33.73
N ALA C 354 34.95 9.27 -33.11
CA ALA C 354 33.85 9.05 -32.17
C ALA C 354 32.59 8.53 -32.88
N SER C 355 32.31 9.10 -34.05
CA SER C 355 31.12 8.75 -34.82
C SER C 355 31.18 7.33 -35.36
N VAL C 356 32.35 6.90 -35.82
CA VAL C 356 32.57 5.51 -36.22
C VAL C 356 32.37 4.59 -35.02
N LEU C 357 32.93 4.96 -33.87
CA LEU C 357 32.84 4.15 -32.64
C LEU C 357 31.42 3.97 -32.11
N TYR C 358 30.60 5.01 -32.28
CA TYR C 358 29.18 4.97 -31.92
C TYR C 358 28.45 3.84 -32.64
N PHE C 359 28.50 3.85 -33.97
CA PHE C 359 27.84 2.83 -34.79
C PHE C 359 28.52 1.46 -34.68
N LEU C 360 29.85 1.45 -34.51
CA LEU C 360 30.60 0.21 -34.33
C LEU C 360 30.18 -0.50 -33.05
N LEU C 361 30.04 0.27 -31.96
CA LEU C 361 29.60 -0.28 -30.68
C LEU C 361 28.21 -0.93 -30.75
N ILE C 362 27.26 -0.24 -31.38
CA ILE C 362 25.88 -0.74 -31.47
C ILE C 362 25.74 -1.89 -32.48
N LEU C 363 26.30 -1.74 -33.68
CA LEU C 363 26.07 -2.72 -34.75
C LEU C 363 26.98 -3.94 -34.79
N VAL C 364 28.13 -3.89 -34.13
CA VAL C 364 29.15 -4.95 -34.24
C VAL C 364 29.67 -5.44 -32.89
N LEU C 365 30.24 -4.54 -32.09
CA LEU C 365 30.93 -4.94 -30.85
C LEU C 365 30.01 -5.47 -29.75
N MET C 366 28.91 -4.77 -29.48
CA MET C 366 27.96 -5.21 -28.43
C MET C 366 27.19 -6.49 -28.76
N PRO C 367 26.83 -6.70 -30.05
CA PRO C 367 26.34 -8.01 -30.48
C PRO C 367 27.38 -9.15 -30.37
N THR C 368 28.61 -8.91 -30.81
CA THR C 368 29.70 -9.87 -30.68
C THR C 368 29.96 -10.21 -29.22
N ALA C 369 30.00 -9.18 -28.37
CA ALA C 369 30.21 -9.33 -26.93
C ALA C 369 29.16 -10.25 -26.30
N GLY C 370 27.90 -10.09 -26.69
CA GLY C 370 26.83 -10.98 -26.24
C GLY C 370 27.09 -12.44 -26.57
N THR C 371 27.48 -12.70 -27.83
CA THR C 371 27.76 -14.06 -28.30
C THR C 371 29.00 -14.67 -27.64
N ILE C 372 30.01 -13.84 -27.37
CA ILE C 372 31.22 -14.28 -26.64
C ILE C 372 30.86 -14.65 -25.20
N GLU C 373 30.06 -13.82 -24.55
CA GLU C 373 29.57 -14.09 -23.19
C GLU C 373 28.78 -15.39 -23.10
N ASN C 374 27.97 -15.67 -24.12
CA ASN C 374 27.22 -16.92 -24.18
C ASN C 374 28.15 -18.10 -24.25
N LYS C 375 29.09 -18.07 -25.19
CA LYS C 375 30.07 -19.17 -25.33
C LYS C 375 30.97 -19.31 -24.09
N LEU C 376 31.15 -18.26 -23.30
CA LEU C 376 31.83 -18.37 -22.01
C LEU C 376 31.01 -19.09 -20.92
N LEU C 377 29.68 -19.09 -21.06
CA LEU C 377 28.77 -19.83 -20.17
C LEU C 377 28.30 -21.19 -20.73
N LYS C 378 28.84 -21.61 -21.87
CA LYS C 378 28.45 -22.85 -22.55
C LYS C 378 26.98 -22.76 -22.97
N TRP C 379 26.70 -21.78 -23.83
CA TRP C 379 25.35 -21.42 -24.24
C TRP C 379 25.29 -21.13 -25.74
N ASP D 86 44.01 35.14 -35.49
CA ASP D 86 42.77 34.89 -34.67
C ASP D 86 43.04 34.04 -33.42
N LEU D 87 43.95 34.53 -32.58
CA LEU D 87 44.21 33.96 -31.26
C LEU D 87 43.16 34.54 -30.32
N GLU D 88 43.08 34.07 -29.08
CA GLU D 88 42.08 34.61 -28.14
C GLU D 88 42.56 34.68 -26.70
N LEU D 89 42.34 35.84 -26.08
CA LEU D 89 42.63 36.09 -24.67
C LEU D 89 41.31 36.27 -23.96
N HIS D 90 40.92 35.27 -23.17
CA HIS D 90 39.66 35.32 -22.41
C HIS D 90 39.90 36.09 -21.11
N PRO D 91 38.83 36.69 -20.53
CA PRO D 91 39.02 37.53 -19.34
C PRO D 91 39.25 36.72 -18.06
N PRO D 92 39.94 37.31 -17.05
CA PRO D 92 40.02 36.66 -15.74
C PRO D 92 38.75 36.90 -14.92
N SER D 93 38.58 36.13 -13.86
CA SER D 93 37.39 36.22 -13.01
C SER D 93 37.63 37.21 -11.87
N TYR D 94 37.08 38.41 -12.02
CA TYR D 94 37.22 39.47 -11.00
C TYR D 94 36.28 39.17 -9.83
N PRO D 95 36.71 39.47 -8.58
CA PRO D 95 35.90 39.12 -7.43
C PRO D 95 34.83 40.17 -7.22
N TRP D 96 33.71 40.00 -7.92
CA TRP D 96 32.60 40.93 -7.84
C TRP D 96 31.88 40.76 -6.51
N SER D 97 31.22 41.82 -6.05
CA SER D 97 30.43 41.77 -4.82
C SER D 97 29.17 40.91 -4.95
N HIS D 98 28.82 40.52 -6.20
CA HIS D 98 27.69 39.62 -6.48
C HIS D 98 28.13 38.26 -7.08
N ARG D 99 29.43 37.93 -6.95
CA ARG D 99 29.98 36.71 -7.55
C ARG D 99 29.39 35.43 -6.94
N GLY D 100 29.22 35.41 -5.62
CA GLY D 100 28.82 34.20 -4.88
C GLY D 100 27.38 33.75 -5.07
N LEU D 101 27.07 32.57 -4.52
CA LEU D 101 25.73 31.97 -4.63
C LEU D 101 24.61 32.88 -4.13
N LEU D 102 24.78 33.40 -2.92
CA LEU D 102 23.75 34.17 -2.22
C LEU D 102 24.07 35.67 -2.14
N SER D 103 25.04 36.13 -2.92
CA SER D 103 25.50 37.52 -2.88
C SER D 103 24.67 38.41 -3.80
N SER D 104 24.16 39.52 -3.27
CA SER D 104 23.30 40.43 -4.02
C SER D 104 24.13 41.44 -4.78
N LEU D 105 23.49 42.20 -5.66
CA LEU D 105 24.14 43.31 -6.35
C LEU D 105 24.36 44.48 -5.38
N ASP D 106 25.50 45.15 -5.55
CA ASP D 106 25.82 46.38 -4.82
C ASP D 106 25.01 47.50 -5.48
N HIS D 107 23.90 47.87 -4.85
CA HIS D 107 22.97 48.84 -5.44
C HIS D 107 23.52 50.29 -5.50
N THR D 108 24.43 50.63 -4.60
CA THR D 108 25.12 51.92 -4.67
C THR D 108 26.06 51.93 -5.89
N SER D 109 26.66 50.78 -6.19
CA SER D 109 27.46 50.60 -7.42
C SER D 109 26.59 50.69 -8.68
N ILE D 110 25.36 50.18 -8.61
CA ILE D 110 24.37 50.31 -9.70
C ILE D 110 24.01 51.78 -9.96
N ARG D 111 23.81 52.55 -8.89
CA ARG D 111 23.47 53.97 -8.97
C ARG D 111 24.56 54.80 -9.67
N ARG D 112 25.82 54.48 -9.37
CA ARG D 112 26.95 55.07 -10.07
C ARG D 112 26.98 54.59 -11.52
N GLY D 113 26.89 53.28 -11.71
CA GLY D 113 26.91 52.68 -13.04
C GLY D 113 25.89 53.20 -14.02
N PHE D 114 24.69 53.54 -13.52
CA PHE D 114 23.67 54.18 -14.35
C PHE D 114 24.18 55.50 -14.91
N GLN D 115 24.80 56.29 -14.05
CA GLN D 115 25.33 57.60 -14.44
C GLN D 115 26.45 57.46 -15.47
N VAL D 116 27.19 56.36 -15.43
CA VAL D 116 28.20 56.06 -16.46
C VAL D 116 27.56 55.72 -17.81
N TYR D 117 26.40 55.06 -17.80
CA TYR D 117 25.63 54.89 -19.04
C TYR D 117 25.08 56.24 -19.54
N LYS D 118 24.43 56.97 -18.63
CA LYS D 118 23.83 58.29 -18.90
C LYS D 118 24.83 59.28 -19.51
N GLN D 119 25.91 59.54 -18.78
CA GLN D 119 26.86 60.58 -19.15
C GLN D 119 27.72 60.21 -20.35
N VAL D 120 28.01 58.91 -20.53
CA VAL D 120 29.00 58.45 -21.52
C VAL D 120 28.39 57.66 -22.68
N CYS D 121 27.67 56.58 -22.38
CA CYS D 121 27.17 55.66 -23.41
C CYS D 121 25.96 56.16 -24.19
N SER D 122 25.01 56.80 -23.51
CA SER D 122 23.67 57.05 -24.07
C SER D 122 23.60 57.96 -25.31
N SER D 123 24.73 58.51 -25.74
CA SER D 123 24.85 59.16 -27.05
C SER D 123 25.36 58.21 -28.16
N CYS D 124 25.57 56.93 -27.83
CA CYS D 124 26.10 55.93 -28.77
C CYS D 124 25.30 54.63 -28.74
N HIS D 125 25.13 54.07 -27.54
CA HIS D 125 24.34 52.85 -27.35
C HIS D 125 22.93 53.13 -26.89
N SER D 126 21.99 52.37 -27.45
CA SER D 126 20.65 52.30 -26.94
C SER D 126 20.59 51.31 -25.79
N MET D 127 19.52 51.41 -25.00
CA MET D 127 19.23 50.42 -23.97
C MET D 127 17.71 50.36 -23.86
N ASP D 128 17.11 49.66 -24.81
CA ASP D 128 15.66 49.77 -25.10
C ASP D 128 14.74 49.19 -24.03
N TYR D 129 15.18 48.15 -23.33
CA TYR D 129 14.31 47.42 -22.39
C TYR D 129 14.30 47.99 -20.96
N VAL D 130 15.13 48.98 -20.67
CA VAL D 130 15.15 49.65 -19.36
C VAL D 130 14.43 50.99 -19.47
N ALA D 131 13.41 51.18 -18.63
CA ALA D 131 12.69 52.46 -18.54
C ALA D 131 13.03 53.15 -17.23
N TYR D 132 12.66 54.42 -17.14
CA TYR D 132 12.96 55.23 -15.95
C TYR D 132 12.24 54.70 -14.70
N ARG D 133 11.10 54.03 -14.88
CA ARG D 133 10.40 53.37 -13.77
C ARG D 133 11.17 52.18 -13.19
N HIS D 134 11.92 51.45 -14.03
CA HIS D 134 12.72 50.30 -13.57
C HIS D 134 13.77 50.66 -12.52
N LEU D 135 14.25 51.90 -12.54
CA LEU D 135 15.23 52.38 -11.56
C LEU D 135 14.66 52.50 -10.14
N VAL D 136 13.35 52.68 -10.02
CA VAL D 136 12.72 52.95 -8.73
C VAL D 136 12.75 51.68 -7.86
N GLY D 137 13.13 51.85 -6.59
CA GLY D 137 13.29 50.71 -5.67
C GLY D 137 14.51 49.86 -5.94
N VAL D 138 15.49 50.42 -6.65
CA VAL D 138 16.70 49.69 -7.05
C VAL D 138 17.93 50.58 -6.81
N CYS D 139 18.03 51.66 -7.58
CA CYS D 139 19.10 52.66 -7.39
C CYS D 139 18.62 54.10 -7.10
N TYR D 140 17.37 54.42 -7.43
CA TYR D 140 16.79 55.75 -7.21
C TYR D 140 15.40 55.66 -6.61
N THR D 141 14.94 56.76 -5.99
CA THR D 141 13.56 56.85 -5.49
C THR D 141 12.62 57.17 -6.64
N GLU D 142 11.32 57.17 -6.35
CA GLU D 142 10.31 57.58 -7.33
C GLU D 142 10.54 59.02 -7.79
N ASP D 143 10.79 59.91 -6.83
CA ASP D 143 11.00 61.33 -7.13
C ASP D 143 12.30 61.60 -7.91
N GLU D 144 13.38 60.89 -7.56
CA GLU D 144 14.66 61.00 -8.31
C GLU D 144 14.51 60.52 -9.75
N ALA D 145 13.87 59.37 -9.91
CA ALA D 145 13.62 58.78 -11.23
C ALA D 145 12.71 59.65 -12.11
N LYS D 146 11.76 60.35 -11.48
CA LYS D 146 10.91 61.31 -12.18
C LYS D 146 11.73 62.51 -12.71
N ALA D 147 12.70 62.97 -11.92
CA ALA D 147 13.61 64.05 -12.33
C ALA D 147 14.48 63.61 -13.50
N LEU D 148 15.05 62.41 -13.42
CA LEU D 148 15.85 61.84 -14.52
C LEU D 148 15.04 61.65 -15.80
N ALA D 149 13.77 61.29 -15.65
CA ALA D 149 12.87 61.11 -16.80
C ALA D 149 12.50 62.43 -17.46
N GLU D 150 12.18 63.43 -16.62
CA GLU D 150 11.82 64.78 -17.11
C GLU D 150 12.97 65.48 -17.86
N GLU D 151 14.21 65.16 -17.53
CA GLU D 151 15.39 65.76 -18.19
C GLU D 151 15.48 65.54 -19.70
N VAL D 152 14.91 64.43 -20.19
CA VAL D 152 15.12 64.02 -21.59
C VAL D 152 13.91 64.29 -22.51
N GLU D 153 14.19 64.52 -23.79
CA GLU D 153 13.18 64.72 -24.83
C GLU D 153 12.62 63.38 -25.27
N VAL D 154 11.38 63.37 -25.73
CA VAL D 154 10.80 62.18 -26.37
C VAL D 154 9.58 62.56 -27.21
N GLN D 155 9.42 61.88 -28.34
CA GLN D 155 8.31 62.12 -29.25
C GLN D 155 7.05 61.43 -28.73
N ASP D 156 5.91 62.09 -28.91
CA ASP D 156 4.59 61.54 -28.58
C ASP D 156 3.57 62.09 -29.56
N GLY D 157 2.49 61.35 -29.80
CA GLY D 157 1.42 61.79 -30.68
C GLY D 157 0.48 60.69 -31.13
N PRO D 158 -0.45 61.00 -32.04
CA PRO D 158 -0.68 62.37 -32.54
C PRO D 158 -1.54 63.22 -31.62
N ASN D 159 -1.43 64.54 -31.74
CA ASN D 159 -2.42 65.46 -31.15
C ASN D 159 -3.62 65.61 -32.10
N GLU D 160 -4.66 66.33 -31.69
CA GLU D 160 -5.88 66.47 -32.49
C GLU D 160 -5.66 67.07 -33.91
N ASP D 161 -4.61 67.89 -34.06
CA ASP D 161 -4.20 68.43 -35.37
C ASP D 161 -3.67 67.35 -36.33
N GLY D 162 -3.16 66.25 -35.78
CA GLY D 162 -2.58 65.15 -36.55
C GLY D 162 -1.06 65.27 -36.70
N GLU D 163 -0.41 65.84 -35.69
CA GLU D 163 1.02 66.10 -35.71
C GLU D 163 1.71 65.35 -34.57
N MET D 164 3.01 65.09 -34.74
CA MET D 164 3.80 64.41 -33.73
C MET D 164 4.62 65.47 -32.98
N PHE D 165 4.32 65.65 -31.70
CA PHE D 165 5.02 66.64 -30.85
C PHE D 165 6.13 65.98 -30.00
N MET D 166 6.92 66.82 -29.33
CA MET D 166 7.98 66.38 -28.42
C MET D 166 7.63 66.85 -27.02
N ARG D 167 7.81 65.98 -26.02
CA ARG D 167 7.42 66.28 -24.63
C ARG D 167 8.47 65.85 -23.60
N PRO D 168 8.39 66.42 -22.38
CA PRO D 168 9.25 65.93 -21.29
C PRO D 168 8.88 64.52 -20.87
N GLY D 169 9.89 63.69 -20.65
CA GLY D 169 9.69 62.29 -20.32
C GLY D 169 9.11 62.05 -18.94
N LYS D 170 8.60 60.85 -18.74
CA LYS D 170 8.02 60.41 -17.47
C LYS D 170 8.49 58.97 -17.20
N LEU D 171 8.05 58.39 -16.09
CA LEU D 171 8.51 57.06 -15.66
C LEU D 171 8.18 55.95 -16.68
N SER D 172 7.02 56.06 -17.32
CA SER D 172 6.57 55.09 -18.34
C SER D 172 7.44 55.02 -19.60
N ASP D 173 8.18 56.09 -19.90
CA ASP D 173 9.09 56.12 -21.07
C ASP D 173 10.33 55.26 -20.87
N TYR D 174 10.75 54.60 -21.95
CA TYR D 174 12.01 53.86 -21.97
C TYR D 174 13.20 54.79 -22.21
N PHE D 175 14.41 54.28 -21.97
CA PHE D 175 15.63 55.05 -22.18
C PHE D 175 15.79 55.36 -23.66
N PRO D 176 15.99 56.65 -24.00
CA PRO D 176 15.80 57.05 -25.39
C PRO D 176 16.98 56.67 -26.27
N LYS D 177 16.68 56.20 -27.48
CA LYS D 177 17.69 55.76 -28.42
C LYS D 177 18.48 56.96 -28.94
N PRO D 178 19.80 56.80 -29.12
CA PRO D 178 20.58 57.91 -29.69
C PRO D 178 20.10 58.34 -31.08
N TYR D 179 20.01 57.38 -32.00
CA TYR D 179 19.63 57.65 -33.40
C TYR D 179 18.21 57.15 -33.68
N PRO D 180 17.61 57.56 -34.82
CA PRO D 180 16.30 57.02 -35.18
C PRO D 180 16.28 55.54 -35.58
N ASN D 181 17.42 55.02 -36.07
CA ASN D 181 17.51 53.66 -36.61
C ASN D 181 18.96 53.14 -36.67
N PRO D 182 19.15 51.83 -36.99
CA PRO D 182 20.52 51.29 -37.09
C PRO D 182 21.36 51.91 -38.21
N GLU D 183 20.75 52.18 -39.36
CA GLU D 183 21.47 52.73 -40.52
C GLU D 183 22.06 54.13 -40.23
N ALA D 184 21.33 54.92 -39.46
CA ALA D 184 21.81 56.21 -38.96
C ALA D 184 22.99 56.04 -37.98
N ALA D 185 22.87 55.06 -37.09
CA ALA D 185 23.91 54.75 -36.11
C ALA D 185 25.25 54.36 -36.76
N ARG D 186 25.18 53.58 -37.83
CA ARG D 186 26.38 53.17 -38.58
C ARG D 186 27.15 54.36 -39.15
N ALA D 187 26.40 55.31 -39.74
CA ALA D 187 26.98 56.53 -40.30
C ALA D 187 27.73 57.37 -39.27
N ALA D 188 27.20 57.42 -38.05
CA ALA D 188 27.83 58.18 -36.95
C ALA D 188 29.07 57.52 -36.35
N ASN D 189 29.26 56.21 -36.60
CA ASN D 189 30.38 55.45 -36.04
C ASN D 189 31.23 54.73 -37.10
N ASN D 190 31.30 55.30 -38.30
CA ASN D 190 32.09 54.73 -39.42
C ASN D 190 31.78 53.26 -39.71
N GLY D 191 30.55 52.96 -40.09
CA GLY D 191 30.15 51.62 -40.53
C GLY D 191 29.70 50.68 -39.44
N ALA D 192 30.42 50.65 -38.32
CA ALA D 192 30.09 49.77 -37.20
C ALA D 192 28.83 50.23 -36.47
N LEU D 193 28.01 49.26 -36.06
CA LEU D 193 26.79 49.50 -35.30
C LEU D 193 27.06 49.26 -33.81
N PRO D 194 26.92 50.31 -32.95
CA PRO D 194 27.03 50.08 -31.51
C PRO D 194 25.87 49.21 -30.99
N PRO D 195 26.18 48.03 -30.40
CA PRO D 195 25.11 47.16 -29.94
C PRO D 195 24.31 47.74 -28.78
N ASP D 196 23.04 47.34 -28.69
CA ASP D 196 22.18 47.72 -27.58
C ASP D 196 22.76 47.07 -26.32
N LEU D 197 22.81 47.81 -25.22
CA LEU D 197 23.46 47.32 -23.99
C LEU D 197 22.54 46.62 -22.98
N SER D 198 21.24 46.59 -23.25
CA SER D 198 20.25 46.00 -22.33
C SER D 198 20.59 44.60 -21.86
N TYR D 199 21.12 43.78 -22.78
CA TYR D 199 21.47 42.38 -22.51
C TYR D 199 22.95 42.04 -22.77
N ILE D 200 23.82 43.04 -22.87
CA ILE D 200 25.20 42.80 -23.32
C ILE D 200 26.01 41.92 -22.38
N VAL D 201 25.70 41.98 -21.08
CA VAL D 201 26.33 41.08 -20.10
C VAL D 201 25.89 39.64 -20.36
N ARG D 202 24.60 39.45 -20.65
CA ARG D 202 24.09 38.11 -20.97
C ARG D 202 24.42 37.64 -22.39
N ALA D 203 24.59 38.59 -23.32
CA ALA D 203 24.84 38.27 -24.74
C ALA D 203 26.31 38.08 -25.13
N ARG D 204 27.23 38.20 -24.18
CA ARG D 204 28.66 37.95 -24.42
C ARG D 204 29.21 36.96 -23.38
N HIS D 205 29.94 35.95 -23.85
CA HIS D 205 30.71 35.06 -22.99
C HIS D 205 31.64 35.85 -22.07
N GLY D 206 31.56 35.61 -20.76
CA GLY D 206 32.39 36.32 -19.79
C GLY D 206 31.61 37.37 -19.02
N GLY D 207 30.62 38.00 -19.67
CA GLY D 207 29.68 38.89 -19.00
C GLY D 207 30.32 40.15 -18.48
N GLU D 208 30.15 40.43 -17.19
CA GLU D 208 30.76 41.61 -16.56
C GLU D 208 32.30 41.52 -16.47
N ASP D 209 32.84 40.31 -16.30
CA ASP D 209 34.30 40.08 -16.41
C ASP D 209 34.83 40.49 -17.78
N TYR D 210 34.08 40.14 -18.84
CA TYR D 210 34.47 40.46 -20.21
C TYR D 210 34.45 41.97 -20.47
N VAL D 211 33.33 42.61 -20.12
CA VAL D 211 33.14 44.04 -20.39
C VAL D 211 34.18 44.88 -19.63
N PHE D 212 34.40 44.55 -18.37
CA PHE D 212 35.40 45.24 -17.54
C PHE D 212 36.80 45.16 -18.15
N SER D 213 37.17 43.97 -18.61
CA SER D 213 38.45 43.76 -19.30
C SER D 213 38.53 44.56 -20.60
N LEU D 214 37.43 44.59 -21.35
CA LEU D 214 37.37 45.35 -22.60
C LEU D 214 37.58 46.85 -22.38
N LEU D 215 36.85 47.41 -21.43
CA LEU D 215 36.89 48.85 -21.13
C LEU D 215 38.23 49.32 -20.56
N THR D 216 38.85 48.48 -19.73
CA THR D 216 40.14 48.81 -19.11
C THR D 216 41.35 48.25 -19.87
N GLY D 217 41.12 47.34 -20.84
CA GLY D 217 42.20 46.66 -21.55
C GLY D 217 42.75 47.33 -22.81
N TYR D 218 42.15 48.46 -23.21
CA TYR D 218 42.66 49.22 -24.35
C TYR D 218 44.14 49.54 -24.16
N CYS D 219 44.95 49.20 -25.16
CA CYS D 219 46.38 49.49 -25.11
C CYS D 219 46.94 49.76 -26.51
N GLU D 220 48.19 50.18 -26.58
CA GLU D 220 48.86 50.39 -27.86
C GLU D 220 49.08 49.04 -28.55
N PRO D 221 49.00 49.00 -29.90
CA PRO D 221 49.18 47.71 -30.57
C PRO D 221 50.61 47.17 -30.46
N PRO D 222 50.77 45.85 -30.51
CA PRO D 222 52.12 45.26 -30.53
C PRO D 222 52.77 45.43 -31.91
N THR D 223 54.08 45.22 -31.97
CA THR D 223 54.83 45.41 -33.22
C THR D 223 54.37 44.41 -34.30
N GLY D 224 54.29 44.88 -35.54
CA GLY D 224 53.79 44.11 -36.67
C GLY D 224 52.29 44.22 -36.95
N VAL D 225 51.62 45.17 -36.28
CA VAL D 225 50.16 45.30 -36.32
C VAL D 225 49.72 46.72 -36.63
N SER D 226 48.69 46.85 -37.47
CA SER D 226 47.95 48.10 -37.64
C SER D 226 46.62 47.81 -38.31
N LEU D 227 45.56 48.49 -37.88
CA LEU D 227 44.22 48.31 -38.44
C LEU D 227 43.82 49.54 -39.26
N ARG D 228 42.62 49.50 -39.84
CA ARG D 228 42.05 50.63 -40.59
C ARG D 228 41.84 51.86 -39.69
N GLU D 229 41.90 53.04 -40.30
CA GLU D 229 41.84 54.31 -39.56
C GLU D 229 40.45 54.48 -38.92
N GLY D 230 40.35 54.11 -37.64
CA GLY D 230 39.08 54.07 -36.91
C GLY D 230 38.91 52.82 -36.06
N LEU D 231 39.52 51.72 -36.50
CA LEU D 231 39.55 50.46 -35.74
C LEU D 231 40.72 50.48 -34.74
N TYR D 232 40.39 50.51 -33.45
CA TYR D 232 41.38 50.56 -32.36
C TYR D 232 41.77 49.15 -31.93
N PHE D 233 42.90 49.03 -31.21
CA PHE D 233 43.40 47.73 -30.73
C PHE D 233 42.93 47.42 -29.30
N ASN D 234 42.19 46.32 -29.16
CA ASN D 234 41.84 45.77 -27.84
C ASN D 234 42.18 44.29 -27.80
N PRO D 235 42.99 43.86 -26.80
CA PRO D 235 43.37 42.45 -26.72
C PRO D 235 42.24 41.48 -26.31
N TYR D 236 41.16 41.99 -25.72
CA TYR D 236 40.03 41.14 -25.32
C TYR D 236 38.94 41.00 -26.39
N PHE D 237 38.90 41.90 -27.37
CA PHE D 237 37.90 41.83 -28.44
C PHE D 237 38.26 40.71 -29.42
N PRO D 238 37.26 39.95 -29.92
CA PRO D 238 37.55 38.89 -30.90
C PRO D 238 38.09 39.42 -32.24
N GLY D 239 39.17 38.81 -32.73
CA GLY D 239 39.89 39.34 -33.88
C GLY D 239 40.86 40.49 -33.54
N GLN D 240 41.03 40.80 -32.24
CA GLN D 240 42.03 41.74 -31.73
C GLN D 240 41.87 43.24 -32.11
N ALA D 241 40.83 43.60 -32.87
CA ALA D 241 40.62 44.98 -33.33
C ALA D 241 39.14 45.34 -33.28
N ILE D 242 38.85 46.50 -32.71
CA ILE D 242 37.47 46.95 -32.43
C ILE D 242 37.27 48.36 -32.97
N GLY D 243 36.03 48.70 -33.32
CA GLY D 243 35.66 50.03 -33.77
C GLY D 243 35.01 50.90 -32.71
N MET D 244 35.53 50.86 -31.49
CA MET D 244 35.10 51.74 -30.40
C MET D 244 36.31 52.44 -29.81
N ALA D 245 36.26 53.78 -29.78
CA ALA D 245 37.29 54.55 -29.11
C ALA D 245 37.20 54.31 -27.61
N PRO D 246 38.36 54.16 -26.92
CA PRO D 246 38.39 54.00 -25.45
C PRO D 246 37.45 55.00 -24.76
N PRO D 247 36.29 54.52 -24.28
CA PRO D 247 35.25 55.43 -23.83
C PRO D 247 35.46 56.02 -22.44
N ILE D 248 36.20 55.32 -21.58
CA ILE D 248 36.37 55.71 -20.18
C ILE D 248 37.82 56.04 -19.87
N TYR D 249 38.01 56.97 -18.95
CA TYR D 249 39.32 57.40 -18.48
C TYR D 249 39.13 58.08 -17.12
N ASN D 250 40.22 58.53 -16.50
CA ASN D 250 40.13 59.12 -15.17
C ASN D 250 39.41 60.47 -15.20
N GLU D 251 38.41 60.63 -14.33
CA GLU D 251 37.57 61.84 -14.25
C GLU D 251 36.76 62.15 -15.52
N VAL D 252 36.30 61.12 -16.22
CA VAL D 252 35.34 61.29 -17.34
C VAL D 252 33.93 61.73 -16.86
N LEU D 253 33.65 61.59 -15.56
CA LEU D 253 32.49 62.19 -14.93
C LEU D 253 32.71 62.39 -13.44
N GLU D 254 31.92 63.25 -12.83
CA GLU D 254 31.85 63.37 -11.37
C GLU D 254 30.64 62.54 -10.91
N PHE D 255 30.84 61.66 -9.93
CA PHE D 255 29.74 60.84 -9.39
C PHE D 255 28.95 61.62 -8.34
N ASP D 256 27.66 61.33 -8.22
CA ASP D 256 26.78 62.03 -7.28
C ASP D 256 27.20 61.88 -5.80
N ASP D 257 27.72 60.71 -5.43
CA ASP D 257 28.17 60.44 -4.04
C ASP D 257 29.65 60.77 -3.78
N GLY D 258 30.33 61.36 -4.75
CA GLY D 258 31.69 61.87 -4.57
C GLY D 258 32.78 60.80 -4.54
N THR D 259 32.56 59.69 -5.23
CA THR D 259 33.57 58.63 -5.35
C THR D 259 34.61 59.08 -6.40
N PRO D 260 35.92 58.92 -6.09
CA PRO D 260 36.93 59.32 -7.07
C PRO D 260 36.82 58.47 -8.35
N ALA D 261 36.49 59.12 -9.45
CA ALA D 261 36.18 58.44 -10.71
C ALA D 261 37.45 58.06 -11.50
N THR D 262 38.15 57.03 -11.02
CA THR D 262 39.27 56.42 -11.73
C THR D 262 38.72 55.55 -12.86
N MET D 263 39.56 55.24 -13.87
CA MET D 263 39.11 54.41 -15.00
C MET D 263 38.58 53.05 -14.54
N SER D 264 39.30 52.41 -13.61
CA SER D 264 38.87 51.13 -13.05
C SER D 264 37.56 51.22 -12.25
N GLN D 265 37.41 52.28 -11.45
CA GLN D 265 36.19 52.49 -10.68
C GLN D 265 34.97 52.71 -11.58
N VAL D 266 35.15 53.51 -12.64
CA VAL D 266 34.10 53.80 -13.62
C VAL D 266 33.66 52.52 -14.37
N ALA D 267 34.62 51.67 -14.71
CA ALA D 267 34.32 50.38 -15.38
C ALA D 267 33.57 49.41 -14.45
N LYS D 268 34.05 49.29 -13.21
CA LYS D 268 33.44 48.41 -12.22
C LYS D 268 31.99 48.78 -11.96
N ASP D 269 31.71 50.07 -11.82
CA ASP D 269 30.34 50.56 -11.57
C ASP D 269 29.42 50.30 -12.75
N VAL D 270 29.85 50.71 -13.96
CA VAL D 270 29.02 50.52 -15.16
C VAL D 270 28.73 49.05 -15.48
N CYS D 271 29.69 48.17 -15.20
CA CYS D 271 29.49 46.72 -15.32
C CYS D 271 28.42 46.20 -14.36
N THR D 272 28.50 46.64 -13.11
CA THR D 272 27.49 46.30 -12.08
C THR D 272 26.09 46.76 -12.51
N PHE D 273 25.99 47.91 -13.16
CA PHE D 273 24.72 48.39 -13.72
C PHE D 273 24.26 47.55 -14.91
N LEU D 274 25.19 47.22 -15.82
CA LEU D 274 24.89 46.38 -16.98
C LEU D 274 24.54 44.94 -16.60
N ARG D 275 25.06 44.47 -15.48
CA ARG D 275 24.66 43.20 -14.90
C ARG D 275 23.18 43.24 -14.56
N TRP D 276 22.80 44.27 -13.80
CA TRP D 276 21.40 44.50 -13.43
C TRP D 276 20.49 44.78 -14.64
N ALA D 277 21.01 45.50 -15.64
CA ALA D 277 20.27 45.78 -16.86
C ALA D 277 19.85 44.48 -17.55
N ALA D 278 20.80 43.56 -17.74
CA ALA D 278 20.54 42.26 -18.36
C ALA D 278 19.74 41.30 -17.49
N GLU D 279 19.86 41.42 -16.16
CA GLU D 279 19.25 40.48 -15.21
C GLU D 279 18.71 41.21 -13.96
N PRO D 280 17.56 41.91 -14.09
CA PRO D 280 16.96 42.58 -12.93
C PRO D 280 16.59 41.62 -11.81
N GLU D 281 16.15 40.42 -12.18
CA GLU D 281 15.75 39.39 -11.21
C GLU D 281 16.84 38.94 -10.21
N HIS D 282 18.11 39.12 -10.58
CA HIS D 282 19.28 38.72 -9.78
C HIS D 282 19.11 38.60 -8.27
N ASP D 283 18.64 39.68 -7.63
CA ASP D 283 18.56 39.73 -6.17
C ASP D 283 17.43 38.87 -5.64
N HIS D 284 16.27 38.95 -6.28
CA HIS D 284 15.13 38.10 -5.91
C HIS D 284 15.47 36.63 -6.16
N ARG D 285 16.00 36.34 -7.35
CA ARG D 285 16.48 35.02 -7.75
C ARG D 285 17.32 34.33 -6.66
N LYS D 286 18.29 35.05 -6.11
CA LYS D 286 19.18 34.52 -5.08
C LYS D 286 18.52 34.43 -3.70
N ARG D 287 17.61 35.37 -3.39
CA ARG D 287 16.78 35.26 -2.18
C ARG D 287 15.95 34.00 -2.25
N MET D 288 15.36 33.73 -3.43
CA MET D 288 14.59 32.50 -3.65
C MET D 288 15.49 31.28 -3.52
N GLY D 289 16.68 31.36 -4.09
CA GLY D 289 17.67 30.29 -3.98
C GLY D 289 17.94 29.85 -2.55
N LEU D 290 18.14 30.82 -1.66
CA LEU D 290 18.38 30.56 -0.25
C LEU D 290 17.22 29.81 0.38
N LYS D 291 16.01 30.30 0.13
CA LYS D 291 14.79 29.71 0.68
C LYS D 291 14.53 28.31 0.13
N MET D 292 14.89 28.09 -1.13
CA MET D 292 14.82 26.76 -1.73
C MET D 292 15.83 25.80 -1.11
N LEU D 293 17.08 26.24 -0.98
CA LEU D 293 18.12 25.41 -0.36
C LEU D 293 17.77 24.97 1.05
N LEU D 294 17.17 25.86 1.83
CA LEU D 294 16.78 25.53 3.21
C LEU D 294 15.58 24.58 3.26
N MET D 295 14.55 24.85 2.46
CA MET D 295 13.39 23.95 2.34
C MET D 295 13.79 22.55 1.90
N MET D 296 14.73 22.46 0.95
CA MET D 296 15.28 21.18 0.52
C MET D 296 16.12 20.52 1.60
N GLY D 297 16.91 21.32 2.31
CA GLY D 297 17.64 20.84 3.49
C GLY D 297 16.73 20.21 4.53
N LEU D 298 15.50 20.71 4.63
CA LEU D 298 14.50 20.14 5.54
C LEU D 298 13.74 18.95 4.92
N LEU D 299 13.18 19.13 3.72
CA LEU D 299 12.24 18.17 3.12
C LEU D 299 12.89 16.88 2.62
N LEU D 300 14.06 16.98 1.99
CA LEU D 300 14.75 15.79 1.45
C LEU D 300 15.01 14.70 2.50
N PRO D 301 15.66 15.05 3.63
CA PRO D 301 15.84 14.02 4.65
C PRO D 301 14.54 13.56 5.33
N LEU D 302 13.55 14.44 5.43
CA LEU D 302 12.22 14.05 5.94
C LEU D 302 11.49 13.06 5.02
N VAL D 303 11.41 13.39 3.73
CA VAL D 303 10.80 12.53 2.71
C VAL D 303 11.57 11.22 2.55
N TYR D 304 12.89 11.30 2.63
CA TYR D 304 13.76 10.13 2.63
C TYR D 304 13.50 9.26 3.86
N ALA D 305 13.22 9.88 5.00
CA ALA D 305 12.83 9.13 6.21
C ALA D 305 11.45 8.47 6.08
N MET D 306 10.50 9.17 5.47
CA MET D 306 9.17 8.59 5.17
C MET D 306 9.31 7.39 4.26
N LYS D 307 10.22 7.50 3.29
CA LYS D 307 10.52 6.42 2.35
C LYS D 307 11.06 5.20 3.08
N ARG D 308 12.07 5.40 3.92
CA ARG D 308 12.72 4.31 4.66
C ARG D 308 11.76 3.65 5.67
N HIS D 309 10.86 4.45 6.24
CA HIS D 309 9.81 3.97 7.16
C HIS D 309 8.92 2.95 6.45
N LYS D 310 8.30 3.37 5.36
CA LYS D 310 7.45 2.47 4.58
C LYS D 310 8.21 1.24 4.10
N TRP D 311 9.40 1.45 3.57
CA TRP D 311 10.20 0.36 3.01
C TRP D 311 10.84 -0.57 4.03
N SER D 312 10.89 -0.15 5.30
CA SER D 312 11.46 -0.99 6.37
C SER D 312 10.78 -2.35 6.55
N VAL D 313 9.54 -2.48 6.08
CA VAL D 313 8.84 -3.77 6.09
C VAL D 313 9.58 -4.79 5.23
N LEU D 314 10.02 -4.32 4.06
CA LEU D 314 10.68 -5.17 3.05
C LEU D 314 12.17 -5.32 3.29
N LYS D 315 12.84 -4.24 3.71
CA LYS D 315 14.29 -4.31 4.01
C LYS D 315 14.65 -5.23 5.18
N SER D 316 13.78 -5.31 6.18
CA SER D 316 13.98 -6.19 7.33
C SER D 316 13.72 -7.67 7.00
N ARG D 317 12.75 -7.92 6.12
CA ARG D 317 12.14 -9.25 5.98
C ARG D 317 13.13 -10.40 5.80
N LYS D 318 12.81 -11.54 6.38
CA LYS D 318 13.62 -12.74 6.26
C LYS D 318 12.82 -13.80 5.49
N LEU D 319 13.49 -14.54 4.62
CA LEU D 319 12.86 -15.57 3.78
C LEU D 319 13.29 -16.94 4.24
N ALA D 320 12.42 -17.92 4.07
CA ALA D 320 12.74 -19.30 4.41
C ALA D 320 12.08 -20.25 3.43
N TYR D 321 12.86 -21.18 2.91
CA TYR D 321 12.39 -22.21 2.01
C TYR D 321 12.18 -23.49 2.80
N ARG D 322 10.93 -23.93 2.93
CA ARG D 322 10.58 -25.09 3.78
C ARG D 322 9.86 -26.21 2.98
N PRO D 323 10.57 -26.81 2.00
CA PRO D 323 9.97 -27.86 1.16
C PRO D 323 9.76 -29.18 1.91
N PRO D 324 8.74 -29.97 1.56
CA PRO D 324 8.56 -31.27 2.24
C PRO D 324 9.64 -32.29 1.88
N SER E 1 7.36 -30.86 11.85
CA SER E 1 6.19 -30.06 12.28
C SER E 1 6.35 -28.57 11.98
N HIS E 2 5.22 -27.90 11.80
CA HIS E 2 5.17 -26.44 11.77
C HIS E 2 5.54 -25.80 13.12
N THR E 3 5.46 -26.57 14.21
CA THR E 3 5.94 -26.11 15.53
C THR E 3 7.46 -25.89 15.61
N ASP E 4 8.22 -26.52 14.70
CA ASP E 4 9.67 -26.29 14.55
C ASP E 4 10.04 -24.88 14.07
N ILE E 5 9.12 -24.21 13.38
CA ILE E 5 9.31 -22.84 12.89
C ILE E 5 9.43 -21.88 14.08
N LYS E 6 10.53 -21.12 14.12
CA LYS E 6 10.75 -20.10 15.15
C LYS E 6 11.06 -18.78 14.43
N VAL E 7 10.42 -17.70 14.87
CA VAL E 7 10.53 -16.41 14.19
C VAL E 7 11.94 -15.85 14.41
N PRO E 8 12.61 -15.43 13.32
CA PRO E 8 13.94 -14.83 13.44
C PRO E 8 14.03 -13.64 14.39
N ASP E 9 15.24 -13.42 14.90
CA ASP E 9 15.53 -12.32 15.81
C ASP E 9 15.62 -11.03 15.00
N PHE E 10 14.79 -10.04 15.34
CA PHE E 10 14.79 -8.75 14.65
C PHE E 10 15.47 -7.64 15.46
N SER E 11 16.29 -7.99 16.43
CA SER E 11 16.85 -7.01 17.38
C SER E 11 17.66 -5.91 16.69
N ASP E 12 18.43 -6.27 15.67
CA ASP E 12 19.20 -5.29 14.88
C ASP E 12 18.32 -4.20 14.27
N TYR E 13 17.10 -4.58 13.88
CA TYR E 13 16.16 -3.69 13.20
C TYR E 13 15.20 -2.94 14.13
N ARG E 14 14.87 -3.53 15.28
CA ARG E 14 13.91 -2.95 16.23
C ARG E 14 14.31 -1.57 16.73
N ARG E 15 13.31 -0.80 17.12
CA ARG E 15 13.54 0.46 17.84
C ARG E 15 13.96 0.09 19.26
N PRO E 16 14.85 0.89 19.89
CA PRO E 16 15.21 0.72 21.28
C PRO E 16 14.05 0.42 22.22
N GLU E 17 12.94 1.16 22.07
CA GLU E 17 11.80 1.06 22.99
C GLU E 17 11.15 -0.34 23.02
N VAL E 18 11.26 -1.08 21.92
CA VAL E 18 10.67 -2.42 21.81
C VAL E 18 11.71 -3.56 21.75
N LEU E 19 12.91 -3.31 22.26
CA LEU E 19 13.96 -4.35 22.33
C LEU E 19 13.68 -5.35 23.46
N ASP E 20 13.20 -4.84 24.59
CA ASP E 20 12.98 -5.64 25.79
C ASP E 20 11.76 -6.56 25.61
N SER E 21 12.01 -7.87 25.48
CA SER E 21 10.92 -8.83 25.21
C SER E 21 10.04 -9.10 26.43
N THR E 22 10.56 -8.80 27.63
CA THR E 22 9.81 -8.95 28.89
C THR E 22 8.95 -7.72 29.25
N LYS E 23 8.97 -6.67 28.42
CA LYS E 23 8.17 -5.48 28.68
C LYS E 23 7.10 -5.29 27.59
N SER E 24 6.01 -4.62 27.95
CA SER E 24 4.89 -4.39 27.05
C SER E 24 5.18 -3.21 26.15
N SER E 25 5.04 -3.42 24.83
CA SER E 25 5.22 -2.36 23.83
C SER E 25 4.17 -1.26 23.89
N LYS E 26 3.03 -1.48 24.55
CA LYS E 26 1.93 -0.50 24.65
C LYS E 26 2.31 0.86 25.27
N GLU E 27 3.27 0.85 26.20
CA GLU E 27 3.81 2.10 26.75
C GLU E 27 4.41 2.97 25.64
N SER E 28 5.28 2.35 24.85
CA SER E 28 5.98 3.05 23.77
C SER E 28 5.17 3.27 22.48
N SER E 29 3.99 2.66 22.35
CA SER E 29 3.19 2.75 21.11
C SER E 29 2.71 4.17 20.83
N GLU E 30 2.20 4.82 21.87
CA GLU E 30 1.84 6.25 21.82
C GLU E 30 2.99 7.10 21.24
N ALA E 31 4.21 6.82 21.71
CA ALA E 31 5.41 7.57 21.35
C ALA E 31 5.91 7.27 19.94
N ARG E 32 6.02 5.98 19.61
CA ARG E 32 6.59 5.55 18.32
C ARG E 32 5.78 6.04 17.12
N LYS E 33 4.46 6.08 17.29
CA LYS E 33 3.56 6.65 16.29
C LYS E 33 3.75 8.17 16.21
N GLY E 34 3.78 8.81 17.37
CA GLY E 34 4.06 10.24 17.46
C GLY E 34 5.27 10.69 16.67
N PHE E 35 6.39 9.97 16.82
CA PHE E 35 7.64 10.29 16.13
C PHE E 35 7.46 10.21 14.62
N SER E 36 6.91 9.10 14.15
CA SER E 36 6.80 8.88 12.71
C SER E 36 5.78 9.82 12.06
N TYR E 37 4.66 10.07 12.73
CA TYR E 37 3.65 11.01 12.21
C TYR E 37 4.06 12.48 12.29
N LEU E 38 4.96 12.82 13.24
CA LEU E 38 5.57 14.17 13.27
C LEU E 38 6.36 14.43 12.00
N VAL E 39 7.12 13.43 11.57
CA VAL E 39 7.90 13.52 10.33
C VAL E 39 6.95 13.75 9.16
N THR E 40 5.87 12.97 9.09
CA THR E 40 4.86 13.15 8.04
C THR E 40 4.21 14.54 8.13
N ALA E 41 3.86 14.97 9.34
CA ALA E 41 3.19 16.26 9.53
C ALA E 41 4.10 17.42 9.16
N THR E 42 5.35 17.38 9.61
CA THR E 42 6.36 18.40 9.28
C THR E 42 6.56 18.50 7.77
N THR E 43 6.70 17.36 7.12
CA THR E 43 6.82 17.28 5.66
C THR E 43 5.66 18.02 4.97
N THR E 44 4.44 17.74 5.39
CA THR E 44 3.25 18.35 4.78
C THR E 44 3.22 19.88 4.96
N VAL E 45 3.65 20.37 6.13
CA VAL E 45 3.78 21.82 6.36
C VAL E 45 4.79 22.44 5.40
N GLY E 46 5.92 21.75 5.19
CA GLY E 46 6.92 22.16 4.20
C GLY E 46 6.38 22.21 2.78
N VAL E 47 5.68 21.16 2.37
CA VAL E 47 5.10 21.09 1.02
C VAL E 47 4.01 22.14 0.85
N ALA E 48 3.26 22.41 1.92
CA ALA E 48 2.22 23.44 1.88
C ALA E 48 2.86 24.81 1.67
N TYR E 49 3.90 25.11 2.44
CA TYR E 49 4.63 26.37 2.26
C TYR E 49 5.07 26.54 0.82
N ALA E 50 5.58 25.47 0.22
CA ALA E 50 6.04 25.50 -1.15
C ALA E 50 4.88 25.76 -2.10
N ALA E 51 3.91 24.86 -2.10
CA ALA E 51 2.80 24.90 -3.07
C ALA E 51 2.02 26.23 -3.03
N LYS E 52 1.89 26.79 -1.83
CA LYS E 52 1.31 28.12 -1.66
C LYS E 52 2.06 29.16 -2.48
N ASN E 53 3.37 29.20 -2.30
CA ASN E 53 4.23 30.10 -3.05
C ASN E 53 4.22 29.86 -4.55
N VAL E 54 4.26 28.59 -4.96
CA VAL E 54 4.30 28.25 -6.40
C VAL E 54 3.01 28.69 -7.07
N VAL E 55 1.88 28.26 -6.51
CA VAL E 55 0.56 28.57 -7.06
C VAL E 55 0.37 30.08 -7.08
N SER E 56 0.70 30.73 -5.95
CA SER E 56 0.52 32.17 -5.79
C SER E 56 1.29 32.99 -6.83
N GLN E 57 2.51 32.56 -7.17
CA GLN E 57 3.28 33.17 -8.25
C GLN E 57 2.61 33.01 -9.61
N PHE E 58 2.24 31.78 -9.95
CA PHE E 58 1.54 31.51 -11.21
C PHE E 58 0.28 32.36 -11.34
N VAL E 59 -0.45 32.52 -10.23
CA VAL E 59 -1.64 33.37 -10.21
C VAL E 59 -1.25 34.83 -10.40
N SER E 60 -0.18 35.24 -9.75
CA SER E 60 0.33 36.62 -9.87
C SER E 60 0.67 36.99 -11.31
N SER E 61 1.27 36.04 -12.05
CA SER E 61 1.55 36.18 -13.49
C SER E 61 0.40 36.79 -14.29
N MET E 62 -0.80 36.29 -14.04
CA MET E 62 -1.98 36.73 -14.80
C MET E 62 -2.51 38.11 -14.41
N SER E 63 -2.14 38.59 -13.23
CA SER E 63 -2.46 39.96 -12.82
C SER E 63 -1.55 40.96 -13.54
N ALA E 64 -2.00 42.22 -13.58
CA ALA E 64 -1.37 43.25 -14.40
C ALA E 64 0.14 43.32 -14.25
N SER E 65 0.84 43.29 -15.39
CA SER E 65 2.30 43.42 -15.43
C SER E 65 2.74 44.85 -15.10
N ALA E 66 4.02 45.02 -14.78
CA ALA E 66 4.59 46.31 -14.38
C ALA E 66 4.37 47.44 -15.38
N ASP E 67 4.38 47.11 -16.67
CA ASP E 67 4.16 48.11 -17.74
C ASP E 67 2.70 48.55 -17.89
N VAL E 68 1.76 47.70 -17.47
CA VAL E 68 0.32 48.02 -17.47
C VAL E 68 -0.04 48.86 -16.23
N LEU E 69 0.62 48.56 -15.10
CA LEU E 69 0.50 49.41 -13.91
C LEU E 69 1.13 50.79 -14.11
N ALA E 70 2.15 50.86 -14.96
CA ALA E 70 2.79 52.12 -15.32
C ALA E 70 1.85 53.11 -16.03
N MET E 71 0.92 52.59 -16.84
CA MET E 71 -0.10 53.43 -17.51
C MET E 71 -1.42 53.51 -16.74
N SER E 72 -1.53 52.81 -15.62
CA SER E 72 -2.75 52.78 -14.81
C SER E 72 -3.17 54.20 -14.41
N LYS E 73 -2.24 54.92 -13.80
CA LYS E 73 -2.50 56.26 -13.25
C LYS E 73 -1.83 57.36 -14.07
N ILE E 74 -2.38 58.57 -13.98
CA ILE E 74 -1.85 59.77 -14.64
C ILE E 74 -1.91 60.96 -13.66
N GLU E 75 -0.78 61.63 -13.50
CA GLU E 75 -0.67 62.88 -12.71
C GLU E 75 -1.09 64.06 -13.56
N ILE E 76 -1.86 64.97 -12.97
CA ILE E 76 -2.27 66.21 -13.63
C ILE E 76 -2.02 67.39 -12.68
N LYS E 77 -1.51 68.49 -13.22
CA LYS E 77 -1.21 69.70 -12.45
C LYS E 77 -2.37 70.69 -12.50
N LEU E 78 -2.92 71.01 -11.33
CA LEU E 78 -4.16 71.78 -11.21
C LEU E 78 -3.96 73.28 -11.45
N SER E 79 -2.77 73.80 -11.14
CA SER E 79 -2.42 75.19 -11.45
C SER E 79 -2.19 75.48 -12.95
N ASP E 80 -2.01 74.42 -13.77
CA ASP E 80 -1.88 74.54 -15.24
C ASP E 80 -3.21 74.61 -16.01
N ILE E 81 -4.34 74.55 -15.32
CA ILE E 81 -5.67 74.66 -15.95
C ILE E 81 -6.42 75.84 -15.31
N PRO E 82 -6.72 76.90 -16.10
CA PRO E 82 -7.39 78.08 -15.54
C PRO E 82 -8.90 77.90 -15.30
N GLU E 83 -9.48 78.79 -14.51
CA GLU E 83 -10.88 78.71 -14.07
C GLU E 83 -11.88 78.95 -15.20
N GLY E 84 -12.53 77.87 -15.65
CA GLY E 84 -13.52 77.92 -16.73
C GLY E 84 -13.16 76.98 -17.86
N LYS E 85 -11.87 76.94 -18.22
CA LYS E 85 -11.40 76.16 -19.37
C LYS E 85 -11.30 74.67 -19.05
N ASN E 86 -11.60 73.86 -20.05
CA ASN E 86 -11.37 72.41 -20.01
C ASN E 86 -9.94 72.12 -20.51
N MET E 87 -9.37 71.01 -20.04
CA MET E 87 -8.06 70.52 -20.50
C MET E 87 -8.16 69.00 -20.70
N ALA E 88 -7.88 68.54 -21.91
CA ALA E 88 -7.93 67.11 -22.24
C ALA E 88 -6.60 66.41 -21.92
N PHE E 89 -6.69 65.11 -21.62
CA PHE E 89 -5.53 64.26 -21.36
C PHE E 89 -5.73 62.86 -21.95
N LYS E 90 -4.65 62.09 -22.02
CA LYS E 90 -4.63 60.74 -22.59
C LYS E 90 -4.60 59.75 -21.42
N TRP E 91 -5.66 58.96 -21.23
CA TRP E 91 -5.76 58.05 -20.07
C TRP E 91 -6.37 56.69 -20.40
N ARG E 92 -5.53 55.65 -20.35
CA ARG E 92 -5.92 54.28 -20.67
C ARG E 92 -6.47 54.20 -22.10
N GLY E 93 -5.75 54.83 -23.03
CA GLY E 93 -6.16 54.94 -24.43
C GLY E 93 -7.46 55.72 -24.67
N LYS E 94 -7.79 56.64 -23.76
CA LYS E 94 -9.04 57.44 -23.80
C LYS E 94 -8.71 58.92 -23.57
N PRO E 95 -9.60 59.83 -24.05
CA PRO E 95 -9.55 61.19 -23.51
C PRO E 95 -9.96 61.25 -22.04
N LEU E 96 -9.38 62.19 -21.30
CA LEU E 96 -9.74 62.43 -19.90
C LEU E 96 -9.89 63.93 -19.66
N PHE E 97 -11.14 64.37 -19.48
CA PHE E 97 -11.44 65.78 -19.26
C PHE E 97 -11.42 66.16 -17.78
N VAL E 98 -10.51 67.07 -17.42
CA VAL E 98 -10.51 67.75 -16.12
C VAL E 98 -10.95 69.20 -16.37
N ARG E 99 -11.79 69.73 -15.50
CA ARG E 99 -12.39 71.05 -15.69
C ARG E 99 -12.40 71.86 -14.40
N HIS E 100 -11.73 73.01 -14.43
CA HIS E 100 -11.77 73.98 -13.32
C HIS E 100 -13.11 74.72 -13.47
N ARG E 101 -13.92 74.68 -12.42
CA ARG E 101 -15.27 75.26 -12.45
C ARG E 101 -15.35 76.52 -11.62
N THR E 102 -16.06 77.52 -12.15
CA THR E 102 -16.18 78.81 -11.51
C THR E 102 -17.22 78.80 -10.39
N LYS E 103 -17.20 79.87 -9.58
CA LYS E 103 -18.25 80.19 -8.61
C LYS E 103 -19.65 80.04 -9.22
N LYS E 104 -19.81 80.50 -10.46
CA LYS E 104 -21.08 80.42 -11.18
C LYS E 104 -21.44 78.99 -11.59
N GLU E 105 -20.50 78.27 -12.21
CA GLU E 105 -20.74 76.89 -12.65
C GLU E 105 -21.05 75.92 -11.50
N ILE E 106 -20.46 76.15 -10.33
CA ILE E 106 -20.71 75.34 -9.12
C ILE E 106 -22.14 75.52 -8.61
N ASP E 107 -22.54 76.78 -8.43
CA ASP E 107 -23.87 77.12 -7.89
C ASP E 107 -24.99 76.85 -8.90
N GLN E 108 -24.71 77.03 -10.20
CA GLN E 108 -25.66 76.75 -11.29
C GLN E 108 -25.93 75.25 -11.48
N GLU E 109 -24.92 74.41 -11.23
CA GLU E 109 -25.08 72.95 -11.26
C GLU E 109 -25.49 72.35 -9.91
N ALA E 110 -25.50 73.15 -8.84
CA ALA E 110 -25.94 72.71 -7.52
C ALA E 110 -27.46 72.62 -7.39
N ALA E 111 -28.18 73.64 -7.87
CA ALA E 111 -29.65 73.73 -7.72
C ALA E 111 -30.43 73.28 -8.96
N VAL E 112 -29.90 72.29 -9.68
CA VAL E 112 -30.54 71.72 -10.88
C VAL E 112 -31.65 70.77 -10.43
N GLU E 113 -32.64 70.55 -11.30
CA GLU E 113 -33.73 69.61 -11.03
C GLU E 113 -33.23 68.16 -11.09
N VAL E 114 -33.46 67.40 -10.02
CA VAL E 114 -32.93 66.03 -9.89
C VAL E 114 -33.73 65.02 -10.72
N SER E 115 -35.06 65.19 -10.76
CA SER E 115 -35.96 64.27 -11.45
C SER E 115 -35.92 64.38 -12.98
N GLN E 116 -35.86 65.61 -13.49
CA GLN E 116 -35.84 65.89 -14.95
C GLN E 116 -34.72 65.18 -15.71
N LEU E 117 -33.61 64.92 -15.03
CA LEU E 117 -32.46 64.20 -15.59
C LEU E 117 -32.83 62.77 -15.98
N ARG E 118 -32.25 62.28 -17.08
CA ARG E 118 -32.42 60.88 -17.50
C ARG E 118 -31.64 59.92 -16.61
N ASP E 119 -30.48 60.36 -16.12
CA ASP E 119 -29.67 59.62 -15.16
C ASP E 119 -29.53 60.50 -13.91
N PRO E 120 -30.45 60.36 -12.92
CA PRO E 120 -30.44 61.25 -11.74
C PRO E 120 -29.24 61.11 -10.80
N GLN E 121 -28.30 62.07 -10.89
CA GLN E 121 -27.19 62.20 -9.93
C GLN E 121 -27.04 63.67 -9.55
N HIS E 122 -26.93 63.94 -8.25
CA HIS E 122 -26.63 65.28 -7.75
C HIS E 122 -25.13 65.57 -7.95
N ASP E 123 -24.77 66.85 -7.95
CA ASP E 123 -23.40 67.27 -8.28
C ASP E 123 -22.39 66.99 -7.16
N LEU E 124 -22.78 67.22 -5.91
CA LEU E 124 -21.91 66.98 -4.73
C LEU E 124 -21.44 65.52 -4.49
N GLU E 125 -22.05 64.55 -5.17
CA GLU E 125 -21.59 63.14 -5.16
C GLU E 125 -20.93 62.66 -6.47
N ARG E 126 -20.94 63.49 -7.53
CA ARG E 126 -20.17 63.22 -8.75
C ARG E 126 -18.71 63.68 -8.66
N VAL E 127 -18.40 64.61 -7.76
CA VAL E 127 -17.04 65.13 -7.57
C VAL E 127 -16.64 65.13 -6.09
N LYS E 128 -15.33 65.17 -5.85
CA LYS E 128 -14.77 65.14 -4.50
C LYS E 128 -14.46 66.54 -3.99
N LYS E 129 -13.97 67.42 -4.87
CA LYS E 129 -13.90 68.86 -4.58
C LYS E 129 -14.84 69.62 -5.54
N PRO E 130 -15.66 70.57 -5.02
CA PRO E 130 -16.66 71.27 -5.87
C PRO E 130 -16.12 72.02 -7.10
N GLU E 131 -14.90 72.55 -7.00
CA GLU E 131 -14.30 73.36 -8.08
C GLU E 131 -13.55 72.56 -9.16
N TRP E 132 -13.49 71.23 -9.02
CA TRP E 132 -12.88 70.35 -10.02
C TRP E 132 -13.80 69.19 -10.37
N VAL E 133 -14.09 69.04 -11.66
CA VAL E 133 -14.85 67.89 -12.16
C VAL E 133 -14.02 67.13 -13.20
N ILE E 134 -13.77 65.86 -12.90
CA ILE E 134 -12.93 64.99 -13.73
C ILE E 134 -13.83 63.91 -14.35
N LEU E 135 -13.73 63.76 -15.67
CA LEU E 135 -14.64 62.92 -16.45
C LEU E 135 -13.89 62.23 -17.59
N ILE E 136 -14.43 61.10 -18.06
CA ILE E 136 -13.90 60.45 -19.25
C ILE E 136 -14.58 61.10 -20.44
N GLY E 137 -13.79 61.50 -21.44
CA GLY E 137 -14.30 62.17 -22.63
C GLY E 137 -14.77 61.22 -23.72
N VAL E 138 -15.58 60.24 -23.34
CA VAL E 138 -16.19 59.29 -24.27
C VAL E 138 -17.70 59.43 -24.14
N CYS E 139 -18.35 59.73 -25.26
CA CYS E 139 -19.80 59.88 -25.33
C CYS E 139 -20.42 58.48 -25.17
N THR E 140 -21.33 58.33 -24.20
CA THR E 140 -21.78 57.00 -23.75
C THR E 140 -22.66 56.19 -24.73
N HIS E 141 -23.36 56.84 -25.66
CA HIS E 141 -24.28 56.15 -26.59
C HIS E 141 -23.53 55.25 -27.58
N LEU E 142 -22.79 55.84 -28.52
CA LEU E 142 -22.03 55.09 -29.54
C LEU E 142 -20.59 55.60 -29.75
N GLY E 143 -19.99 56.20 -28.72
CA GLY E 143 -18.56 56.48 -28.70
C GLY E 143 -18.03 57.54 -29.65
N CYS E 144 -17.97 58.77 -29.15
CA CYS E 144 -17.33 59.89 -29.83
C CYS E 144 -16.47 60.62 -28.79
N VAL E 145 -15.91 61.78 -29.15
CA VAL E 145 -15.20 62.64 -28.20
C VAL E 145 -15.94 64.00 -28.11
N PRO E 146 -16.66 64.27 -26.99
CA PRO E 146 -17.37 65.55 -26.87
C PRO E 146 -16.47 66.79 -26.83
N ILE E 147 -16.91 67.85 -27.48
CA ILE E 147 -16.17 69.11 -27.59
C ILE E 147 -16.55 70.02 -26.41
N ALA E 148 -15.55 70.60 -25.75
CA ALA E 148 -15.76 71.43 -24.55
C ALA E 148 -16.29 72.82 -24.89
N ASN E 149 -16.91 73.47 -23.90
CA ASN E 149 -17.43 74.84 -24.03
C ASN E 149 -18.38 75.04 -25.22
N ALA E 150 -19.42 74.20 -25.26
CA ALA E 150 -20.40 74.21 -26.33
C ALA E 150 -21.67 73.49 -25.90
N GLY E 151 -22.67 73.47 -26.79
CA GLY E 151 -23.95 72.83 -26.53
C GLY E 151 -24.98 73.81 -25.99
N ASP E 152 -26.18 73.31 -25.77
CA ASP E 152 -27.26 74.11 -25.20
C ASP E 152 -27.06 74.32 -23.71
N PHE E 153 -26.74 73.24 -22.99
CA PHE E 153 -26.56 73.28 -21.53
C PHE E 153 -25.16 73.71 -21.07
N GLY E 154 -24.32 74.16 -22.02
CA GLY E 154 -23.10 74.90 -21.69
C GLY E 154 -22.08 74.06 -20.95
N GLY E 155 -21.66 72.97 -21.59
CA GLY E 155 -20.69 72.07 -20.98
C GLY E 155 -19.94 71.30 -22.04
N TYR E 156 -20.52 70.17 -22.45
CA TYR E 156 -19.97 69.36 -23.52
C TYR E 156 -21.09 69.01 -24.51
N TYR E 157 -20.74 69.02 -25.80
CA TYR E 157 -21.69 68.68 -26.88
C TYR E 157 -21.01 67.80 -27.93
N CYS E 158 -21.79 66.87 -28.48
CA CYS E 158 -21.31 65.87 -29.43
C CYS E 158 -22.00 66.08 -30.78
N PRO E 159 -21.24 66.28 -31.89
CA PRO E 159 -21.88 66.37 -33.22
C PRO E 159 -22.14 65.04 -33.96
N CYS E 160 -22.25 63.92 -33.24
CA CYS E 160 -22.45 62.58 -33.85
C CYS E 160 -23.93 62.27 -34.09
N HIS E 161 -24.73 62.33 -33.02
CA HIS E 161 -26.18 62.06 -33.06
C HIS E 161 -26.99 63.27 -32.58
N GLY E 162 -26.84 63.63 -31.30
CA GLY E 162 -27.46 64.85 -30.75
C GLY E 162 -27.55 64.93 -29.23
N SER E 163 -26.41 64.75 -28.56
CA SER E 163 -26.33 64.74 -27.10
C SER E 163 -25.85 66.08 -26.54
N HIS E 164 -26.44 66.49 -25.41
CA HIS E 164 -26.08 67.71 -24.71
C HIS E 164 -25.79 67.42 -23.24
N TYR E 165 -24.55 67.64 -22.83
CA TYR E 165 -24.14 67.47 -21.44
C TYR E 165 -24.01 68.83 -20.76
N ASP E 166 -24.35 68.88 -19.48
CA ASP E 166 -24.19 70.10 -18.67
C ASP E 166 -22.73 70.24 -18.18
N ALA E 167 -22.46 71.25 -17.36
CA ALA E 167 -21.11 71.48 -16.81
C ALA E 167 -20.65 70.41 -15.79
N SER E 168 -21.59 69.72 -15.16
CA SER E 168 -21.30 68.58 -14.28
C SER E 168 -21.10 67.24 -15.00
N GLY E 169 -21.25 67.23 -16.33
CA GLY E 169 -21.08 66.01 -17.14
C GLY E 169 -22.33 65.13 -17.27
N ARG E 170 -23.48 65.60 -16.79
CA ARG E 170 -24.72 64.84 -16.83
C ARG E 170 -25.48 65.11 -18.12
N ILE E 171 -26.02 64.04 -18.73
CA ILE E 171 -26.83 64.19 -19.94
C ILE E 171 -28.15 64.91 -19.63
N ARG E 172 -28.46 65.90 -20.45
CA ARG E 172 -29.67 66.72 -20.28
C ARG E 172 -30.65 66.45 -21.43
N LYS E 173 -30.24 66.74 -22.67
CA LYS E 173 -31.10 66.56 -23.85
C LYS E 173 -30.36 65.83 -24.99
N GLY E 174 -30.70 64.55 -25.18
CA GLY E 174 -30.14 63.73 -26.26
C GLY E 174 -30.38 62.23 -26.11
N PRO E 175 -29.84 61.42 -27.05
CA PRO E 175 -30.01 59.95 -27.05
C PRO E 175 -29.16 59.14 -26.07
N ALA E 176 -28.22 59.77 -25.35
CA ALA E 176 -27.32 59.06 -24.43
C ALA E 176 -28.06 58.47 -23.23
N PRO E 177 -27.78 57.21 -22.87
CA PRO E 177 -28.42 56.64 -21.68
C PRO E 177 -27.74 57.12 -20.39
N LEU E 178 -26.48 56.72 -20.17
CA LEU E 178 -25.71 57.15 -18.99
C LEU E 178 -25.10 58.54 -19.19
N ASN E 179 -24.71 59.14 -18.07
CA ASN E 179 -23.90 60.37 -18.07
C ASN E 179 -22.46 60.06 -18.46
N LEU E 180 -21.65 61.10 -18.66
CA LEU E 180 -20.21 60.93 -18.87
C LEU E 180 -19.59 60.34 -17.60
N GLU E 181 -18.66 59.41 -17.77
CA GLU E 181 -18.23 58.54 -16.67
C GLU E 181 -17.29 59.26 -15.70
N VAL E 182 -17.57 59.10 -14.41
CA VAL E 182 -16.73 59.64 -13.33
C VAL E 182 -15.69 58.61 -12.93
N PRO E 183 -14.40 58.83 -13.25
CA PRO E 183 -13.38 57.87 -12.82
C PRO E 183 -13.04 57.90 -11.32
N SER E 184 -12.20 56.96 -10.93
CA SER E 184 -11.69 56.84 -9.58
C SER E 184 -10.46 57.75 -9.45
N TYR E 185 -10.41 58.60 -8.43
CA TYR E 185 -9.24 59.47 -8.20
C TYR E 185 -9.13 59.98 -6.76
N GLU E 186 -7.98 60.58 -6.45
CA GLU E 186 -7.74 61.24 -5.16
C GLU E 186 -6.76 62.40 -5.30
N PHE E 187 -7.07 63.54 -4.66
CA PHE E 187 -6.15 64.69 -4.60
C PHE E 187 -5.06 64.39 -3.57
N THR E 188 -3.79 64.55 -3.96
CA THR E 188 -2.66 64.34 -3.04
C THR E 188 -2.31 65.65 -2.32
N SER E 189 -1.27 66.37 -2.76
CA SER E 189 -1.04 67.74 -2.31
C SER E 189 -2.07 68.62 -3.02
N ASP E 190 -2.34 69.78 -2.44
CA ASP E 190 -3.37 70.70 -2.96
C ASP E 190 -3.16 71.18 -4.42
N ASP E 191 -1.93 71.11 -4.93
CA ASP E 191 -1.61 71.50 -6.32
C ASP E 191 -1.78 70.39 -7.37
N MET E 192 -1.80 69.12 -6.94
CA MET E 192 -1.78 67.97 -7.87
C MET E 192 -2.94 66.99 -7.67
N VAL E 193 -3.26 66.25 -8.73
CA VAL E 193 -4.25 65.16 -8.70
C VAL E 193 -3.73 63.95 -9.48
N ILE E 194 -3.96 62.75 -8.91
CA ILE E 194 -3.68 61.48 -9.58
C ILE E 194 -5.01 60.82 -9.90
N VAL E 195 -5.23 60.51 -11.18
CA VAL E 195 -6.42 59.81 -11.63
C VAL E 195 -6.04 58.35 -11.84
N GLY E 196 -6.78 57.44 -11.20
CA GLY E 196 -6.57 56.00 -11.34
C GLY E 196 -6.64 55.26 -10.02
N ARG F 12 38.70 -26.67 -22.59
CA ARG F 12 40.00 -27.39 -22.40
C ARG F 12 41.10 -26.42 -21.96
N TRP F 13 41.33 -25.41 -22.79
CA TRP F 13 42.34 -24.37 -22.56
C TRP F 13 41.66 -23.09 -22.04
N LEU F 14 40.50 -22.77 -22.62
CA LEU F 14 39.65 -21.66 -22.17
C LEU F 14 38.85 -21.92 -20.88
N GLU F 15 39.03 -23.09 -20.24
CA GLU F 15 38.38 -23.37 -18.94
C GLU F 15 38.85 -22.43 -17.83
N GLY F 16 40.06 -21.89 -17.97
CA GLY F 16 40.55 -20.83 -17.08
C GLY F 16 39.73 -19.54 -17.19
N ILE F 17 39.40 -19.16 -18.42
CA ILE F 17 38.63 -17.95 -18.70
C ILE F 17 37.15 -18.13 -18.32
N ARG F 18 36.59 -19.29 -18.67
CA ARG F 18 35.22 -19.65 -18.26
C ARG F 18 35.02 -19.53 -16.75
N LYS F 19 35.99 -20.01 -15.98
CA LYS F 19 35.97 -19.92 -14.51
C LYS F 19 36.07 -18.47 -14.04
N TRP F 20 36.92 -17.66 -14.70
CA TRP F 20 37.05 -16.24 -14.37
C TRP F 20 35.76 -15.47 -14.68
N TYR F 21 35.30 -15.60 -15.92
CA TYR F 21 34.07 -14.94 -16.36
C TYR F 21 32.89 -15.26 -15.44
N TYR F 22 32.77 -16.53 -15.04
CA TYR F 22 31.69 -16.98 -14.14
C TYR F 22 31.60 -16.10 -12.91
N ASN F 23 32.73 -15.92 -12.22
CA ASN F 23 32.80 -15.07 -11.03
C ASN F 23 32.67 -13.58 -11.30
N ALA F 24 33.20 -13.13 -12.43
CA ALA F 24 33.04 -11.74 -12.87
C ALA F 24 31.55 -11.41 -13.07
N ALA F 25 30.86 -12.25 -13.84
CA ALA F 25 29.41 -12.11 -14.05
C ALA F 25 28.68 -11.94 -12.73
N GLY F 26 28.95 -12.82 -11.79
CA GLY F 26 28.54 -12.60 -10.40
C GLY F 26 27.10 -12.90 -10.02
N PHE F 27 26.40 -13.69 -10.83
CA PHE F 27 25.05 -14.14 -10.45
C PHE F 27 25.14 -15.13 -9.30
N ASN F 28 26.25 -15.88 -9.25
CA ASN F 28 26.55 -16.75 -8.10
C ASN F 28 26.53 -16.08 -6.73
N LYS F 29 26.86 -14.79 -6.68
CA LYS F 29 26.84 -14.02 -5.43
C LYS F 29 25.42 -13.81 -4.85
N LEU F 30 24.40 -14.01 -5.69
CA LEU F 30 23.00 -14.00 -5.24
C LEU F 30 22.41 -15.41 -5.01
N GLY F 31 23.28 -16.42 -5.02
CA GLY F 31 22.86 -17.81 -4.95
C GLY F 31 21.97 -18.20 -6.11
N LEU F 32 22.42 -17.88 -7.33
CA LEU F 32 21.70 -18.23 -8.55
C LEU F 32 22.56 -19.18 -9.32
N MET F 33 21.90 -20.09 -10.03
CA MET F 33 22.55 -20.88 -11.07
C MET F 33 22.32 -20.22 -12.41
N ARG F 34 23.19 -20.53 -13.36
CA ARG F 34 23.17 -19.91 -14.68
C ARG F 34 21.79 -20.00 -15.34
N ASP F 35 21.16 -21.17 -15.31
CA ASP F 35 19.81 -21.37 -15.87
C ASP F 35 18.68 -20.56 -15.22
N ASP F 36 18.92 -19.98 -14.05
CA ASP F 36 17.97 -19.03 -13.46
C ASP F 36 18.02 -17.69 -14.21
N THR F 37 19.19 -17.33 -14.74
CA THR F 37 19.38 -16.05 -15.44
C THR F 37 18.93 -16.03 -16.89
N ILE F 38 18.56 -17.20 -17.44
CA ILE F 38 18.15 -17.28 -18.85
C ILE F 38 16.87 -16.48 -19.09
N HIS F 39 16.88 -15.72 -20.18
CA HIS F 39 15.80 -14.82 -20.57
C HIS F 39 14.63 -15.66 -21.05
N GLU F 40 13.46 -15.48 -20.42
CA GLU F 40 12.28 -16.27 -20.77
C GLU F 40 11.68 -15.85 -22.11
N ASN F 41 11.97 -16.63 -23.16
CA ASN F 41 11.20 -16.60 -24.40
C ASN F 41 10.15 -17.70 -24.32
N ASP F 42 9.44 -17.97 -25.42
CA ASP F 42 8.38 -18.99 -25.40
C ASP F 42 8.88 -20.42 -25.20
N ASP F 43 10.08 -20.75 -25.70
CA ASP F 43 10.69 -22.07 -25.45
C ASP F 43 11.01 -22.26 -23.96
N VAL F 44 11.63 -21.24 -23.37
CA VAL F 44 12.08 -21.34 -21.97
C VAL F 44 10.89 -21.46 -21.04
N LYS F 45 9.85 -20.65 -21.28
CA LYS F 45 8.56 -20.76 -20.57
C LYS F 45 8.02 -22.19 -20.57
N GLU F 46 7.98 -22.81 -21.74
CA GLU F 46 7.53 -24.21 -21.88
C GLU F 46 8.46 -25.18 -21.15
N ALA F 47 9.76 -24.96 -21.27
CA ALA F 47 10.74 -25.79 -20.58
C ALA F 47 10.56 -25.70 -19.05
N ILE F 48 10.35 -24.48 -18.55
CA ILE F 48 10.08 -24.24 -17.13
C ILE F 48 8.82 -24.96 -16.70
N ARG F 49 7.77 -24.81 -17.52
CA ARG F 49 6.48 -25.45 -17.29
C ARG F 49 6.58 -26.99 -17.19
N ARG F 50 7.55 -27.59 -17.87
CA ARG F 50 7.81 -29.03 -17.80
C ARG F 50 8.72 -29.52 -16.65
N LEU F 51 9.21 -28.61 -15.81
CA LEU F 51 10.06 -28.99 -14.68
C LEU F 51 9.25 -29.74 -13.62
N PRO F 52 9.88 -30.71 -12.94
CA PRO F 52 9.21 -31.39 -11.82
C PRO F 52 9.11 -30.48 -10.59
N GLU F 53 8.15 -30.80 -9.71
CA GLU F 53 7.88 -29.99 -8.50
C GLU F 53 9.14 -29.47 -7.84
N ASN F 54 10.04 -30.38 -7.48
CA ASN F 54 11.30 -30.03 -6.82
C ASN F 54 12.14 -28.98 -7.57
N LEU F 55 12.45 -29.21 -8.84
CA LEU F 55 13.31 -28.29 -9.61
C LEU F 55 12.66 -26.92 -9.82
N TYR F 56 11.33 -26.91 -10.00
CA TYR F 56 10.57 -25.67 -10.15
C TYR F 56 10.60 -24.86 -8.86
N ASP F 57 10.24 -25.47 -7.73
CA ASP F 57 10.17 -24.74 -6.45
C ASP F 57 11.53 -24.21 -5.98
N ASP F 58 12.61 -24.93 -6.31
CA ASP F 58 13.96 -24.47 -6.00
C ASP F 58 14.27 -23.25 -6.85
N ARG F 59 13.94 -23.32 -8.15
CA ARG F 59 14.08 -22.17 -9.05
C ARG F 59 13.33 -20.97 -8.49
N VAL F 60 12.07 -21.18 -8.10
CA VAL F 60 11.23 -20.13 -7.53
C VAL F 60 11.93 -19.51 -6.32
N PHE F 61 12.48 -20.32 -5.43
CA PHE F 61 13.10 -19.76 -4.24
C PHE F 61 14.40 -19.02 -4.56
N ARG F 62 15.28 -19.67 -5.33
CA ARG F 62 16.58 -19.08 -5.67
C ARG F 62 16.45 -17.67 -6.27
N ILE F 63 15.46 -17.51 -7.14
CA ILE F 63 15.14 -16.24 -7.80
C ILE F 63 14.59 -15.24 -6.80
N LYS F 64 13.57 -15.66 -6.06
CA LYS F 64 13.00 -14.85 -4.98
C LYS F 64 14.10 -14.31 -4.05
N ARG F 65 15.05 -15.17 -3.68
CA ARG F 65 16.19 -14.79 -2.84
C ARG F 65 17.10 -13.78 -3.52
N ALA F 66 17.38 -14.01 -4.81
CA ALA F 66 18.20 -13.09 -5.62
C ALA F 66 17.54 -11.72 -5.78
N LEU F 67 16.24 -11.75 -6.07
CA LEU F 67 15.47 -10.51 -6.20
C LEU F 67 15.47 -9.74 -4.89
N ASP F 68 15.29 -10.45 -3.79
CA ASP F 68 15.33 -9.84 -2.46
C ASP F 68 16.70 -9.23 -2.14
N LEU F 69 17.77 -9.94 -2.49
CA LEU F 69 19.14 -9.44 -2.33
C LEU F 69 19.37 -8.20 -3.20
N SER F 70 18.99 -8.32 -4.48
CA SER F 70 19.02 -7.20 -5.44
C SER F 70 18.28 -5.96 -4.93
N MET F 71 17.12 -6.17 -4.31
CA MET F 71 16.36 -5.07 -3.68
C MET F 71 17.15 -4.33 -2.62
N ARG F 72 17.88 -5.07 -1.79
CA ARG F 72 18.73 -4.49 -0.75
C ARG F 72 20.12 -4.05 -1.23
N GLN F 73 20.46 -4.39 -2.47
CA GLN F 73 21.78 -4.11 -3.05
C GLN F 73 22.88 -4.80 -2.24
N GLN F 74 22.62 -6.06 -1.91
CA GLN F 74 23.56 -6.88 -1.15
C GLN F 74 23.77 -8.20 -1.85
N ILE F 75 24.77 -8.92 -1.35
CA ILE F 75 25.11 -10.25 -1.86
C ILE F 75 25.12 -11.23 -0.69
N LEU F 76 25.25 -12.51 -1.00
CA LEU F 76 25.40 -13.53 0.04
C LEU F 76 26.82 -13.49 0.62
N PRO F 77 27.01 -14.16 1.76
CA PRO F 77 28.36 -14.57 2.18
C PRO F 77 29.04 -15.51 1.16
N LYS F 78 30.36 -15.39 1.03
CA LYS F 78 31.15 -16.13 0.03
C LYS F 78 31.02 -17.64 0.10
N GLU F 79 30.77 -18.17 1.31
CA GLU F 79 30.53 -19.60 1.51
C GLU F 79 29.30 -20.04 0.72
N GLN F 80 28.27 -19.19 0.76
CA GLN F 80 26.98 -19.46 0.14
C GLN F 80 26.90 -19.19 -1.36
N TRP F 81 27.94 -18.60 -1.96
CA TRP F 81 27.95 -18.35 -3.42
C TRP F 81 27.94 -19.66 -4.17
N THR F 82 27.22 -19.71 -5.29
CA THR F 82 27.21 -20.88 -6.15
C THR F 82 28.62 -21.18 -6.65
N LYS F 83 29.13 -22.35 -6.30
CA LYS F 83 30.42 -22.79 -6.82
C LYS F 83 30.27 -23.07 -8.32
N TYR F 84 31.29 -22.69 -9.09
CA TYR F 84 31.34 -22.94 -10.52
C TYR F 84 31.10 -24.43 -10.86
N GLU F 85 31.75 -25.30 -10.10
CA GLU F 85 31.74 -26.76 -10.34
C GLU F 85 30.37 -27.37 -10.04
N GLU F 86 29.69 -26.86 -9.01
CA GLU F 86 28.37 -27.34 -8.60
C GLU F 86 27.20 -26.66 -9.32
N ASP F 87 27.44 -25.92 -10.41
CA ASP F 87 26.36 -25.26 -11.17
C ASP F 87 25.72 -26.27 -12.13
N LYS F 88 24.67 -26.92 -11.65
CA LYS F 88 23.92 -27.90 -12.43
C LYS F 88 23.14 -27.20 -13.55
N SER F 89 23.18 -27.78 -14.74
CA SER F 89 22.50 -27.22 -15.91
C SER F 89 21.08 -27.79 -15.97
N TYR F 90 20.27 -27.51 -14.95
CA TYR F 90 18.99 -28.20 -14.68
C TYR F 90 17.93 -28.09 -15.79
N LEU F 91 18.00 -27.00 -16.57
CA LEU F 91 17.03 -26.69 -17.61
C LEU F 91 17.37 -27.27 -18.99
N GLU F 92 18.63 -27.68 -19.21
CA GLU F 92 19.10 -28.19 -20.52
C GLU F 92 18.20 -29.25 -21.15
N PRO F 93 18.03 -30.41 -20.49
CA PRO F 93 17.25 -31.51 -21.10
C PRO F 93 15.80 -31.17 -21.48
N TYR F 94 15.17 -30.25 -20.75
CA TYR F 94 13.79 -29.84 -21.05
C TYR F 94 13.80 -28.87 -22.22
N LEU F 95 14.66 -27.85 -22.13
CA LEU F 95 14.76 -26.81 -23.16
C LEU F 95 15.23 -27.37 -24.50
N LYS F 96 16.20 -28.27 -24.46
CA LYS F 96 16.72 -28.92 -25.67
C LYS F 96 15.57 -29.57 -26.46
N GLU F 97 14.71 -30.32 -25.76
CA GLU F 97 13.59 -31.05 -26.37
C GLU F 97 12.43 -30.15 -26.83
N VAL F 98 12.15 -29.11 -26.07
CA VAL F 98 11.18 -28.08 -26.49
C VAL F 98 11.59 -27.48 -27.83
N ILE F 99 12.87 -27.17 -27.98
CA ILE F 99 13.41 -26.59 -29.20
C ILE F 99 13.43 -27.64 -30.32
N ARG F 100 13.93 -28.83 -29.99
CA ARG F 100 13.93 -29.96 -30.94
C ARG F 100 12.53 -30.23 -31.49
N GLU F 101 11.51 -30.10 -30.63
CA GLU F 101 10.11 -30.26 -31.03
C GLU F 101 9.64 -29.16 -31.98
N ARG F 102 9.91 -27.90 -31.64
CA ARG F 102 9.51 -26.75 -32.47
C ARG F 102 10.08 -26.81 -33.88
N LYS F 103 11.38 -27.11 -33.98
CA LYS F 103 12.05 -27.26 -35.26
C LYS F 103 11.45 -28.38 -36.13
N GLU F 104 10.91 -29.43 -35.49
CA GLU F 104 10.16 -30.47 -36.20
C GLU F 104 8.87 -29.92 -36.83
N ARG F 105 8.14 -29.11 -36.06
CA ARG F 105 6.91 -28.50 -36.57
C ARG F 105 7.18 -27.50 -37.68
N GLU F 106 8.27 -26.75 -37.53
CA GLU F 106 8.71 -25.77 -38.52
C GLU F 106 9.17 -26.43 -39.82
N GLU F 107 9.82 -27.58 -39.71
CA GLU F 107 10.17 -28.40 -40.88
C GLU F 107 8.91 -28.93 -41.57
N TRP F 108 8.02 -29.54 -40.78
CA TRP F 108 6.78 -30.12 -41.30
C TRP F 108 5.93 -29.09 -42.02
N ALA F 109 5.97 -27.84 -41.53
CA ALA F 109 5.25 -26.73 -42.16
C ALA F 109 5.80 -26.27 -43.52
N LYS F 110 6.81 -26.96 -44.07
CA LYS F 110 7.35 -26.66 -45.42
C LYS F 110 7.54 -27.95 -46.23
N ARG G 3 -2.20 -8.27 -15.06
CA ARG G 3 -2.53 -9.39 -14.12
C ARG G 3 -2.47 -8.93 -12.65
N GLN G 4 -3.61 -9.03 -11.96
CA GLN G 4 -3.73 -8.63 -10.57
C GLN G 4 -2.98 -9.60 -9.64
N PHE G 5 -2.72 -9.18 -8.41
CA PHE G 5 -2.24 -10.10 -7.36
C PHE G 5 -3.26 -11.24 -7.17
N GLY G 6 -2.74 -12.47 -7.07
CA GLY G 6 -3.56 -13.69 -7.03
C GLY G 6 -3.50 -14.51 -8.31
N HIS G 7 -3.00 -13.91 -9.40
CA HIS G 7 -2.85 -14.55 -10.70
C HIS G 7 -1.44 -14.36 -11.30
N LEU G 8 -0.46 -14.02 -10.48
CA LEU G 8 0.88 -13.73 -11.01
C LEU G 8 1.60 -15.01 -11.36
N THR G 9 1.84 -15.86 -10.36
CA THR G 9 2.58 -17.11 -10.55
C THR G 9 2.38 -18.11 -9.41
N ARG G 10 2.94 -19.30 -9.57
CA ARG G 10 2.87 -20.40 -8.60
C ARG G 10 4.12 -20.40 -7.71
N VAL G 11 3.91 -20.40 -6.39
CA VAL G 11 4.98 -20.45 -5.40
C VAL G 11 4.58 -21.43 -4.30
N ARG G 12 5.52 -22.25 -3.87
CA ARG G 12 5.24 -23.24 -2.83
C ARG G 12 6.37 -23.37 -1.83
N HIS G 13 5.99 -23.35 -0.55
CA HIS G 13 6.86 -23.68 0.58
C HIS G 13 7.89 -22.57 0.86
N VAL G 14 7.41 -21.34 0.83
CA VAL G 14 8.25 -20.17 1.02
C VAL G 14 7.63 -19.30 2.10
N ILE G 15 8.29 -19.22 3.25
CA ILE G 15 7.82 -18.42 4.38
C ILE G 15 8.51 -17.05 4.35
N THR G 16 7.74 -16.02 4.73
CA THR G 16 8.25 -14.67 4.81
C THR G 16 7.84 -14.08 6.14
N TYR G 17 8.83 -13.69 6.95
CA TYR G 17 8.62 -12.98 8.21
C TYR G 17 8.96 -11.51 7.99
N SER G 18 8.22 -10.61 8.65
CA SER G 18 8.51 -9.16 8.59
C SER G 18 7.92 -8.39 9.76
N LEU G 19 8.49 -7.21 10.02
CA LEU G 19 8.06 -6.34 11.14
C LEU G 19 7.27 -5.13 10.67
N SER G 20 6.47 -4.58 11.58
CA SER G 20 5.76 -3.33 11.33
C SER G 20 6.79 -2.22 11.29
N PRO G 21 6.55 -1.20 10.46
CA PRO G 21 7.47 -0.07 10.42
C PRO G 21 7.44 0.81 11.68
N PHE G 22 6.42 0.67 12.51
CA PHE G 22 6.41 1.33 13.82
C PHE G 22 7.19 0.57 14.89
N GLU G 23 7.53 -0.70 14.62
CA GLU G 23 8.34 -1.50 15.53
C GLU G 23 9.84 -1.35 15.28
N GLN G 24 10.22 -0.78 14.14
CA GLN G 24 11.63 -0.76 13.71
C GLN G 24 12.14 0.61 13.25
N ARG G 25 13.45 0.67 13.01
CA ARG G 25 14.13 1.90 12.69
C ARG G 25 14.24 2.10 11.19
N ALA G 26 14.16 3.37 10.78
CA ALA G 26 14.36 3.77 9.39
C ALA G 26 15.81 3.60 8.94
N PHE G 27 16.76 3.80 9.86
CA PHE G 27 18.18 3.83 9.53
C PHE G 27 19.01 2.88 10.40
N PRO G 28 18.67 1.57 10.41
CA PRO G 28 19.48 0.65 11.20
C PRO G 28 20.88 0.50 10.62
N HIS G 29 21.90 0.78 11.44
CA HIS G 29 23.31 0.59 11.05
C HIS G 29 23.64 1.26 9.72
N TYR G 30 23.15 2.49 9.58
CA TYR G 30 23.16 3.27 8.33
C TYR G 30 24.57 3.59 7.84
N PHE G 31 25.44 4.00 8.76
CA PHE G 31 26.86 4.22 8.47
C PHE G 31 27.67 2.93 8.68
N SER G 32 27.44 2.28 9.82
CA SER G 32 28.15 1.02 10.20
C SER G 32 28.23 0.00 9.08
N LYS G 33 27.08 -0.33 8.51
CA LYS G 33 26.96 -1.31 7.42
C LYS G 33 26.82 -0.66 6.04
N GLY G 34 26.39 0.61 5.99
CA GLY G 34 26.18 1.30 4.73
C GLY G 34 27.47 1.64 4.03
N ILE G 35 28.40 2.25 4.75
CA ILE G 35 29.70 2.62 4.21
C ILE G 35 30.40 1.42 3.55
N PRO G 36 30.58 0.30 4.29
CA PRO G 36 31.24 -0.84 3.64
C PRO G 36 30.49 -1.43 2.44
N ASN G 37 29.16 -1.46 2.49
CA ASN G 37 28.37 -1.93 1.35
C ASN G 37 28.54 -1.03 0.13
N VAL G 38 28.68 0.28 0.33
CA VAL G 38 28.95 1.23 -0.75
C VAL G 38 30.32 0.99 -1.39
N LEU G 39 31.34 0.85 -0.55
CA LEU G 39 32.70 0.56 -1.01
C LEU G 39 32.77 -0.76 -1.78
N ARG G 40 32.02 -1.76 -1.33
CA ARG G 40 31.90 -3.05 -2.02
C ARG G 40 31.29 -2.87 -3.41
N ARG G 41 30.19 -2.11 -3.45
CA ARG G 41 29.49 -1.84 -4.70
C ARG G 41 30.32 -0.97 -5.65
N THR G 42 31.06 0.00 -5.09
CA THR G 42 31.92 0.88 -5.89
C THR G 42 33.11 0.11 -6.46
N ARG G 43 33.78 -0.67 -5.61
CA ARG G 43 34.90 -1.54 -6.03
C ARG G 43 34.47 -2.53 -7.12
N ALA G 44 33.24 -3.04 -7.02
CA ALA G 44 32.74 -4.05 -7.94
C ALA G 44 32.56 -3.54 -9.35
N CYS G 45 32.10 -2.31 -9.51
CA CYS G 45 31.82 -1.73 -10.83
C CYS G 45 32.88 -0.76 -11.36
N ILE G 46 33.84 -0.36 -10.51
CA ILE G 46 34.76 0.75 -10.85
C ILE G 46 35.49 0.57 -12.19
N LEU G 47 36.07 -0.61 -12.44
CA LEU G 47 36.85 -0.80 -13.67
C LEU G 47 36.05 -1.36 -14.84
N ARG G 48 34.72 -1.33 -14.73
CA ARG G 48 33.82 -1.39 -15.90
C ARG G 48 33.32 0.02 -16.26
N VAL G 49 32.95 0.79 -15.24
CA VAL G 49 32.40 2.14 -15.41
C VAL G 49 33.47 3.18 -15.73
N ALA G 50 34.54 3.22 -14.94
CA ALA G 50 35.48 4.35 -14.94
C ALA G 50 36.39 4.49 -16.17
N PRO G 51 37.05 3.40 -16.62
CA PRO G 51 38.07 3.54 -17.68
C PRO G 51 37.66 4.32 -18.95
N PRO G 52 36.42 4.12 -19.45
CA PRO G 52 35.94 4.97 -20.55
C PRO G 52 35.94 6.48 -20.26
N PHE G 53 35.50 6.86 -19.06
CA PHE G 53 35.48 8.26 -18.66
C PHE G 53 36.87 8.84 -18.38
N VAL G 54 37.81 8.01 -17.95
CA VAL G 54 39.23 8.41 -17.90
C VAL G 54 39.70 8.72 -19.32
N ALA G 55 39.39 7.82 -20.26
CA ALA G 55 39.74 8.00 -21.68
C ALA G 55 39.10 9.26 -22.28
N PHE G 56 37.85 9.55 -21.90
CA PHE G 56 37.23 10.82 -22.30
C PHE G 56 38.02 12.01 -21.76
N TYR G 57 38.34 11.98 -20.47
CA TYR G 57 39.13 13.05 -19.85
C TYR G 57 40.46 13.29 -20.59
N LEU G 58 41.10 12.20 -21.02
CA LEU G 58 42.38 12.28 -21.72
C LEU G 58 42.20 12.82 -23.13
N VAL G 59 41.27 12.24 -23.89
CA VAL G 59 40.97 12.71 -25.26
C VAL G 59 40.45 14.16 -25.26
N TYR G 60 39.78 14.56 -24.18
CA TYR G 60 39.31 15.94 -23.98
C TYR G 60 40.47 16.90 -23.73
N THR G 61 41.24 16.67 -22.67
CA THR G 61 42.37 17.55 -22.31
C THR G 61 43.47 17.54 -23.37
N TRP G 62 43.63 16.42 -24.08
CA TRP G 62 44.56 16.36 -25.22
C TRP G 62 44.06 17.27 -26.35
N GLY G 63 42.84 17.02 -26.81
CA GLY G 63 42.26 17.77 -27.92
C GLY G 63 42.06 19.26 -27.67
N THR G 64 41.82 19.65 -26.42
CA THR G 64 41.61 21.05 -26.08
C THR G 64 42.90 21.85 -26.24
N GLN G 65 43.95 21.44 -25.55
CA GLN G 65 45.24 22.15 -25.62
C GLN G 65 46.02 21.93 -26.93
N GLU G 66 45.62 20.91 -27.71
CA GLU G 66 46.09 20.74 -29.09
C GLU G 66 45.48 21.80 -30.02
N PHE G 67 44.22 22.14 -29.79
CA PHE G 67 43.55 23.24 -30.49
C PHE G 67 44.20 24.59 -30.19
N GLU G 68 44.70 24.77 -28.96
CA GLU G 68 45.39 26.00 -28.56
C GLU G 68 46.77 26.12 -29.21
N LYS G 69 47.55 25.05 -29.15
CA LYS G 69 48.87 25.00 -29.79
C LYS G 69 48.78 25.23 -31.30
N SER G 70 47.82 24.58 -31.96
CA SER G 70 47.63 24.73 -33.40
C SER G 70 47.40 26.18 -33.84
N LYS G 71 46.76 27.00 -33.00
CA LYS G 71 46.50 28.41 -33.32
C LYS G 71 47.69 29.35 -33.08
N ARG G 72 48.68 28.90 -32.30
CA ARG G 72 49.96 29.63 -32.21
C ARG G 72 50.75 29.51 -33.50
N LYS G 73 51.65 30.47 -33.70
CA LYS G 73 52.56 30.44 -34.85
C LYS G 73 53.68 29.43 -34.62
N ASN G 74 54.21 28.89 -35.72
CA ASN G 74 55.38 28.01 -35.70
C ASN G 74 56.63 28.87 -36.01
N PRO G 75 57.75 28.64 -35.29
CA PRO G 75 58.94 29.49 -35.54
C PRO G 75 59.61 29.28 -36.93
N ALA G 76 59.01 29.86 -37.97
CA ALA G 76 59.50 29.76 -39.35
C ALA G 76 58.90 30.84 -40.25
N LEU H 26 45.34 62.62 -8.91
CA LEU H 26 44.50 61.38 -8.91
C LEU H 26 45.21 60.22 -9.61
N VAL H 27 45.61 59.21 -8.82
CA VAL H 27 46.25 58.00 -9.34
C VAL H 27 45.25 56.86 -9.36
N ASP H 28 45.24 56.09 -10.46
CA ASP H 28 44.36 54.93 -10.60
C ASP H 28 44.94 53.77 -9.80
N PRO H 29 44.13 53.11 -8.96
CA PRO H 29 44.60 51.86 -8.35
C PRO H 29 45.00 50.77 -9.37
N LEU H 30 44.38 50.77 -10.55
CA LEU H 30 44.70 49.82 -11.63
C LEU H 30 46.16 49.84 -12.06
N THR H 31 46.64 51.00 -12.48
CA THR H 31 48.01 51.14 -12.99
C THR H 31 49.09 50.92 -11.91
N THR H 32 48.75 51.16 -10.64
CA THR H 32 49.61 50.81 -9.51
C THR H 32 49.79 49.29 -9.42
N VAL H 33 48.67 48.57 -9.42
CA VAL H 33 48.65 47.11 -9.28
C VAL H 33 49.23 46.41 -10.51
N ARG H 34 48.95 46.94 -11.70
CA ARG H 34 49.56 46.44 -12.95
C ARG H 34 51.09 46.44 -12.89
N GLU H 35 51.65 47.49 -12.30
CA GLU H 35 53.10 47.54 -12.03
C GLU H 35 53.52 46.50 -10.97
N GLN H 36 52.78 46.44 -9.87
CA GLN H 36 53.09 45.50 -8.78
C GLN H 36 53.13 44.05 -9.25
N CYS H 37 52.12 43.67 -10.04
CA CYS H 37 52.04 42.32 -10.63
C CYS H 37 53.10 42.08 -11.72
N GLU H 38 53.46 43.13 -12.46
CA GLU H 38 54.47 43.05 -13.54
C GLU H 38 55.84 42.52 -13.08
N GLN H 39 56.19 42.75 -11.81
CA GLN H 39 57.46 42.28 -11.24
C GLN H 39 57.32 40.92 -10.53
N LEU H 40 56.67 39.96 -11.19
CA LEU H 40 56.64 38.56 -10.75
C LEU H 40 57.24 37.69 -11.85
N GLU H 41 57.72 36.51 -11.46
CA GLU H 41 58.48 35.61 -12.34
C GLU H 41 57.75 35.25 -13.63
N LYS H 42 56.45 34.97 -13.52
CA LYS H 42 55.63 34.59 -14.67
C LYS H 42 55.41 35.76 -15.64
N CYS H 43 55.31 36.97 -15.10
CA CYS H 43 55.16 38.19 -15.92
C CYS H 43 56.47 38.57 -16.61
N VAL H 44 57.53 38.73 -15.82
CA VAL H 44 58.84 39.16 -16.33
C VAL H 44 59.46 38.18 -17.33
N LYS H 45 59.22 36.87 -17.15
CA LYS H 45 59.64 35.86 -18.13
C LYS H 45 58.84 35.98 -19.45
N ALA H 46 57.55 36.29 -19.34
CA ALA H 46 56.70 36.55 -20.50
C ALA H 46 56.99 37.91 -21.16
N ARG H 47 57.42 38.88 -20.36
CA ARG H 47 57.79 40.21 -20.87
C ARG H 47 59.09 40.15 -21.66
N GLU H 48 60.01 39.26 -21.27
CA GLU H 48 61.23 39.00 -22.05
C GLU H 48 60.93 38.31 -23.39
N ARG H 49 59.99 37.35 -23.37
CA ARG H 49 59.50 36.73 -24.62
C ARG H 49 58.92 37.78 -25.57
N LEU H 50 58.18 38.74 -25.02
CA LEU H 50 57.62 39.87 -25.76
C LEU H 50 58.70 40.76 -26.37
N GLU H 51 59.71 41.08 -25.58
CA GLU H 51 60.81 41.93 -26.04
C GLU H 51 61.73 41.25 -27.05
N LEU H 52 61.82 39.92 -26.99
CA LEU H 52 62.62 39.16 -27.97
C LEU H 52 62.11 39.37 -29.39
N CYS H 53 60.81 39.14 -29.62
CA CYS H 53 60.22 39.32 -30.94
C CYS H 53 59.99 40.81 -31.29
N ASP H 54 59.94 41.68 -30.28
CA ASP H 54 59.92 43.14 -30.54
C ASP H 54 61.14 43.56 -31.35
N GLU H 55 62.34 43.26 -30.84
CA GLU H 55 63.58 43.52 -31.57
C GLU H 55 64.06 42.30 -32.41
N ARG H 56 63.11 41.56 -32.96
CA ARG H 56 63.33 40.61 -34.05
C ARG H 56 62.56 41.09 -35.30
N VAL H 57 61.27 41.38 -35.13
CA VAL H 57 60.44 41.88 -36.23
C VAL H 57 60.69 43.36 -36.56
N SER H 58 60.97 44.20 -35.55
CA SER H 58 61.27 45.62 -35.78
C SER H 58 62.68 45.84 -36.33
N SER H 59 63.56 44.84 -36.24
CA SER H 59 64.90 44.88 -36.85
C SER H 59 64.90 44.32 -38.28
N ARG H 60 64.26 43.17 -38.47
CA ARG H 60 64.12 42.55 -39.81
C ARG H 60 63.12 43.31 -40.69
N SER H 61 63.34 43.21 -41.99
CA SER H 61 62.49 43.87 -42.98
C SER H 61 61.69 42.84 -43.75
N GLN H 62 60.51 43.25 -44.23
CA GLN H 62 59.58 42.42 -45.02
C GLN H 62 59.36 40.97 -44.53
N THR H 63 58.71 40.85 -43.38
CA THR H 63 58.10 39.58 -42.92
C THR H 63 56.73 39.86 -42.32
N GLU H 64 55.71 39.14 -42.79
CA GLU H 64 54.34 39.34 -42.32
C GLU H 64 54.05 38.77 -40.92
N GLU H 65 55.07 38.25 -40.21
CA GLU H 65 54.94 37.86 -38.81
C GLU H 65 54.84 39.10 -37.92
N ASP H 66 53.98 39.03 -36.90
CA ASP H 66 53.80 40.10 -35.90
C ASP H 66 54.00 39.53 -34.49
N CYS H 67 53.63 40.29 -33.45
CA CYS H 67 53.86 39.88 -32.06
C CYS H 67 52.59 39.96 -31.18
N THR H 68 51.44 39.61 -31.74
CA THR H 68 50.18 39.59 -30.96
C THR H 68 50.22 38.51 -29.87
N GLU H 69 50.59 37.29 -30.28
CA GLU H 69 50.68 36.12 -29.39
C GLU H 69 51.46 36.41 -28.10
N GLU H 70 52.62 37.02 -28.22
CA GLU H 70 53.51 37.27 -27.08
C GLU H 70 52.91 38.28 -26.10
N LEU H 71 52.22 39.29 -26.62
CA LEU H 71 51.52 40.28 -25.79
C LEU H 71 50.41 39.62 -24.98
N LEU H 72 49.66 38.73 -25.63
CA LEU H 72 48.53 38.05 -24.99
C LEU H 72 48.99 37.09 -23.89
N ASP H 73 50.14 36.43 -24.09
CA ASP H 73 50.79 35.62 -23.05
C ASP H 73 51.10 36.47 -21.82
N PHE H 74 51.63 37.66 -22.06
CA PHE H 74 51.97 38.61 -21.00
C PHE H 74 50.73 39.12 -20.26
N LEU H 75 49.72 39.56 -21.02
CA LEU H 75 48.48 40.09 -20.45
C LEU H 75 47.69 39.05 -19.65
N HIS H 76 47.65 37.81 -20.14
CA HIS H 76 46.97 36.70 -19.44
C HIS H 76 47.55 36.49 -18.04
N ALA H 77 48.88 36.45 -17.94
CA ALA H 77 49.56 36.32 -16.66
C ALA H 77 49.43 37.58 -15.80
N ARG H 78 49.52 38.75 -16.43
CA ARG H 78 49.42 40.03 -15.69
C ARG H 78 48.02 40.22 -15.12
N ASP H 79 47.02 40.24 -16.01
CA ASP H 79 45.65 40.58 -15.62
C ASP H 79 44.97 39.52 -14.72
N HIS H 80 45.48 38.29 -14.73
CA HIS H 80 45.08 37.27 -13.75
C HIS H 80 45.46 37.72 -12.33
N CYS H 81 46.69 38.17 -12.16
CA CYS H 81 47.18 38.73 -10.89
C CYS H 81 46.47 40.01 -10.49
N VAL H 82 46.22 40.89 -11.46
CA VAL H 82 45.54 42.17 -11.20
C VAL H 82 44.16 41.92 -10.61
N ALA H 83 43.42 40.99 -11.23
CA ALA H 83 42.10 40.56 -10.75
C ALA H 83 42.09 40.14 -9.29
N HIS H 84 43.11 39.37 -8.88
CA HIS H 84 43.19 38.85 -7.50
C HIS H 84 43.20 39.91 -6.40
N LYS H 85 43.59 41.15 -6.70
CA LYS H 85 43.57 42.23 -5.68
C LYS H 85 43.23 43.68 -6.15
N LEU H 86 42.74 43.87 -7.38
CA LEU H 86 42.32 45.20 -7.84
C LEU H 86 41.10 45.70 -7.06
N PHE H 87 40.14 44.81 -6.84
CA PHE H 87 38.86 45.17 -6.22
C PHE H 87 38.94 45.53 -4.72
N ASN H 88 40.09 45.28 -4.10
CA ASN H 88 40.37 45.79 -2.76
C ASN H 88 40.34 47.31 -2.67
N SER H 89 40.81 48.01 -3.71
CA SER H 89 40.90 49.48 -3.72
C SER H 89 39.65 50.19 -4.25
N LEU H 90 38.48 49.53 -4.23
CA LEU H 90 37.26 50.06 -4.86
C LEU H 90 36.05 49.93 -3.94
N ALA I 2 -26.34 -18.24 18.41
CA ALA I 2 -25.46 -17.14 18.94
C ALA I 2 -24.02 -17.57 19.14
N VAL I 3 -23.79 -18.81 19.59
CA VAL I 3 -22.46 -19.35 19.84
C VAL I 3 -21.94 -20.05 18.57
N PRO I 4 -20.67 -19.79 18.17
CA PRO I 4 -20.11 -20.51 17.01
C PRO I 4 -19.82 -21.97 17.33
N ALA I 5 -19.77 -22.82 16.31
CA ALA I 5 -19.68 -24.27 16.51
C ALA I 5 -18.25 -24.71 16.81
N THR I 6 -18.11 -25.99 17.15
CA THR I 6 -16.81 -26.63 17.36
C THR I 6 -15.92 -26.58 16.10
N SER I 7 -16.55 -26.68 14.92
CA SER I 7 -15.85 -26.71 13.64
C SER I 7 -16.54 -25.81 12.60
N GLU I 8 -15.81 -24.83 12.07
CA GLU I 8 -16.27 -24.00 10.95
C GLU I 8 -16.11 -24.81 9.66
N SER I 9 -17.18 -24.89 8.86
CA SER I 9 -17.23 -25.77 7.68
C SER I 9 -16.94 -25.01 6.38
N PRO I 10 -15.88 -25.42 5.63
CA PRO I 10 -15.64 -24.93 4.26
C PRO I 10 -15.61 -26.03 3.19
N VAL I 11 -16.16 -25.71 2.01
CA VAL I 11 -16.17 -26.60 0.84
C VAL I 11 -14.89 -26.39 0.02
N LEU I 12 -14.39 -27.46 -0.57
CA LEU I 12 -13.14 -27.47 -1.33
C LEU I 12 -11.88 -27.30 -0.46
N ASP I 13 -11.96 -27.50 0.87
CA ASP I 13 -10.80 -27.36 1.79
C ASP I 13 -10.29 -28.75 2.16
N LEU I 14 -8.99 -29.00 1.98
CA LEU I 14 -8.41 -30.34 2.14
C LEU I 14 -8.63 -30.90 3.55
N LYS I 15 -8.87 -32.20 3.64
CA LYS I 15 -9.23 -32.85 4.90
C LYS I 15 -8.03 -32.96 5.86
N ARG I 16 -8.34 -33.11 7.15
CA ARG I 16 -7.32 -33.34 8.17
C ARG I 16 -6.94 -34.83 8.17
N SER I 17 -5.64 -35.12 8.05
CA SER I 17 -5.13 -36.50 8.01
C SER I 17 -5.16 -37.16 9.39
N VAL I 18 -5.16 -38.50 9.38
CA VAL I 18 -5.13 -39.31 10.61
C VAL I 18 -3.96 -40.29 10.50
N LEU I 19 -3.10 -40.28 11.53
CA LEU I 19 -1.81 -41.01 11.51
C LEU I 19 -1.55 -41.95 12.70
N CYS I 20 -2.53 -42.13 13.61
CA CYS I 20 -2.33 -42.97 14.79
C CYS I 20 -3.66 -43.43 15.42
N ARG I 21 -3.57 -44.43 16.31
CA ARG I 21 -4.72 -44.92 17.10
C ARG I 21 -5.38 -43.84 17.96
N GLU I 22 -4.56 -43.09 18.68
CA GLU I 22 -5.02 -42.11 19.67
C GLU I 22 -5.89 -40.99 19.09
N SER I 23 -5.65 -40.61 17.83
CA SER I 23 -6.48 -39.62 17.12
C SER I 23 -7.65 -40.26 16.36
N LEU I 24 -7.50 -41.51 15.95
CA LEU I 24 -8.53 -42.24 15.19
C LEU I 24 -9.70 -42.79 16.02
N ARG I 25 -9.51 -42.99 17.34
CA ARG I 25 -10.59 -43.48 18.23
C ARG I 25 -11.63 -42.37 18.47
N GLY I 26 -12.90 -42.78 18.56
CA GLY I 26 -14.04 -41.86 18.58
C GLY I 26 -14.74 -41.74 17.24
N GLN I 27 -14.06 -42.14 16.17
CA GLN I 27 -14.56 -42.01 14.78
C GLN I 27 -15.51 -43.13 14.37
N ALA I 28 -15.29 -44.34 14.88
CA ALA I 28 -16.14 -45.48 14.57
C ALA I 28 -17.59 -45.17 14.99
N ALA I 29 -18.49 -45.12 13.99
CA ALA I 29 -19.89 -44.72 14.20
C ALA I 29 -20.67 -45.74 15.02
N GLY I 30 -21.45 -45.24 15.99
CA GLY I 30 -22.17 -46.09 16.94
C GLY I 30 -23.69 -45.95 16.96
N ARG I 31 -24.21 -44.90 16.32
CA ARG I 31 -25.64 -44.57 16.35
C ARG I 31 -25.99 -43.83 15.03
N PRO I 32 -27.30 -43.80 14.65
CA PRO I 32 -27.67 -43.34 13.30
C PRO I 32 -27.55 -41.83 13.15
N LEU I 33 -27.58 -41.36 11.90
CA LEU I 33 -27.23 -39.97 11.62
C LEU I 33 -28.30 -38.97 12.05
N VAL I 34 -27.82 -37.79 12.41
CA VAL I 34 -28.63 -36.62 12.63
C VAL I 34 -28.00 -35.51 11.81
N ALA I 35 -28.82 -34.60 11.32
CA ALA I 35 -28.35 -33.45 10.54
C ALA I 35 -29.01 -32.19 11.08
N SER I 36 -28.22 -31.22 11.51
CA SER I 36 -28.74 -29.94 11.99
C SER I 36 -28.30 -28.81 11.08
N VAL I 37 -29.19 -27.84 10.88
CA VAL I 37 -28.93 -26.62 10.10
C VAL I 37 -29.48 -25.47 10.94
N SER I 38 -28.98 -24.25 10.75
CA SER I 38 -29.39 -23.13 11.58
C SER I 38 -29.45 -21.79 10.84
N LEU I 39 -29.62 -20.72 11.62
CA LEU I 39 -29.34 -19.34 11.19
C LEU I 39 -27.94 -18.91 11.62
N ASN I 40 -27.61 -19.17 12.88
CA ASN I 40 -26.39 -18.68 13.50
C ASN I 40 -25.24 -19.69 13.62
N VAL I 41 -25.54 -20.96 13.91
CA VAL I 41 -24.50 -21.99 14.16
C VAL I 41 -24.16 -22.79 12.89
N PRO I 42 -22.86 -23.14 12.68
CA PRO I 42 -22.43 -24.01 11.58
C PRO I 42 -23.15 -25.36 11.52
N ALA I 43 -23.38 -25.83 10.30
CA ALA I 43 -24.11 -27.10 10.08
C ALA I 43 -23.24 -28.28 10.44
N SER I 44 -23.84 -29.24 11.16
CA SER I 44 -23.15 -30.44 11.63
C SER I 44 -23.96 -31.72 11.35
N VAL I 45 -23.23 -32.84 11.31
CA VAL I 45 -23.79 -34.17 11.07
C VAL I 45 -23.29 -35.09 12.19
N ARG I 46 -24.22 -35.72 12.93
CA ARG I 46 -23.87 -36.50 14.13
C ARG I 46 -24.00 -37.99 13.91
N TYR I 47 -23.29 -38.76 14.73
CA TYR I 47 -23.64 -40.16 14.97
C TYR I 47 -24.60 -40.16 16.16
N ALA J 3 5.00 9.99 33.59
CA ALA J 3 4.63 11.01 32.55
C ALA J 3 5.06 10.54 31.13
N PRO J 4 4.13 10.59 30.15
CA PRO J 4 4.45 10.14 28.80
C PRO J 4 5.36 11.11 28.05
N THR J 5 6.11 10.59 27.08
CA THR J 5 7.09 11.38 26.32
C THR J 5 6.45 12.45 25.41
N LEU J 6 7.30 13.31 24.83
CA LEU J 6 6.87 14.47 24.04
C LEU J 6 6.13 14.08 22.76
N THR J 7 6.74 13.16 22.01
CA THR J 7 6.12 12.60 20.80
C THR J 7 4.75 11.99 21.11
N ALA J 8 4.62 11.33 22.27
CA ALA J 8 3.35 10.74 22.71
C ALA J 8 2.27 11.78 22.99
N ARG J 9 2.64 12.88 23.66
CA ARG J 9 1.72 14.00 23.85
C ARG J 9 1.24 14.56 22.51
N LEU J 10 2.18 14.75 21.58
CA LEU J 10 1.88 15.21 20.22
C LEU J 10 0.90 14.28 19.51
N TYR J 11 1.07 12.96 19.66
CA TYR J 11 0.17 11.98 19.04
C TYR J 11 -1.25 12.05 19.59
N SER J 12 -1.39 11.88 20.90
CA SER J 12 -2.70 11.85 21.54
C SER J 12 -3.49 13.14 21.34
N LEU J 13 -2.80 14.29 21.39
CA LEU J 13 -3.47 15.59 21.29
C LEU J 13 -3.72 16.02 19.83
N LEU J 14 -2.73 15.85 18.96
CA LEU J 14 -2.79 16.39 17.60
C LEU J 14 -2.94 15.37 16.46
N PHE J 15 -2.23 14.24 16.53
CA PHE J 15 -2.11 13.33 15.36
C PHE J 15 -3.07 12.15 15.29
N ARG J 16 -3.79 11.84 16.36
CA ARG J 16 -4.62 10.62 16.38
C ARG J 16 -5.86 10.76 15.50
N ARG J 17 -6.72 11.73 15.82
CA ARG J 17 -7.88 12.05 14.96
C ARG J 17 -7.34 12.73 13.72
N THR J 18 -7.77 12.28 12.55
CA THR J 18 -7.33 12.88 11.28
C THR J 18 -7.87 14.31 11.11
N SER J 19 -8.98 14.63 11.77
CA SER J 19 -9.47 16.01 11.81
C SER J 19 -8.49 16.97 12.53
N THR J 20 -7.96 16.55 13.67
CA THR J 20 -6.97 17.36 14.40
C THR J 20 -5.62 17.39 13.68
N PHE J 21 -5.25 16.26 13.06
CA PHE J 21 -4.03 16.16 12.25
C PHE J 21 -4.00 17.17 11.10
N ALA J 22 -5.15 17.37 10.46
CA ALA J 22 -5.28 18.34 9.35
C ALA J 22 -5.26 19.78 9.85
N LEU J 23 -6.04 20.06 10.89
CA LEU J 23 -6.04 21.39 11.52
C LEU J 23 -4.63 21.77 11.98
N THR J 24 -3.90 20.80 12.56
CA THR J 24 -2.52 20.99 12.99
C THR J 24 -1.60 21.42 11.86
N ILE J 25 -1.72 20.74 10.73
CA ILE J 25 -0.90 21.10 9.56
C ILE J 25 -1.20 22.51 9.05
N VAL J 26 -2.48 22.87 8.97
CA VAL J 26 -2.88 24.19 8.48
C VAL J 26 -2.44 25.30 9.42
N VAL J 27 -2.61 25.11 10.73
CA VAL J 27 -2.12 26.09 11.73
C VAL J 27 -0.60 26.20 11.66
N GLY J 28 0.08 25.07 11.76
CA GLY J 28 1.55 25.00 11.65
C GLY J 28 2.11 25.66 10.40
N ALA J 29 1.43 25.51 9.28
CA ALA J 29 1.84 26.13 8.01
C ALA J 29 1.81 27.66 8.05
N LEU J 30 0.81 28.24 8.72
CA LEU J 30 0.76 29.68 8.88
C LEU J 30 1.92 30.17 9.74
N PHE J 31 2.06 29.59 10.93
CA PHE J 31 3.16 29.90 11.87
C PHE J 31 4.54 29.63 11.26
N PHE J 32 4.66 28.57 10.46
CA PHE J 32 5.92 28.25 9.81
C PHE J 32 6.26 29.25 8.71
N GLU J 33 5.27 29.56 7.87
CA GLU J 33 5.45 30.50 6.76
C GLU J 33 6.10 31.79 7.24
N ARG J 34 5.46 32.44 8.22
CA ARG J 34 5.91 33.75 8.68
C ARG J 34 7.26 33.63 9.40
N ALA J 35 7.44 32.57 10.19
CA ALA J 35 8.70 32.33 10.89
C ALA J 35 9.86 32.10 9.92
N PHE J 36 9.66 31.19 8.99
CA PHE J 36 10.70 30.84 8.00
C PHE J 36 11.05 32.03 7.10
N ASP J 37 10.03 32.70 6.57
CA ASP J 37 10.23 33.90 5.73
C ASP J 37 11.00 34.99 6.48
N GLN J 38 10.52 35.35 7.67
CA GLN J 38 11.18 36.39 8.46
C GLN J 38 12.62 35.99 8.79
N GLY J 39 12.82 34.75 9.22
CA GLY J 39 14.15 34.23 9.55
C GLY J 39 15.11 34.07 8.37
N ALA J 40 14.58 33.67 7.22
CA ALA J 40 15.41 33.48 6.01
C ALA J 40 15.79 34.81 5.39
N ASP J 41 14.86 35.78 5.43
CA ASP J 41 15.12 37.13 4.91
C ASP J 41 16.19 37.85 5.72
N ALA J 42 16.17 37.67 7.04
CA ALA J 42 17.22 38.16 7.93
C ALA J 42 18.59 37.63 7.55
N ILE J 43 18.66 36.32 7.29
CA ILE J 43 19.91 35.66 6.87
C ILE J 43 20.40 36.23 5.52
N TYR J 44 19.48 36.48 4.60
CA TYR J 44 19.82 37.05 3.29
C TYR J 44 20.35 38.49 3.41
N GLU J 45 19.60 39.31 4.13
CA GLU J 45 19.93 40.74 4.28
C GLU J 45 21.19 40.99 5.12
N HIS J 46 21.48 40.10 6.09
CA HIS J 46 22.75 40.14 6.84
C HIS J 46 23.93 39.76 5.92
N ILE J 47 23.75 38.71 5.12
CA ILE J 47 24.74 38.29 4.10
C ILE J 47 25.05 39.41 3.09
N ASN J 48 24.06 40.25 2.82
CA ASN J 48 24.20 41.37 1.89
C ASN J 48 23.98 42.71 2.59
N GLU J 49 24.65 42.89 3.73
CA GLU J 49 24.52 44.10 4.55
C GLU J 49 25.02 45.31 3.77
N GLY J 50 24.24 46.38 3.76
CA GLY J 50 24.60 47.60 3.06
C GLY J 50 24.56 47.58 1.54
N LYS J 51 24.28 46.43 0.93
CA LYS J 51 24.25 46.30 -0.54
C LYS J 51 22.86 46.55 -1.12
N LEU J 52 21.81 46.27 -0.33
CA LEU J 52 20.43 46.35 -0.81
C LEU J 52 19.86 47.75 -0.70
N TRP J 53 18.91 48.06 -1.60
CA TRP J 53 18.12 49.29 -1.54
C TRP J 53 17.49 49.53 -0.16
N LYS J 54 17.02 48.47 0.48
CA LYS J 54 16.45 48.51 1.84
C LYS J 54 17.42 49.11 2.86
N HIS J 55 18.71 48.80 2.73
CA HIS J 55 19.75 49.32 3.63
C HIS J 55 20.22 50.74 3.30
N ILE J 56 20.21 51.10 2.02
CA ILE J 56 20.63 52.43 1.56
C ILE J 56 19.45 53.40 1.26
N LYS J 57 18.21 52.95 1.50
CA LYS J 57 16.99 53.76 1.26
C LYS J 57 17.05 55.12 1.96
N HIS J 58 17.42 55.09 3.24
CA HIS J 58 17.43 56.28 4.12
C HIS J 58 18.25 57.48 3.61
N LYS J 59 19.26 57.23 2.77
CA LYS J 59 20.11 58.29 2.23
C LYS J 59 19.43 59.26 1.25
N TYR J 60 18.27 58.89 0.69
CA TYR J 60 17.58 59.72 -0.31
C TYR J 60 16.11 60.03 0.05
N GLU J 61 15.80 60.07 1.35
CA GLU J 61 14.43 60.29 1.87
C GLU J 61 14.41 61.28 3.02
O1 PG4 K . -12.02 -9.19 38.01
C1 PG4 K . -10.76 -8.69 38.46
C2 PG4 K . -10.24 -9.58 39.59
O2 PG4 K . -10.20 -8.86 40.82
C3 PG4 K . -11.37 -8.99 41.63
C4 PG4 K . -11.40 -7.90 42.70
O3 PG4 K . -12.73 -7.79 43.23
C5 PG4 K . -12.80 -7.73 44.66
C6 PG4 K . -14.20 -7.33 45.13
O4 PG4 K . -15.18 -8.29 44.68
C7 PG4 K . -16.40 -7.76 44.15
C8 PG4 K . -16.32 -7.68 42.63
O5 PG4 K . -16.94 -6.48 42.14
O1 6PE L . -2.61 4.90 1.81
O2 6PE L . -1.44 5.56 4.04
P1 6PE L . -2.61 5.69 3.10
O3 6PE L . -2.87 7.24 2.75
C1 6PE L . -1.80 8.20 2.61
C2 6PE L . -1.32 8.27 1.17
C3 6PE L . -2.43 8.66 0.18
O4 6PE L . -3.47 9.44 0.77
C4 6PE L . -3.41 10.89 0.82
O5 6PE L . -2.34 11.44 1.04
C5 6PE L . -4.66 11.70 0.58
C6 6PE L . -5.07 12.49 1.83
C7 6PE L . -6.58 12.42 2.07
O6 6PE L . -0.23 9.22 1.05
C10 6PE L . 1.10 8.65 0.84
O7 6PE L . 1.49 8.48 -0.31
C11 6PE L . 1.99 8.34 2.02
C12 6PE L . 2.75 7.02 1.85
C13 6PE L . 3.97 7.00 2.76
O8 6PE L . -3.94 5.29 3.93
C16 6PE L . -5.23 5.22 3.33
C17 6PE L . -6.06 4.12 4.00
N1 6PE L . -6.86 4.69 5.07
C1 CDL M . -12.15 4.69 0.79
O1 CDL M . -12.77 3.43 1.03
CA2 CDL M . -12.18 5.53 2.08
OA2 CDL M . -11.08 5.29 2.98
PA1 CDL M . -10.47 6.48 3.91
OA3 CDL M . -9.27 5.96 4.67
OA4 CDL M . -11.62 7.10 4.68
OA5 CDL M . -9.92 7.51 2.80
CA3 CDL M . -10.11 8.93 2.83
CA4 CDL M . -11.10 9.37 1.75
OA6 CDL M . -10.62 10.56 1.11
CA6 CDL M . -12.47 9.65 2.35
OA8 CDL M . -13.41 9.84 1.30
CB2 CDL M . -10.75 4.50 0.19
OB2 CDL M . -10.00 3.51 0.92
PB2 CDL M . -8.80 2.67 0.24
OB3 CDL M . -9.45 1.76 -0.77
OB4 CDL M . -7.95 2.06 1.32
OB5 CDL M . -7.92 3.79 -0.55
CB3 CDL M . -6.76 4.40 0.03
CB4 CDL M . -6.40 5.72 -0.64
OB6 CDL M . -5.00 5.72 -1.01
CB5 CDL M . -4.74 5.96 -2.42
OB7 CDL M . -4.88 5.05 -3.20
C51 CDL M . -4.28 7.33 -2.91
C52 CDL M . -2.81 7.29 -3.33
C53 CDL M . -2.51 8.01 -4.64
C54 CDL M . -2.17 7.02 -5.75
CB6 CDL M . -6.66 6.91 0.28
OB8 CDL M . -6.69 8.16 -0.44
CB7 CDL M . -7.93 8.93 -0.65
OB9 CDL M . -9.00 8.39 -0.48
C71 CDL M . -7.89 10.38 -1.08
C72 CDL M . -6.87 10.61 -2.20
CHA HEM N . 9.93 28.10 -25.40
CHB HEM N . 10.71 23.36 -24.93
CHC HEM N . 5.94 22.67 -24.24
CHD HEM N . 5.19 27.38 -24.97
C1A HEM N . 10.54 26.88 -25.31
C2A HEM N . 11.93 26.67 -25.39
C3A HEM N . 12.16 25.35 -25.26
C4A HEM N . 10.91 24.72 -25.11
CMA HEM N . 13.53 24.68 -25.28
CAA HEM N . 12.99 27.75 -25.56
CBA HEM N . 13.22 28.36 -24.17
CGA HEM N . 14.08 29.60 -24.27
O1A HEM N . 15.26 29.50 -24.64
O2A HEM N . 13.61 30.71 -23.97
C1B HEM N . 9.48 22.75 -24.68
C2B HEM N . 9.32 21.35 -24.46
C3B HEM N . 7.97 21.12 -24.26
C4B HEM N . 7.32 22.46 -24.36
CMB HEM N . 10.43 20.30 -24.45
CAB HEM N . 7.24 19.85 -24.02
CBB HEM N . 7.73 18.61 -24.09
C1C HEM N . 5.29 23.90 -24.37
C2C HEM N . 3.89 24.11 -24.32
C3C HEM N . 3.66 25.48 -24.54
C4C HEM N . 4.96 26.06 -24.71
CMC HEM N . 2.84 23.05 -24.07
CAC HEM N . 2.39 26.26 -24.58
CBC HEM N . 1.16 25.78 -24.45
C1D HEM N . 6.44 27.92 -25.13
C2D HEM N . 6.61 29.37 -25.35
C3D HEM N . 7.93 29.58 -25.47
C4D HEM N . 8.55 28.25 -25.32
CMD HEM N . 5.55 30.44 -25.44
CAD HEM N . 8.56 30.93 -25.72
CBD HEM N . 8.91 31.63 -24.41
CGD HEM N . 10.32 31.26 -23.97
O1D HEM N . 11.26 31.40 -24.78
O2D HEM N . 10.55 30.80 -22.83
NA HEM N . 9.92 25.66 -25.14
NB HEM N . 8.28 23.36 -24.61
NC HEM N . 5.90 25.08 -24.63
ND HEM N . 7.64 27.29 -25.12
FE HEM N . 7.95 25.42 -24.90
CHA HEM O . 8.75 2.66 -18.94
CHB HEM O . 7.11 7.18 -19.42
CHC HEM O . 10.05 7.79 -23.21
CHD HEM O . 11.10 3.09 -23.11
C1A HEM O . 8.13 3.86 -18.70
C2A HEM O . 7.40 4.16 -17.53
C3A HEM O . 6.94 5.42 -17.66
C4A HEM O . 7.36 5.92 -18.91
CMA HEM O . 6.11 6.13 -16.61
CAA HEM O . 7.20 3.26 -16.33
CBA HEM O . 8.25 3.60 -15.24
CGA HEM O . 9.69 3.33 -15.64
O1A HEM O . 10.46 4.27 -15.91
O2A HEM O . 10.15 2.17 -15.68
C1B HEM O . 7.78 7.76 -20.49
C2B HEM O . 7.63 9.14 -20.86
C3B HEM O . 8.47 9.34 -21.93
C4B HEM O . 9.12 8.02 -22.18
CMB HEM O . 6.73 10.15 -20.19
CAB HEM O . 8.71 10.53 -22.77
CBB HEM O . 7.97 11.63 -22.79
C1C HEM O . 10.64 6.58 -23.53
C2C HEM O . 11.60 6.38 -24.53
C3C HEM O . 11.92 5.02 -24.51
C4C HEM O . 11.10 4.42 -23.49
CMC HEM O . 12.19 7.46 -25.42
CAC HEM O . 12.86 4.25 -25.38
CBC HEM O . 13.58 4.69 -26.41
C1D HEM O . 10.53 2.62 -21.94
C2D HEM O . 10.75 1.23 -21.48
C3D HEM O . 10.10 1.12 -20.32
C4D HEM O . 9.50 2.44 -20.08
CMD HEM O . 11.52 0.15 -22.18
CAD HEM O . 10.00 -0.12 -19.46
CBD HEM O . 11.12 -0.12 -18.42
CGD HEM O . 11.16 -1.40 -17.66
O1D HEM O . 12.24 -1.78 -17.16
O2D HEM O . 10.14 -2.08 -17.50
NA HEM O . 8.11 4.95 -19.53
NB HEM O . 8.66 7.15 -21.28
NC HEM O . 10.37 5.40 -22.91
ND HEM O . 9.78 3.31 -21.07
FE HEM O . 9.22 5.13 -21.19
C12 9XE P . 3.87 9.21 -15.00
C15 9XE P . 3.72 9.02 -12.61
C16 9XE P . 3.72 11.10 -11.19
C20 9XE P . 2.90 12.91 -9.81
C19 9XE P . 3.55 12.37 -8.71
C18 9XE P . 4.29 11.20 -8.83
C11 9XE P . 7.42 0.90 -12.54
C6 9XE P . 2.59 4.74 -14.74
C5 9XE P . 3.72 4.06 -14.06
C3 9XE P . 5.81 4.18 -12.76
C2 9XE P . 5.86 2.79 -12.77
N1 9XE P . 3.91 10.54 -14.89
C8 9XE P . 2.59 6.23 -14.68
C9 9XE P . 1.48 7.02 -15.35
C10 9XE P . 3.76 8.41 -13.86
F2 9XE P . 5.09 12.89 -6.06
C22 9XE P . 4.56 13.68 -6.98
F 9XE P . 4.14 14.82 -6.44
F1 9XE P . 5.46 13.98 -7.91
O2 9XE P . 3.46 13.00 -7.52
C17 9XE P . 4.38 10.57 -10.08
C21 9XE P . 2.97 12.27 -11.04
C14 9XE P . 3.78 10.42 -12.53
C13 9XE P . 3.87 11.17 -13.70
C7 9XE P . 3.71 6.92 -13.96
O 9XE P . 1.69 4.11 -15.34
C 9XE P . 3.81 2.67 -14.06
N 9XE P . 4.70 6.21 -13.38
C4 9XE P . 4.76 4.86 -13.39
C1 9XE P . 4.88 2.04 -13.42
O1 9XE P . 6.92 2.18 -12.15
C1B LMT Q . 40.54 16.99 -43.27
C2B LMT Q . 39.40 17.91 -43.73
C3B LMT Q . 38.02 17.27 -43.60
C4B LMT Q . 38.02 15.90 -44.28
C5B LMT Q . 39.02 15.01 -43.54
C6B LMT Q . 39.09 13.63 -44.18
O1B LMT Q . 40.82 17.15 -41.87
O2B LMT Q . 39.40 19.13 -42.98
O3B LMT Q . 37.04 18.13 -44.19
O4' LMT Q . 36.71 15.32 -44.22
O5B LMT Q . 40.33 15.60 -43.60
O6B LMT Q . 37.85 12.94 -44.00
C1' LMT Q . 44.26 15.79 -39.72
C2' LMT Q . 44.45 16.73 -40.92
C3' LMT Q . 43.16 17.53 -41.19
C4' LMT Q . 42.03 16.52 -41.43
C5' LMT Q . 41.84 15.72 -40.13
C6' LMT Q . 40.64 14.76 -40.24
O1' LMT Q . 45.39 14.90 -39.62
O2' LMT Q . 45.54 17.64 -40.70
O3' LMT Q . 43.33 18.40 -42.30
O5' LMT Q . 43.05 15.01 -39.85
O6' LMT Q . 40.80 13.81 -41.28
C1 LMT Q . 46.32 15.07 -38.53
C2 LMT Q . 47.61 15.73 -39.03
C3 LMT Q . 48.77 15.55 -38.06
C4 LMT Q . 48.82 16.66 -37.02
C5 LMT Q . 49.44 16.20 -35.71
C6 LMT Q . 48.48 15.38 -34.83
C7 LMT Q . 49.02 13.98 -34.48
C8 LMT Q . 50.07 14.01 -33.37
C9 LMT Q . 50.93 12.74 -33.34
C10 LMT Q . 52.31 12.89 -34.00
C11 LMT Q . 53.42 12.31 -33.12
C12 LMT Q . 54.72 12.20 -33.89
O1 PG4 R . 7.97 13.22 -35.39
C1 PG4 R . 9.18 13.02 -36.12
C2 PG4 R . 9.90 14.35 -36.34
O2 PG4 R . 11.32 14.14 -36.38
C3 PG4 R . 12.08 15.36 -36.41
C4 PG4 R . 12.79 15.60 -35.07
O3 PG4 R . 14.19 15.82 -35.29
C5 PG4 R . 14.76 17.03 -34.78
C6 PG4 R . 16.25 16.81 -34.61
O4 PG4 R . 17.04 18.00 -34.68
C7 PG4 R . 18.43 17.66 -34.86
C8 PG4 R . 19.34 18.83 -34.52
O5 PG4 R . 20.70 18.48 -34.82
O1 PG4 S . 5.29 18.47 -41.20
C1 PG4 S . 6.48 19.25 -41.31
C2 PG4 S . 6.34 20.51 -40.47
O2 PG4 S . 6.88 20.26 -39.16
C3 PG4 S . 8.06 21.01 -38.81
C4 PG4 S . 8.97 20.17 -37.90
O3 PG4 S . 10.33 20.49 -38.21
C5 PG4 S . 11.26 20.53 -37.12
C6 PG4 S . 12.25 19.39 -37.22
O4 PG4 S . 13.20 19.63 -38.28
C7 PG4 S . 14.20 18.61 -38.41
C8 PG4 S . 14.95 18.75 -39.74
O5 PG4 S . 15.85 17.65 -39.96
C1 CDL T . 22.60 1.02 -9.48
O1 CDL T . 23.30 2.11 -10.08
CA2 CDL T . 23.45 0.43 -8.37
OA2 CDL T . 24.69 -0.06 -8.89
PA1 CDL T . 25.88 -0.20 -7.81
OA3 CDL T . 27.01 -1.01 -8.37
OA4 CDL T . 25.23 -0.62 -6.51
OA5 CDL T . 26.28 1.36 -7.68
CA3 CDL T . 27.58 1.81 -7.29
CA4 CDL T . 27.45 3.06 -6.41
OA6 CDL T . 28.75 3.42 -5.94
CA5 CDL T . 29.50 4.39 -6.75
OA7 CDL T . 29.52 4.30 -7.97
C11 CDL T . 30.27 5.50 -6.05
CA6 CDL T . 26.51 2.76 -5.25
OA8 CDL T . 26.72 3.66 -4.13
CA7 CDL T . 25.84 4.78 -3.84
OA9 CDL T . 24.63 4.60 -3.81
C31 CDL T . 26.38 6.17 -3.56
CB2 CDL T . 21.26 1.47 -8.88
OB2 CDL T . 21.49 2.55 -7.95
PB2 CDL T . 20.59 2.74 -6.64
OB3 CDL T . 20.97 1.62 -5.70
OB4 CDL T . 19.15 2.83 -7.04
OB5 CDL T . 21.12 4.15 -5.99
CB3 CDL T . 21.14 5.47 -6.56
CB4 CDL T . 22.33 5.71 -7.51
OB6 CDL T . 23.15 6.79 -7.03
CB5 CDL T . 24.46 7.00 -7.69
OB7 CDL T . 25.14 6.04 -8.08
C51 CDL T . 24.99 8.41 -7.90
C52 CDL T . 25.91 8.52 -9.11
CB6 CDL T . 21.82 6.01 -8.93
OB8 CDL T . 21.22 7.30 -8.99
CB7 CDL T . 21.03 7.94 -10.31
OB9 CDL T . 20.59 7.26 -11.23
C71 CDL T . 21.33 9.41 -10.52
C72 CDL T . 22.48 9.63 -11.52
C73 CDL T . 22.34 10.99 -12.21
C74 CDL T . 23.66 11.49 -12.81
C75 CDL T . 23.52 12.91 -13.35
C76 CDL T . 24.63 13.28 -14.35
C77 CDL T . 24.38 14.64 -15.02
C78 CDL T . 24.52 14.57 -16.54
C25 PEE U . 21.43 6.24 -26.88
C24 PEE U . 21.37 7.12 -25.63
C23 PEE U . 22.14 6.51 -24.47
C22 PEE U . 22.29 7.55 -23.35
C21 PEE U . 22.90 6.97 -22.08
C20 PEE U . 22.99 8.05 -21.00
C19 PEE U . 23.97 7.67 -19.88
C18 PEE U . 23.36 7.82 -18.49
C17 PEE U . 22.41 6.67 -18.17
C16 PEE U . 23.14 5.47 -17.58
C15 PEE U . 22.34 4.17 -17.75
C14 PEE U . 21.97 3.48 -16.46
C13 PEE U . 22.57 2.07 -16.38
C12 PEE U . 22.34 1.52 -14.98
C11 PEE U . 23.46 1.92 -14.02
C10 PEE U . 24.46 0.81 -13.87
O4 PEE U . 24.83 0.17 -14.83
O2 PEE U . 24.95 0.55 -12.52
C2 PEE U . 26.19 -0.17 -12.45
C1 PEE U . 25.91 -1.52 -11.81
O3P PEE U . 24.58 -1.92 -12.11
P PEE U . 24.11 -3.46 -11.97
O2P PEE U . 25.15 -4.36 -12.57
O1P PEE U . 22.69 -3.53 -12.47
O4P PEE U . 24.07 -3.62 -10.36
C4 PEE U . 24.78 -4.70 -9.73
C5 PEE U . 24.44 -4.73 -8.24
N PEE U . 24.77 -3.42 -7.61
C3 PEE U . 27.18 0.63 -11.62
O3 PEE U . 27.52 1.83 -12.30
C30 PEE U . 26.85 3.07 -11.96
O5 PEE U . 25.89 3.43 -12.61
C31 PEE U . 27.35 3.91 -10.80
C32 PEE U . 28.05 5.16 -11.35
C33 PEE U . 27.08 6.21 -11.89
C34 PEE U . 27.26 6.40 -13.40
C35 PEE U . 26.27 7.42 -13.95
C36 PEE U . 26.77 8.08 -15.23
C37 PEE U . 26.15 9.47 -15.43
C38 PEE U . 26.43 9.97 -16.85
FE HEC V . 30.71 51.00 -26.96
CHA HEC V . 30.78 48.14 -28.94
CHB HEC V . 30.27 49.05 -24.11
CHC HEC V . 30.97 53.82 -24.98
CHD HEC V . 30.91 52.96 -29.82
NA HEC V . 30.53 48.95 -26.59
C1A HEC V . 30.60 47.94 -27.48
C2A HEC V . 30.46 46.56 -26.90
C3A HEC V . 30.30 46.84 -25.48
C4A HEC V . 30.37 48.34 -25.40
CMA HEC V . 30.12 45.86 -24.35
CAA HEC V . 30.47 45.22 -27.60
CBA HEC V . 31.83 44.55 -27.58
CGA HEC V . 31.69 43.16 -28.17
O1A HEC V . 31.29 43.04 -29.35
O2A HEC V . 31.98 42.17 -27.47
NB HEC V . 30.61 51.38 -24.88
C1B HEC V . 30.43 50.49 -23.88
C2B HEC V . 30.45 51.06 -22.50
C3B HEC V . 30.68 52.48 -22.79
C4B HEC V . 30.76 52.56 -24.26
CMB HEC V . 30.28 50.35 -21.18
CAB HEC V . 30.79 53.64 -21.84
CBB HEC V . 30.70 53.53 -20.34
NC HEC V . 30.88 53.06 -27.34
C1C HEC V . 31.00 54.04 -26.44
C2C HEC V . 31.16 55.41 -26.99
C3C HEC V . 31.13 55.15 -28.44
C4C HEC V . 30.96 53.68 -28.54
CMC HEC V . 31.29 56.70 -26.20
CAC HEC V . 31.24 56.11 -29.59
CBC HEC V . 31.42 57.61 -29.48
ND HEC V . 30.81 50.62 -29.03
C1D HEC V . 30.89 51.51 -30.04
C2D HEC V . 30.98 50.92 -31.39
C3D HEC V . 30.93 49.47 -31.13
C4D HEC V . 30.85 49.42 -29.64
CMD HEC V . 31.06 51.59 -32.74
CAD HEC V . 31.00 48.35 -32.12
CBD HEC V . 32.45 47.87 -32.17
CGD HEC V . 32.68 46.75 -33.17
O1D HEC V . 33.79 46.71 -33.75
O2D HEC V . 31.76 45.91 -33.37
P PO4 W . 29.27 36.02 -13.33
O1 PO4 W . 28.01 36.85 -13.20
O2 PO4 W . 29.53 35.67 -14.77
O3 PO4 W . 30.43 36.83 -12.79
O4 PO4 W . 29.11 34.75 -12.52
C1 CDL X . 19.87 0.61 -0.46
O1 CDL X . 19.06 -0.27 0.32
CA2 CDL X . 19.64 2.06 -0.07
OA2 CDL X . 18.32 2.49 -0.43
PA1 CDL X . 17.77 3.94 -0.02
OA3 CDL X . 16.26 3.92 -0.09
OA4 CDL X . 18.40 4.34 1.27
OA5 CDL X . 18.29 4.95 -1.19
CA3 CDL X . 17.86 4.84 -2.55
CA4 CDL X . 17.52 6.21 -3.17
OA6 CDL X . 18.16 7.25 -2.41
CA5 CDL X . 19.22 8.04 -3.06
OA7 CDL X . 19.79 7.63 -4.07
C11 CDL X . 19.65 9.38 -2.48
C12 CDL X . 18.47 10.32 -2.20
C13 CDL X . 18.28 10.70 -0.73
C14 CDL X . 18.79 12.11 -0.40
C15 CDL X . 19.13 12.23 1.09
C16 CDL X . 19.06 13.66 1.61
C17 CDL X . 19.85 13.83 2.91
CA6 CDL X . 16.02 6.49 -3.24
OA8 CDL X . 15.57 6.47 -4.60
CA7 CDL X . 15.23 7.70 -5.33
OA9 CDL X . 14.14 8.20 -5.13
C31 CDL X . 16.21 8.34 -6.31
C32 CDL X . 15.56 8.88 -7.60
C33 CDL X . 16.55 9.61 -8.53
C34 CDL X . 15.97 10.91 -9.14
C35 CDL X . 16.91 11.62 -10.14
C36 CDL X . 16.57 13.10 -10.35
C37 CDL X . 17.47 13.80 -11.39
CB2 CDL X . 21.34 0.26 -0.23
OB2 CDL X . 21.71 0.43 1.14
PB2 CDL X . 23.26 0.40 1.63
OB3 CDL X . 24.18 0.15 0.45
OB4 CDL X . 23.33 -0.54 2.82
OB5 CDL X . 23.52 1.92 2.11
CB3 CDL X . 23.58 2.99 1.17
CB4 CDL X . 23.29 4.33 1.86
OB6 CDL X . 22.02 4.85 1.42
CB5 CDL X . 21.99 5.73 0.24
OB7 CDL X . 22.29 5.28 -0.85
C51 CDL X . 21.56 7.18 0.38
C52 CDL X . 22.61 8.13 -0.19
C53 CDL X . 22.49 9.55 0.38
C54 CDL X . 23.53 9.84 1.48
C55 CDL X . 23.58 11.33 1.84
C56 CDL X . 23.59 11.57 3.35
C57 CDL X . 22.17 11.54 3.92
CB6 CDL X . 24.45 5.31 1.65
OB8 CDL X . 25.56 4.94 2.48
CB7 CDL X . 26.12 5.90 3.41
OB9 CDL X . 25.87 5.79 4.58
C71 CDL X . 27.01 7.02 2.89
FE1 FES Y . -22.74 60.87 -29.68
FE2 FES Y . -25.23 59.02 -30.08
S1 FES Y . -24.69 60.61 -28.60
S2 FES Y . -23.12 59.00 -30.86
O1 PX4 Z . -0.40 8.09 6.12
O2 PX4 Z . 0.89 9.29 8.04
P1 PX4 Z . -0.30 9.25 7.09
O3 PX4 Z . -1.67 9.23 7.92
C1 PX4 Z . -1.84 9.76 9.23
C2 PX4 Z . -2.97 8.96 9.87
N1 PX4 Z . -3.37 9.36 11.23
C3 PX4 Z . -4.59 8.62 11.58
C4 PX4 Z . -2.33 9.01 12.21
C5 PX4 Z . -3.67 10.81 11.27
O4 PX4 Z . -0.42 10.65 6.29
C6 PX4 Z . -0.86 10.77 4.92
C7 PX4 Z . -0.52 12.13 4.27
C8 PX4 Z . -1.27 13.29 4.96
O5 PX4 Z . -2.68 13.19 4.73
C9 PX4 Z . -3.66 13.68 5.71
O6 PX4 Z . -3.85 13.05 6.74
C10 PX4 Z . -4.46 14.95 5.42
C11 PX4 Z . -3.71 16.24 5.76
C12 PX4 Z . -4.00 17.37 4.76
C13 PX4 Z . -3.99 18.76 5.42
C14 PX4 Z . -3.79 19.90 4.42
C15 PX4 Z . -5.09 20.62 4.03
C16 PX4 Z . -5.07 21.16 2.60
C17 PX4 Z . -6.26 22.06 2.29
C18 PX4 Z . -6.23 22.60 0.85
C19 PX4 Z . -6.79 24.03 0.75
C20 PX4 Z . -6.93 24.51 -0.69
C21 PX4 Z . -7.11 26.03 -0.77
C22 PX4 Z . -7.44 26.50 -2.17
O7 PX4 Z . 0.90 12.39 4.34
C23 PX4 Z . 1.65 12.62 3.10
O8 PX4 Z . 2.14 11.66 2.51
C24 PX4 Z . 1.84 14.03 2.55
C25 PX4 Z . 3.31 14.43 2.52
C26 PX4 Z . 3.99 14.08 1.20
C27 PX4 Z . 3.92 15.22 0.20
P PO4 AA . 14.47 5.39 17.59
O1 PO4 AA . 14.67 6.69 18.34
O2 PO4 AA . 13.48 4.53 18.34
O3 PO4 AA . 13.89 5.63 16.22
O4 PO4 AA . 15.82 4.73 17.48
C27 PEE BA . 1.38 19.33 -4.98
C26 PEE BA . 1.16 20.81 -5.20
C25 PEE BA . 1.60 21.28 -6.60
C24 PEE BA . 2.47 22.53 -6.59
C23 PEE BA . 3.97 22.22 -6.50
C22 PEE BA . 4.44 21.89 -5.09
C21 PEE BA . 5.96 21.88 -4.99
C20 PEE BA . 6.48 20.69 -4.19
C19 PEE BA . 8.01 20.59 -4.27
C18 PEE BA . 8.69 20.85 -2.92
C17 PEE BA . 10.17 21.18 -3.13
C16 PEE BA . 10.37 22.67 -3.33
C15 PEE BA . 10.55 23.36 -1.97
C14 PEE BA . 10.12 24.82 -1.98
C13 PEE BA . 11.23 25.77 -2.44
C12 PEE BA . 11.21 27.09 -1.67
C11 PEE BA . 9.83 27.75 -1.73
C10 PEE BA . 9.92 29.24 -1.54
O4 PEE BA . 9.14 29.81 -0.79
O2 PEE BA . 10.93 30.01 -2.27
C2 PEE BA . 10.53 31.24 -2.90
C1 PEE BA . 10.53 32.38 -1.86
O3P PEE BA . 9.48 33.34 -2.01
P PEE BA . 9.78 34.91 -1.78
O2P PEE BA . 10.51 35.38 -3.02
O1P PEE BA . 10.45 35.04 -0.44
O4P PEE BA . 8.37 35.67 -1.76
C4 PEE BA . 7.18 35.16 -1.13
C5 PEE BA . 7.16 35.48 0.36
N PEE BA . 6.71 34.29 1.15
C3 PEE BA . 9.18 31.14 -3.63
O3 PEE BA . 9.00 29.87 -4.26
C30 PEE BA . 9.78 29.47 -5.42
O5 PEE BA . 9.43 29.85 -6.51
C31 PEE BA . 10.99 28.59 -5.24
C32 PEE BA . 11.01 27.45 -6.26
C33 PEE BA . 9.90 26.40 -6.10
C34 PEE BA . 9.37 26.01 -7.48
C35 PEE BA . 8.33 24.88 -7.43
C36 PEE BA . 8.73 23.58 -8.12
C37 PEE BA . 7.92 23.33 -9.39
C1 CDL CA . 1.45 37.95 -4.42
O1 CDL CA . 0.90 39.15 -3.85
CA2 CDL CA . 1.81 36.98 -3.32
OA2 CDL CA . 0.65 36.30 -2.79
PA1 CDL CA . -0.02 36.74 -1.39
OA3 CDL CA . 0.94 36.35 -0.28
OA4 CDL CA . -0.43 38.19 -1.52
OA5 CDL CA . -1.37 35.86 -1.29
CA3 CDL CA . -1.36 34.45 -1.00
CA4 CDL CA . -2.21 34.08 0.23
OA6 CDL CA . -3.57 33.92 -0.18
CA5 CDL CA . -4.41 33.02 0.62
OA7 CDL CA . -4.01 31.91 0.94
C11 CDL CA . -5.80 33.45 1.05
C12 CDL CA . -5.73 34.56 2.10
C13 CDL CA . -5.79 35.95 1.44
C14 CDL CA . -5.31 37.06 2.36
C15 CDL CA . -6.40 37.50 3.34
C16 CDL CA . -7.04 38.85 2.96
C17 CDL CA . -7.83 38.83 1.65
C18 CDL CA . -9.19 38.14 1.79
C19 CDL CA . -9.74 37.57 0.47
C20 CDL CA . -10.40 36.22 0.68
CA6 CDL CA . -2.08 35.12 1.36
OA8 CDL CA . -2.09 34.47 2.66
CA7 CDL CA . -1.21 34.85 3.75
OA9 CDL CA . -0.30 35.66 3.59
C31 CDL CA . -1.40 34.24 5.13
C32 CDL CA . -2.30 35.10 6.00
C33 CDL CA . -1.51 36.10 6.83
C34 CDL CA . -2.41 37.16 7.45
C35 CDL CA . -1.80 37.76 8.72
C36 CDL CA . -2.70 38.86 9.28
C37 CDL CA . -2.41 39.20 10.74
C38 CDL CA . -1.39 40.33 10.86
C39 CDL CA . -0.81 40.41 12.28
CB2 CDL CA . 0.46 37.34 -5.42
OB2 CDL CA . -0.91 37.53 -5.02
PB2 CDL CA . -2.04 37.97 -6.08
OB3 CDL CA . -1.64 39.31 -6.65
OB4 CDL CA . -2.28 36.82 -7.02
OB5 CDL CA . -3.37 38.13 -5.17
CB3 CDL CA . -3.96 39.40 -4.87
CB4 CDL CA . -4.71 39.98 -6.07
OB6 CDL CA . -5.52 41.08 -5.63
CB5 CDL CA . -4.84 42.36 -5.61
OB7 CDL CA . -4.56 42.91 -6.66
C51 CDL CA . -4.50 43.01 -4.29
C52 CDL CA . -5.76 43.41 -3.53
C53 CDL CA . -6.32 42.28 -2.66
C54 CDL CA . -7.76 41.90 -3.01
C55 CDL CA . -8.55 41.35 -1.81
C56 CDL CA . -10.03 41.75 -1.89
C57 CDL CA . -10.27 43.15 -1.35
C58 CDL CA . -11.75 43.49 -1.33
CB6 CDL CA . -5.59 38.92 -6.76
OB8 CDL CA . -6.49 39.52 -7.68
CB7 CDL CA . -5.99 40.38 -8.75
OB9 CDL CA . -4.99 40.05 -9.34
C71 CDL CA . -6.71 41.67 -9.10
P PO4 DA . 11.08 -36.02 -15.18
O1 PO4 DA . 9.84 -36.45 -14.43
O2 PO4 DA . 12.28 -36.69 -14.56
O3 PO4 DA . 11.24 -34.52 -15.10
O4 PO4 DA . 10.95 -36.41 -16.64
P PO4 EA . 15.77 5.77 13.41
O1 PO4 EA . 14.33 5.35 13.33
O2 PO4 EA . 16.40 5.21 14.66
O3 PO4 EA . 15.92 7.28 13.42
O4 PO4 EA . 16.51 5.22 12.21
P PO4 FA . 24.54 3.76 13.00
O1 PO4 FA . 23.17 4.41 12.97
O2 PO4 FA . 24.47 2.49 13.82
O3 PO4 FA . 25.54 4.71 13.62
O4 PO4 FA . 25.01 3.46 11.61
P PO4 GA . 35.98 -6.55 -12.44
O1 PO4 GA . 35.35 -5.20 -12.17
O2 PO4 GA . 36.89 -6.90 -11.28
O3 PO4 GA . 34.91 -7.61 -12.57
O4 PO4 GA . 36.76 -6.48 -13.73
#